data_2GRG
#
_entry.id   2GRG
#
_cell.length_a   1.000
_cell.length_b   1.000
_cell.length_c   1.000
_cell.angle_alpha   90.00
_cell.angle_beta   90.00
_cell.angle_gamma   90.00
#
_symmetry.space_group_name_H-M   'P 1'
#
_entity_poly.entity_id   1
_entity_poly.type   'polypeptide(L)'
_entity_poly.pdbx_seq_one_letter_code
;MGSSHHHHHHSSGRENLYFQGHMKSSIPITEVLPRAVGSLTFDENYNLLDTSGVAKVIEKSPIAEIIRKSNAELGRLGYS
VYEDAQYIGHAFKKAGHFIVYFTPKNKNREGVVPPVGITN
;
_entity_poly.pdbx_strand_id   A
#
# COMPACT_ATOMS: atom_id res chain seq x y z
N MET A 23 -12.03 -7.63 -6.98
CA MET A 23 -12.10 -6.41 -7.81
C MET A 23 -11.01 -5.42 -7.41
N LYS A 24 -10.56 -5.50 -6.16
CA LYS A 24 -9.50 -4.64 -5.69
C LYS A 24 -8.15 -5.17 -6.17
N SER A 25 -7.86 -6.40 -5.76
CA SER A 25 -6.64 -7.11 -6.14
C SER A 25 -5.38 -6.50 -5.50
N SER A 26 -4.53 -7.37 -4.99
CA SER A 26 -3.26 -6.95 -4.44
C SER A 26 -2.24 -6.77 -5.57
N ILE A 27 -1.98 -5.52 -5.92
CA ILE A 27 -1.21 -5.17 -7.11
C ILE A 27 0.27 -5.04 -6.78
N PRO A 28 1.16 -5.54 -7.65
CA PRO A 28 2.61 -5.51 -7.40
C PRO A 28 3.17 -4.10 -7.32
N ILE A 29 4.27 -3.96 -6.59
CA ILE A 29 4.87 -2.65 -6.33
C ILE A 29 5.42 -2.03 -7.62
N THR A 30 5.78 -2.88 -8.57
CA THR A 30 6.29 -2.41 -9.85
C THR A 30 5.28 -1.51 -10.56
N GLU A 31 4.01 -1.73 -10.25
CA GLU A 31 2.93 -0.93 -10.82
C GLU A 31 2.53 0.19 -9.86
N VAL A 32 2.33 -0.17 -8.60
CA VAL A 32 1.80 0.77 -7.63
C VAL A 32 2.78 1.91 -7.33
N LEU A 33 4.07 1.60 -7.31
CA LEU A 33 5.10 2.59 -7.01
C LEU A 33 4.98 3.84 -7.92
N PRO A 34 5.12 3.69 -9.26
CA PRO A 34 5.01 4.84 -10.17
C PRO A 34 3.60 5.43 -10.21
N ARG A 35 2.57 4.61 -9.97
CA ARG A 35 1.20 5.08 -10.01
C ARG A 35 0.83 5.83 -8.73
N ALA A 36 1.67 5.74 -7.72
CA ALA A 36 1.40 6.36 -6.43
C ALA A 36 1.79 7.83 -6.42
N VAL A 37 1.06 8.61 -5.63
CA VAL A 37 1.32 10.04 -5.49
C VAL A 37 1.63 10.37 -4.03
N GLY A 38 1.74 9.34 -3.22
CA GLY A 38 2.05 9.51 -1.82
C GLY A 38 2.60 8.23 -1.25
N SER A 39 3.44 8.31 -0.24
CA SER A 39 4.05 7.13 0.33
C SER A 39 4.39 7.33 1.81
N LEU A 40 3.93 6.40 2.63
CA LEU A 40 4.21 6.43 4.07
C LEU A 40 5.18 5.32 4.44
N THR A 41 6.32 5.69 5.00
CA THR A 41 7.28 4.71 5.47
C THR A 41 7.07 4.45 6.95
N PHE A 42 6.66 3.24 7.27
CA PHE A 42 6.45 2.81 8.64
C PHE A 42 7.53 1.82 9.06
N ASP A 43 7.77 1.74 10.35
CA ASP A 43 8.67 0.75 10.90
C ASP A 43 7.90 -0.54 11.16
N GLU A 44 8.61 -1.63 11.45
CA GLU A 44 7.96 -2.91 11.71
C GLU A 44 7.19 -2.86 13.02
N ASN A 45 7.53 -1.88 13.86
CA ASN A 45 6.78 -1.63 15.09
C ASN A 45 5.59 -0.74 14.80
N TYR A 46 5.30 -0.57 13.50
CA TYR A 46 4.14 0.16 13.01
C TYR A 46 4.22 1.63 13.38
N ASN A 47 5.45 2.11 13.54
CA ASN A 47 5.70 3.50 13.87
C ASN A 47 6.04 4.28 12.60
N LEU A 48 5.37 5.41 12.39
CA LEU A 48 5.62 6.24 11.23
C LEU A 48 7.04 6.79 11.23
N LEU A 49 7.74 6.60 10.11
CA LEU A 49 9.10 7.08 9.97
C LEU A 49 9.16 8.25 8.99
N ASP A 50 8.63 8.04 7.79
CA ASP A 50 8.69 9.05 6.75
C ASP A 50 7.33 9.26 6.11
N THR A 51 7.01 10.50 5.82
CA THR A 51 5.79 10.84 5.12
C THR A 51 6.11 11.63 3.86
N SER A 52 5.72 11.10 2.71
CA SER A 52 6.02 11.73 1.44
C SER A 52 4.78 11.76 0.54
N GLY A 53 4.70 12.79 -0.29
CA GLY A 53 3.61 12.91 -1.24
C GLY A 53 2.32 13.33 -0.59
N VAL A 54 1.20 12.92 -1.18
CA VAL A 54 -0.13 13.27 -0.67
C VAL A 54 -0.35 12.66 0.71
N ALA A 55 0.47 11.69 1.07
CA ALA A 55 0.35 11.02 2.36
C ALA A 55 0.54 11.99 3.51
N LYS A 56 1.07 13.18 3.20
CA LYS A 56 1.29 14.20 4.21
C LYS A 56 -0.04 14.82 4.66
N VAL A 57 -0.98 14.95 3.74
CA VAL A 57 -2.27 15.56 4.05
C VAL A 57 -3.31 14.49 4.42
N ILE A 58 -3.01 13.24 4.06
CA ILE A 58 -3.84 12.11 4.45
C ILE A 58 -3.52 11.71 5.89
N GLU A 59 -4.53 11.24 6.63
CA GLU A 59 -4.35 10.88 8.03
C GLU A 59 -3.76 9.49 8.18
N LYS A 60 -3.16 9.23 9.34
CA LYS A 60 -2.42 7.99 9.59
C LYS A 60 -3.16 7.11 10.60
N SER A 61 -4.33 7.59 11.04
CA SER A 61 -5.05 7.00 12.18
C SER A 61 -5.20 5.47 12.10
N PRO A 62 -5.95 4.92 11.12
CA PRO A 62 -6.26 3.49 11.11
C PRO A 62 -5.28 2.66 10.28
N ILE A 63 -4.27 3.29 9.75
CA ILE A 63 -3.38 2.65 8.79
C ILE A 63 -2.48 1.61 9.47
N ALA A 64 -1.99 1.91 10.66
CA ALA A 64 -1.07 1.02 11.36
C ALA A 64 -1.72 -0.34 11.62
N GLU A 65 -2.97 -0.31 12.04
CA GLU A 65 -3.74 -1.52 12.30
C GLU A 65 -3.91 -2.33 11.02
N ILE A 66 -4.11 -1.66 9.91
CA ILE A 66 -4.31 -2.36 8.65
C ILE A 66 -2.97 -2.85 8.10
N ILE A 67 -1.88 -2.17 8.46
CA ILE A 67 -0.55 -2.58 8.01
C ILE A 67 -0.20 -3.96 8.56
N ARG A 68 -0.46 -4.18 9.84
CA ARG A 68 -0.20 -5.49 10.44
C ARG A 68 -1.12 -6.56 9.86
N LYS A 69 -2.39 -6.21 9.68
CA LYS A 69 -3.35 -7.11 9.06
C LYS A 69 -2.89 -7.48 7.66
N SER A 70 -2.47 -6.49 6.91
CA SER A 70 -2.00 -6.68 5.55
C SER A 70 -0.65 -7.41 5.55
N ASN A 71 0.11 -7.28 6.64
CA ASN A 71 1.38 -7.98 6.76
C ASN A 71 1.16 -9.48 6.68
N ALA A 72 0.06 -9.94 7.27
CA ALA A 72 -0.30 -11.35 7.21
C ALA A 72 -0.95 -11.70 5.87
N GLU A 73 -1.64 -10.73 5.28
CA GLU A 73 -2.39 -10.94 4.04
C GLU A 73 -1.48 -11.00 2.82
N LEU A 74 -0.59 -10.03 2.69
CA LEU A 74 0.19 -9.85 1.47
C LEU A 74 1.64 -10.25 1.66
N GLY A 75 2.36 -10.31 0.55
CA GLY A 75 3.79 -10.47 0.58
C GLY A 75 4.48 -9.36 -0.18
N ARG A 76 4.54 -9.51 -1.50
CA ARG A 76 5.17 -8.50 -2.36
C ARG A 76 4.11 -7.72 -3.12
N LEU A 77 2.85 -7.95 -2.79
CA LEU A 77 1.74 -7.23 -3.43
C LEU A 77 1.23 -6.14 -2.51
N GLY A 78 0.51 -5.19 -3.10
CA GLY A 78 -0.02 -4.08 -2.34
C GLY A 78 -1.49 -4.23 -2.03
N TYR A 79 -1.78 -4.52 -0.78
CA TYR A 79 -3.14 -4.65 -0.30
C TYR A 79 -3.67 -3.27 0.08
N SER A 80 -4.83 -2.91 -0.44
CA SER A 80 -5.41 -1.60 -0.16
C SER A 80 -5.78 -1.48 1.33
N VAL A 81 -5.08 -0.60 2.02
CA VAL A 81 -5.26 -0.43 3.45
C VAL A 81 -6.11 0.80 3.78
N TYR A 82 -6.00 1.81 2.94
CA TYR A 82 -6.70 3.06 3.18
C TYR A 82 -7.40 3.53 1.91
N GLU A 83 -8.69 3.29 1.83
CA GLU A 83 -9.45 3.73 0.66
C GLU A 83 -10.29 4.95 1.01
N ASP A 84 -9.93 6.07 0.42
CA ASP A 84 -10.64 7.32 0.60
C ASP A 84 -11.20 7.75 -0.74
N ALA A 85 -12.10 8.73 -0.74
CA ALA A 85 -12.70 9.19 -1.98
C ALA A 85 -11.67 9.92 -2.84
N GLN A 86 -10.62 10.40 -2.20
CA GLN A 86 -9.55 11.10 -2.88
C GLN A 86 -8.50 10.12 -3.41
N TYR A 87 -7.92 9.34 -2.51
CA TYR A 87 -6.81 8.45 -2.85
C TYR A 87 -6.97 7.09 -2.17
N ILE A 88 -6.20 6.12 -2.62
CA ILE A 88 -6.23 4.78 -2.04
C ILE A 88 -4.82 4.31 -1.71
N GLY A 89 -4.58 3.98 -0.45
CA GLY A 89 -3.28 3.55 0.00
C GLY A 89 -3.14 2.05 -0.01
N HIS A 90 -1.97 1.57 -0.40
CA HIS A 90 -1.69 0.13 -0.46
C HIS A 90 -0.44 -0.17 0.34
N ALA A 91 -0.50 -1.18 1.21
CA ALA A 91 0.65 -1.55 2.02
C ALA A 91 1.57 -2.49 1.26
N PHE A 92 2.87 -2.31 1.45
CA PHE A 92 3.86 -3.18 0.86
C PHE A 92 4.90 -3.59 1.90
N LYS A 93 5.37 -4.83 1.80
CA LYS A 93 6.46 -5.29 2.63
C LYS A 93 7.79 -4.92 1.97
N LYS A 94 8.50 -4.01 2.59
CA LYS A 94 9.76 -3.51 2.06
C LYS A 94 10.93 -4.11 2.84
N ALA A 95 12.14 -3.67 2.50
CA ALA A 95 13.34 -4.20 3.14
C ALA A 95 13.37 -3.89 4.63
N GLY A 96 12.82 -4.79 5.42
CA GLY A 96 12.83 -4.65 6.86
C GLY A 96 11.85 -3.61 7.36
N HIS A 97 10.99 -3.11 6.47
CA HIS A 97 10.06 -2.05 6.84
C HIS A 97 8.75 -2.15 6.06
N PHE A 98 7.77 -1.37 6.48
CA PHE A 98 6.46 -1.38 5.84
C PHE A 98 6.18 -0.02 5.23
N ILE A 99 5.80 0.01 3.96
CA ILE A 99 5.51 1.28 3.31
C ILE A 99 4.15 1.23 2.63
N VAL A 100 3.39 2.29 2.81
CA VAL A 100 2.07 2.41 2.21
C VAL A 100 2.09 3.40 1.06
N TYR A 101 1.85 2.92 -0.14
CA TYR A 101 1.85 3.76 -1.32
C TYR A 101 0.43 4.19 -1.67
N PHE A 102 0.20 5.50 -1.67
CA PHE A 102 -1.11 6.06 -1.93
C PHE A 102 -1.25 6.42 -3.40
N THR A 103 -2.20 5.78 -4.07
CA THR A 103 -2.48 6.05 -5.47
C THR A 103 -3.77 6.87 -5.60
N PRO A 104 -3.84 7.78 -6.58
CA PRO A 104 -5.01 8.65 -6.78
C PRO A 104 -6.18 7.90 -7.40
N LYS A 105 -6.65 6.86 -6.70
CA LYS A 105 -7.68 5.97 -7.24
C LYS A 105 -7.35 5.56 -8.66
N ASN A 106 -6.12 5.06 -8.84
CA ASN A 106 -5.62 4.69 -10.15
C ASN A 106 -6.43 3.54 -10.73
N LYS A 107 -7.24 3.85 -11.73
CA LYS A 107 -8.13 2.87 -12.35
C LYS A 107 -7.87 2.76 -13.85
N ASN A 108 -6.83 3.44 -14.32
CA ASN A 108 -6.52 3.44 -15.74
C ASN A 108 -5.38 2.48 -16.04
N ARG A 109 -5.49 1.80 -17.17
CA ARG A 109 -4.51 0.79 -17.59
C ARG A 109 -4.32 -0.27 -16.53
N GLU A 110 -5.30 -1.14 -16.41
CA GLU A 110 -5.30 -2.20 -15.42
C GLU A 110 -5.20 -3.56 -16.10
N GLY A 111 -4.59 -3.58 -17.28
CA GLY A 111 -4.44 -4.82 -18.03
C GLY A 111 -3.27 -5.65 -17.53
N VAL A 112 -3.17 -5.78 -16.22
CA VAL A 112 -2.12 -6.57 -15.60
C VAL A 112 -2.68 -7.29 -14.36
N VAL A 113 -2.54 -8.60 -14.33
CA VAL A 113 -3.08 -9.39 -13.23
C VAL A 113 -1.99 -9.86 -12.30
N PRO A 114 -2.19 -9.68 -10.99
CA PRO A 114 -1.29 -10.19 -9.97
C PRO A 114 -1.63 -11.61 -9.54
N PRO A 115 -0.67 -12.54 -9.66
CA PRO A 115 -0.86 -13.92 -9.24
C PRO A 115 -1.22 -14.02 -7.75
N VAL A 116 -2.13 -14.94 -7.43
CA VAL A 116 -2.65 -15.08 -6.08
C VAL A 116 -1.59 -15.61 -5.11
N GLY A 117 -0.47 -16.06 -5.64
CA GLY A 117 0.61 -16.54 -4.81
C GLY A 117 0.86 -18.02 -5.01
N ILE A 118 2.09 -18.45 -4.78
CA ILE A 118 2.48 -19.83 -4.98
C ILE A 118 2.24 -20.64 -3.71
N THR A 119 1.19 -20.29 -2.98
CA THR A 119 0.83 -20.96 -1.74
C THR A 119 0.33 -22.38 -2.02
N ASN A 120 1.23 -23.35 -1.87
CA ASN A 120 0.91 -24.75 -2.08
C ASN A 120 1.45 -25.57 -0.92
N MET A 23 -2.97 -12.33 -6.52
CA MET A 23 -4.29 -12.52 -5.87
C MET A 23 -5.24 -11.43 -6.35
N LYS A 24 -6.52 -11.58 -6.07
CA LYS A 24 -7.52 -10.62 -6.48
C LYS A 24 -7.52 -9.40 -5.56
N SER A 25 -7.65 -8.21 -6.15
CA SER A 25 -7.75 -6.95 -5.42
C SER A 25 -6.40 -6.51 -4.84
N SER A 26 -5.35 -7.21 -5.22
CA SER A 26 -4.00 -6.80 -4.85
C SER A 26 -3.20 -6.44 -6.09
N ILE A 27 -2.38 -5.41 -5.97
CA ILE A 27 -1.65 -4.87 -7.11
C ILE A 27 -0.16 -4.84 -6.80
N PRO A 28 0.71 -5.17 -7.78
CA PRO A 28 2.15 -5.19 -7.56
C PRO A 28 2.73 -3.81 -7.32
N ILE A 29 3.86 -3.76 -6.64
CA ILE A 29 4.52 -2.49 -6.36
C ILE A 29 5.03 -1.90 -7.66
N THR A 30 5.32 -2.78 -8.60
CA THR A 30 5.76 -2.39 -9.93
C THR A 30 4.77 -1.42 -10.61
N GLU A 31 3.49 -1.59 -10.31
CA GLU A 31 2.47 -0.70 -10.85
C GLU A 31 2.20 0.44 -9.88
N VAL A 32 2.04 0.10 -8.62
CA VAL A 32 1.61 1.06 -7.61
C VAL A 32 2.67 2.14 -7.37
N LEU A 33 3.92 1.73 -7.37
CA LEU A 33 5.03 2.65 -7.10
C LEU A 33 5.04 3.84 -8.07
N PRO A 34 5.20 3.62 -9.40
CA PRO A 34 5.21 4.71 -10.38
C PRO A 34 3.85 5.39 -10.55
N ARG A 35 2.79 4.72 -10.13
CA ARG A 35 1.45 5.29 -10.24
C ARG A 35 0.96 5.85 -8.91
N ALA A 36 1.88 6.00 -7.96
CA ALA A 36 1.53 6.54 -6.65
C ALA A 36 1.79 8.04 -6.58
N VAL A 37 1.06 8.71 -5.70
CA VAL A 37 1.22 10.14 -5.49
C VAL A 37 1.59 10.45 -4.05
N GLY A 38 1.74 9.39 -3.26
CA GLY A 38 2.09 9.55 -1.87
C GLY A 38 2.61 8.25 -1.31
N SER A 39 3.41 8.32 -0.26
CA SER A 39 3.99 7.13 0.32
C SER A 39 4.31 7.35 1.79
N LEU A 40 3.86 6.44 2.63
CA LEU A 40 4.14 6.50 4.06
C LEU A 40 5.12 5.40 4.45
N THR A 41 6.27 5.80 4.97
CA THR A 41 7.27 4.84 5.40
C THR A 41 7.07 4.48 6.86
N PHE A 42 6.66 3.25 7.11
CA PHE A 42 6.45 2.75 8.46
C PHE A 42 7.59 1.83 8.88
N ASP A 43 7.74 1.68 10.17
CA ASP A 43 8.74 0.80 10.74
C ASP A 43 8.15 -0.59 10.89
N GLU A 44 8.98 -1.59 11.20
CA GLU A 44 8.48 -2.94 11.38
C GLU A 44 7.69 -3.05 12.68
N ASN A 45 7.86 -2.05 13.54
CA ASN A 45 7.05 -1.93 14.75
C ASN A 45 5.77 -1.16 14.44
N TYR A 46 5.53 -0.94 13.15
CA TYR A 46 4.32 -0.29 12.65
C TYR A 46 4.23 1.15 13.12
N ASN A 47 5.38 1.80 13.24
CA ASN A 47 5.45 3.21 13.60
C ASN A 47 5.77 4.03 12.37
N LEU A 48 5.20 5.22 12.28
CA LEU A 48 5.48 6.10 11.15
C LEU A 48 6.90 6.64 11.23
N LEU A 49 7.65 6.48 10.15
CA LEU A 49 9.03 6.96 10.08
C LEU A 49 9.10 8.23 9.24
N ASP A 50 8.61 8.14 8.01
CA ASP A 50 8.70 9.25 7.07
C ASP A 50 7.41 9.38 6.26
N THR A 51 7.07 10.60 5.87
CA THR A 51 5.85 10.86 5.12
C THR A 51 6.19 11.56 3.79
N SER A 52 5.67 11.03 2.69
CA SER A 52 5.98 11.58 1.37
C SER A 52 4.72 11.74 0.52
N GLY A 53 4.74 12.74 -0.34
CA GLY A 53 3.64 12.96 -1.28
C GLY A 53 2.36 13.42 -0.62
N VAL A 54 1.24 13.00 -1.19
CA VAL A 54 -0.08 13.38 -0.69
C VAL A 54 -0.34 12.80 0.69
N ALA A 55 0.47 11.82 1.08
CA ALA A 55 0.32 11.16 2.38
C ALA A 55 0.51 12.16 3.53
N LYS A 56 1.05 13.33 3.21
CA LYS A 56 1.28 14.37 4.20
C LYS A 56 -0.03 15.04 4.60
N VAL A 57 -0.98 15.08 3.68
CA VAL A 57 -2.28 15.71 3.96
C VAL A 57 -3.31 14.67 4.37
N ILE A 58 -3.06 13.43 3.99
CA ILE A 58 -3.93 12.33 4.35
C ILE A 58 -3.75 11.96 5.82
N GLU A 59 -4.83 11.56 6.46
CA GLU A 59 -4.82 11.18 7.86
C GLU A 59 -4.01 9.90 8.08
N LYS A 60 -3.37 9.81 9.24
CA LYS A 60 -2.57 8.63 9.58
C LYS A 60 -3.49 7.52 10.04
N SER A 61 -4.25 7.78 11.11
CA SER A 61 -5.31 6.87 11.55
C SER A 61 -4.77 5.44 11.83
N PRO A 62 -5.64 4.45 12.10
CA PRO A 62 -5.21 3.05 12.30
C PRO A 62 -4.75 2.34 11.02
N ILE A 63 -4.03 3.06 10.16
CA ILE A 63 -3.46 2.44 8.96
C ILE A 63 -2.49 1.32 9.35
N ALA A 64 -1.73 1.56 10.42
CA ALA A 64 -0.78 0.57 10.94
C ALA A 64 -1.50 -0.72 11.31
N GLU A 65 -2.72 -0.59 11.80
CA GLU A 65 -3.56 -1.73 12.13
C GLU A 65 -3.84 -2.56 10.89
N ILE A 66 -4.08 -1.89 9.78
CA ILE A 66 -4.34 -2.60 8.54
C ILE A 66 -3.03 -3.11 7.95
N ILE A 67 -1.94 -2.41 8.23
CA ILE A 67 -0.61 -2.83 7.75
C ILE A 67 -0.25 -4.20 8.33
N ARG A 68 -0.45 -4.36 9.64
CA ARG A 68 -0.14 -5.61 10.30
C ARG A 68 -1.03 -6.74 9.78
N LYS A 69 -2.31 -6.43 9.59
CA LYS A 69 -3.23 -7.40 9.01
C LYS A 69 -2.76 -7.81 7.62
N SER A 70 -2.44 -6.82 6.80
CA SER A 70 -1.99 -7.08 5.44
C SER A 70 -0.67 -7.82 5.44
N ASN A 71 0.15 -7.57 6.46
CA ASN A 71 1.45 -8.21 6.58
C ASN A 71 1.30 -9.71 6.79
N ALA A 72 0.26 -10.10 7.51
CA ALA A 72 -0.01 -11.50 7.78
C ALA A 72 -0.69 -12.16 6.59
N GLU A 73 -1.33 -11.35 5.75
CA GLU A 73 -2.04 -11.85 4.58
C GLU A 73 -1.12 -12.01 3.39
N LEU A 74 -0.30 -10.99 3.13
CA LEU A 74 0.54 -10.97 1.94
C LEU A 74 2.01 -10.79 2.32
N GLY A 75 2.89 -11.04 1.36
CA GLY A 75 4.31 -10.93 1.61
C GLY A 75 4.99 -9.88 0.76
N ARG A 76 4.23 -9.21 -0.12
CA ARG A 76 4.82 -8.21 -1.01
C ARG A 76 3.76 -7.31 -1.63
N LEU A 77 2.67 -7.93 -2.10
CA LEU A 77 1.64 -7.19 -2.85
C LEU A 77 1.03 -6.05 -2.03
N GLY A 78 0.31 -5.17 -2.71
CA GLY A 78 -0.23 -4.00 -2.05
C GLY A 78 -1.70 -4.15 -1.68
N TYR A 79 -1.94 -4.45 -0.41
CA TYR A 79 -3.29 -4.52 0.12
C TYR A 79 -3.80 -3.11 0.38
N SER A 80 -5.01 -2.81 -0.06
CA SER A 80 -5.58 -1.49 0.15
C SER A 80 -5.92 -1.31 1.63
N VAL A 81 -5.15 -0.47 2.29
CA VAL A 81 -5.32 -0.26 3.73
C VAL A 81 -6.21 0.95 4.01
N TYR A 82 -6.18 1.93 3.13
CA TYR A 82 -6.97 3.13 3.31
C TYR A 82 -7.57 3.57 1.98
N GLU A 83 -8.89 3.70 1.93
CA GLU A 83 -9.55 4.16 0.72
C GLU A 83 -10.28 5.46 0.98
N ASP A 84 -9.94 6.46 0.19
CA ASP A 84 -10.58 7.76 0.25
C ASP A 84 -11.19 8.05 -1.12
N ALA A 85 -12.03 9.07 -1.20
CA ALA A 85 -12.66 9.42 -2.46
C ALA A 85 -11.64 9.96 -3.45
N GLN A 86 -10.50 10.40 -2.93
CA GLN A 86 -9.45 10.96 -3.77
C GLN A 86 -8.35 9.93 -4.04
N TYR A 87 -7.84 9.30 -2.97
CA TYR A 87 -6.68 8.42 -3.09
C TYR A 87 -6.92 7.10 -2.35
N ILE A 88 -6.08 6.11 -2.63
CA ILE A 88 -6.14 4.81 -1.98
C ILE A 88 -4.74 4.36 -1.57
N GLY A 89 -4.59 4.00 -0.31
CA GLY A 89 -3.31 3.56 0.20
C GLY A 89 -3.17 2.06 0.17
N HIS A 90 -1.97 1.57 -0.13
CA HIS A 90 -1.72 0.14 -0.22
C HIS A 90 -0.46 -0.22 0.59
N ALA A 91 -0.56 -1.25 1.42
CA ALA A 91 0.58 -1.67 2.24
C ALA A 91 1.48 -2.65 1.51
N PHE A 92 2.75 -2.30 1.43
CA PHE A 92 3.74 -3.17 0.81
C PHE A 92 4.80 -3.57 1.82
N LYS A 93 5.21 -4.84 1.76
CA LYS A 93 6.32 -5.32 2.60
C LYS A 93 7.65 -4.95 1.98
N LYS A 94 8.44 -4.19 2.71
CA LYS A 94 9.72 -3.69 2.21
C LYS A 94 10.85 -4.32 3.01
N ALA A 95 12.09 -3.94 2.70
CA ALA A 95 13.26 -4.49 3.37
C ALA A 95 13.28 -4.12 4.86
N GLY A 96 12.77 -5.02 5.68
CA GLY A 96 12.75 -4.81 7.12
C GLY A 96 11.78 -3.73 7.54
N HIS A 97 10.98 -3.24 6.61
CA HIS A 97 10.09 -2.12 6.88
C HIS A 97 8.78 -2.26 6.11
N PHE A 98 7.84 -1.38 6.40
CA PHE A 98 6.52 -1.42 5.79
C PHE A 98 6.18 -0.07 5.19
N ILE A 99 5.81 -0.02 3.93
CA ILE A 99 5.50 1.25 3.29
C ILE A 99 4.13 1.22 2.63
N VAL A 100 3.38 2.30 2.85
CA VAL A 100 2.05 2.43 2.27
C VAL A 100 2.08 3.42 1.11
N TYR A 101 1.89 2.92 -0.09
CA TYR A 101 1.88 3.76 -1.28
C TYR A 101 0.46 4.19 -1.61
N PHE A 102 0.25 5.50 -1.70
CA PHE A 102 -1.06 6.05 -1.98
C PHE A 102 -1.19 6.40 -3.46
N THR A 103 -2.13 5.77 -4.12
CA THR A 103 -2.40 6.06 -5.52
C THR A 103 -3.70 6.84 -5.63
N PRO A 104 -3.83 7.73 -6.62
CA PRO A 104 -5.05 8.54 -6.81
C PRO A 104 -6.22 7.73 -7.34
N LYS A 105 -6.55 6.65 -6.61
CA LYS A 105 -7.52 5.66 -7.06
C LYS A 105 -7.05 5.03 -8.37
N ASN A 106 -5.75 5.09 -8.60
CA ASN A 106 -5.15 4.55 -9.81
C ASN A 106 -5.21 3.03 -9.77
N LYS A 107 -6.00 2.49 -10.68
CA LYS A 107 -6.25 1.06 -10.74
C LYS A 107 -5.99 0.56 -12.16
N ASN A 108 -5.44 1.46 -12.98
CA ASN A 108 -5.33 1.25 -14.41
C ASN A 108 -6.73 1.16 -15.03
N ARG A 109 -7.30 -0.04 -14.99
CA ARG A 109 -8.66 -0.31 -15.49
C ARG A 109 -8.81 -1.81 -15.64
N GLU A 110 -7.82 -2.40 -16.29
CA GLU A 110 -7.80 -3.83 -16.53
C GLU A 110 -7.61 -4.57 -15.21
N GLY A 111 -8.17 -5.77 -15.11
CA GLY A 111 -8.01 -6.56 -13.92
C GLY A 111 -6.66 -7.26 -13.88
N VAL A 112 -5.61 -6.47 -13.77
CA VAL A 112 -4.25 -7.00 -13.72
C VAL A 112 -3.90 -7.41 -12.28
N VAL A 113 -3.86 -8.71 -12.05
CA VAL A 113 -3.56 -9.24 -10.73
C VAL A 113 -2.31 -10.09 -10.75
N PRO A 114 -1.32 -9.73 -9.92
CA PRO A 114 -0.04 -10.43 -9.84
C PRO A 114 -0.15 -11.76 -9.09
N PRO A 115 0.42 -12.84 -9.65
CA PRO A 115 0.45 -14.15 -9.01
C PRO A 115 1.20 -14.11 -7.67
N VAL A 116 0.63 -14.74 -6.65
CA VAL A 116 1.24 -14.73 -5.33
C VAL A 116 2.46 -15.66 -5.30
N GLY A 117 3.64 -15.06 -5.39
CA GLY A 117 4.87 -15.83 -5.43
C GLY A 117 5.39 -16.18 -4.05
N ILE A 118 4.52 -16.13 -3.06
CA ILE A 118 4.88 -16.52 -1.70
C ILE A 118 4.89 -18.03 -1.59
N THR A 119 3.91 -18.66 -2.21
CA THR A 119 3.80 -20.11 -2.22
C THR A 119 4.60 -20.69 -3.38
N ASN A 120 5.34 -21.75 -3.10
CA ASN A 120 6.14 -22.41 -4.13
C ASN A 120 6.11 -23.92 -3.93
N MET A 23 -12.64 -9.22 -4.71
CA MET A 23 -11.95 -8.14 -5.45
C MET A 23 -10.49 -8.05 -5.02
N LYS A 24 -9.61 -8.57 -5.85
CA LYS A 24 -8.18 -8.58 -5.54
C LYS A 24 -7.59 -7.21 -5.80
N SER A 25 -7.55 -6.38 -4.77
CA SER A 25 -6.99 -5.04 -4.87
C SER A 25 -5.51 -5.04 -4.54
N SER A 26 -4.95 -6.24 -4.39
CA SER A 26 -3.53 -6.40 -4.10
C SER A 26 -2.71 -6.31 -5.38
N ILE A 27 -2.11 -5.15 -5.60
CA ILE A 27 -1.39 -4.86 -6.83
C ILE A 27 0.12 -4.80 -6.54
N PRO A 28 0.96 -5.36 -7.43
CA PRO A 28 2.42 -5.39 -7.24
C PRO A 28 3.02 -3.98 -7.19
N ILE A 29 4.13 -3.86 -6.46
CA ILE A 29 4.75 -2.57 -6.23
C ILE A 29 5.33 -1.99 -7.52
N THR A 30 5.66 -2.87 -8.48
CA THR A 30 6.19 -2.41 -9.76
C THR A 30 5.19 -1.54 -10.50
N GLU A 31 3.91 -1.67 -10.13
CA GLU A 31 2.86 -0.84 -10.70
C GLU A 31 2.55 0.33 -9.78
N VAL A 32 2.32 0.02 -8.51
CA VAL A 32 1.85 1.02 -7.56
C VAL A 32 2.90 2.08 -7.28
N LEU A 33 4.17 1.69 -7.22
CA LEU A 33 5.26 2.62 -6.93
C LEU A 33 5.28 3.82 -7.89
N PRO A 34 5.49 3.60 -9.21
CA PRO A 34 5.52 4.70 -10.18
C PRO A 34 4.19 5.43 -10.32
N ARG A 35 3.09 4.75 -10.02
CA ARG A 35 1.77 5.35 -10.13
C ARG A 35 1.31 5.98 -8.82
N ALA A 36 2.18 5.96 -7.82
CA ALA A 36 1.83 6.49 -6.51
C ALA A 36 2.06 7.99 -6.43
N VAL A 37 1.21 8.66 -5.67
CA VAL A 37 1.32 10.10 -5.47
C VAL A 37 1.63 10.41 -4.02
N GLY A 38 1.74 9.37 -3.21
CA GLY A 38 2.08 9.54 -1.81
C GLY A 38 2.60 8.25 -1.22
N SER A 39 3.34 8.35 -0.12
CA SER A 39 3.91 7.18 0.51
C SER A 39 4.09 7.39 2.02
N LEU A 40 3.69 6.40 2.80
CA LEU A 40 3.89 6.42 4.23
C LEU A 40 4.92 5.36 4.63
N THR A 41 6.00 5.80 5.22
CA THR A 41 7.07 4.91 5.62
C THR A 41 6.89 4.48 7.08
N PHE A 42 6.61 3.21 7.29
CA PHE A 42 6.49 2.64 8.62
C PHE A 42 7.63 1.67 8.90
N ASP A 43 7.98 1.52 10.17
CA ASP A 43 8.96 0.55 10.59
C ASP A 43 8.26 -0.79 10.87
N GLU A 44 9.04 -1.85 11.06
CA GLU A 44 8.47 -3.15 11.36
C GLU A 44 7.72 -3.13 12.69
N ASN A 45 8.10 -2.21 13.57
CA ASN A 45 7.42 -2.02 14.84
C ASN A 45 6.21 -1.12 14.68
N TYR A 46 5.85 -0.87 13.42
CA TYR A 46 4.65 -0.11 13.06
C TYR A 46 4.74 1.34 13.51
N ASN A 47 5.97 1.86 13.59
CA ASN A 47 6.19 3.27 13.89
C ASN A 47 6.32 4.05 12.60
N LEU A 48 5.57 5.14 12.49
CA LEU A 48 5.70 6.04 11.36
C LEU A 48 7.09 6.66 11.32
N LEU A 49 7.80 6.42 10.24
CA LEU A 49 9.15 6.92 10.05
C LEU A 49 9.14 8.18 9.20
N ASP A 50 8.40 8.13 8.10
CA ASP A 50 8.40 9.22 7.13
C ASP A 50 7.04 9.33 6.44
N THR A 51 6.69 10.55 6.08
CA THR A 51 5.47 10.82 5.35
C THR A 51 5.76 11.64 4.10
N SER A 52 5.48 11.08 2.93
CA SER A 52 5.78 11.77 1.68
C SER A 52 4.56 11.78 0.75
N GLY A 53 4.52 12.77 -0.13
CA GLY A 53 3.48 12.85 -1.12
C GLY A 53 2.14 13.26 -0.53
N VAL A 54 1.06 12.80 -1.15
CA VAL A 54 -0.29 13.12 -0.70
C VAL A 54 -0.56 12.55 0.69
N ALA A 55 0.26 11.58 1.09
CA ALA A 55 0.11 10.96 2.40
C ALA A 55 0.32 11.98 3.51
N LYS A 56 0.90 13.12 3.16
CA LYS A 56 1.14 14.18 4.12
C LYS A 56 -0.16 14.90 4.49
N VAL A 57 -1.01 15.14 3.50
CA VAL A 57 -2.28 15.81 3.75
C VAL A 57 -3.36 14.80 4.14
N ILE A 58 -3.16 13.54 3.76
CA ILE A 58 -4.05 12.47 4.18
C ILE A 58 -3.95 12.24 5.69
N GLU A 59 -5.08 11.97 6.31
CA GLU A 59 -5.16 11.79 7.75
C GLU A 59 -4.43 10.52 8.19
N LYS A 60 -3.66 10.63 9.27
CA LYS A 60 -2.99 9.47 9.84
C LYS A 60 -3.95 8.72 10.75
N SER A 61 -4.68 7.80 10.15
CA SER A 61 -5.57 6.92 10.88
C SER A 61 -4.81 5.66 11.30
N PRO A 62 -5.44 4.73 12.05
CA PRO A 62 -4.80 3.46 12.44
C PRO A 62 -4.48 2.56 11.24
N ILE A 63 -3.63 3.05 10.36
CA ILE A 63 -3.22 2.32 9.17
C ILE A 63 -2.26 1.21 9.56
N ALA A 64 -1.46 1.45 10.59
CA ALA A 64 -0.51 0.46 11.07
C ALA A 64 -1.21 -0.84 11.46
N GLU A 65 -2.44 -0.70 11.97
CA GLU A 65 -3.28 -1.84 12.31
C GLU A 65 -3.60 -2.65 11.06
N ILE A 66 -3.85 -1.95 9.97
CA ILE A 66 -4.16 -2.60 8.71
C ILE A 66 -2.89 -3.11 8.05
N ILE A 67 -1.77 -2.43 8.33
CA ILE A 67 -0.48 -2.82 7.78
C ILE A 67 -0.09 -4.22 8.25
N ARG A 68 -0.26 -4.46 9.55
CA ARG A 68 0.05 -5.77 10.12
C ARG A 68 -0.91 -6.83 9.60
N LYS A 69 -2.19 -6.48 9.52
CA LYS A 69 -3.19 -7.39 8.98
C LYS A 69 -2.85 -7.75 7.53
N SER A 70 -2.53 -6.74 6.74
CA SER A 70 -2.19 -6.93 5.34
C SER A 70 -0.86 -7.69 5.23
N ASN A 71 -0.01 -7.57 6.24
CA ASN A 71 1.27 -8.26 6.25
C ASN A 71 1.05 -9.77 6.25
N ALA A 72 0.02 -10.20 6.96
CA ALA A 72 -0.34 -11.61 7.00
C ALA A 72 -1.14 -12.01 5.75
N GLU A 73 -1.81 -11.04 5.14
CA GLU A 73 -2.65 -11.29 3.97
C GLU A 73 -1.82 -11.46 2.69
N LEU A 74 -0.72 -10.73 2.60
CA LEU A 74 0.07 -10.70 1.37
C LEU A 74 1.57 -10.67 1.64
N GLY A 75 2.33 -10.52 0.55
CA GLY A 75 3.76 -10.33 0.65
C GLY A 75 4.20 -9.04 0.00
N ARG A 76 4.51 -9.09 -1.29
CA ARG A 76 5.01 -7.92 -2.02
C ARG A 76 3.85 -7.17 -2.69
N LEU A 77 2.63 -7.63 -2.47
CA LEU A 77 1.46 -6.97 -3.05
C LEU A 77 1.03 -5.79 -2.20
N GLY A 78 0.21 -4.92 -2.77
CA GLY A 78 -0.25 -3.76 -2.04
C GLY A 78 -1.73 -3.79 -1.78
N TYR A 79 -2.11 -4.30 -0.63
CA TYR A 79 -3.51 -4.36 -0.21
C TYR A 79 -4.00 -2.96 0.11
N SER A 80 -5.21 -2.64 -0.35
CA SER A 80 -5.80 -1.34 -0.07
C SER A 80 -6.13 -1.23 1.42
N VAL A 81 -5.34 -0.43 2.12
CA VAL A 81 -5.50 -0.26 3.56
C VAL A 81 -6.34 0.96 3.88
N TYR A 82 -6.21 1.98 3.05
CA TYR A 82 -6.96 3.21 3.24
C TYR A 82 -7.56 3.65 1.90
N GLU A 83 -8.87 3.53 1.77
CA GLU A 83 -9.52 3.98 0.56
C GLU A 83 -10.28 5.28 0.82
N ASP A 84 -9.90 6.30 0.10
CA ASP A 84 -10.59 7.57 0.15
C ASP A 84 -11.15 7.87 -1.23
N ALA A 85 -12.10 8.78 -1.30
CA ALA A 85 -12.72 9.12 -2.58
C ALA A 85 -11.71 9.76 -3.53
N GLN A 86 -10.61 10.23 -2.99
CA GLN A 86 -9.56 10.85 -3.80
C GLN A 86 -8.43 9.86 -4.10
N TYR A 87 -7.94 9.18 -3.06
CA TYR A 87 -6.76 8.32 -3.20
C TYR A 87 -6.94 7.00 -2.46
N ILE A 88 -6.12 6.02 -2.79
CA ILE A 88 -6.15 4.73 -2.13
C ILE A 88 -4.74 4.31 -1.70
N GLY A 89 -4.61 4.01 -0.42
CA GLY A 89 -3.33 3.57 0.11
C GLY A 89 -3.20 2.06 0.08
N HIS A 90 -2.00 1.60 -0.24
CA HIS A 90 -1.72 0.17 -0.34
C HIS A 90 -0.51 -0.18 0.50
N ALA A 91 -0.64 -1.13 1.41
CA ALA A 91 0.48 -1.51 2.27
C ALA A 91 1.40 -2.51 1.58
N PHE A 92 2.67 -2.15 1.48
CA PHE A 92 3.66 -3.03 0.88
C PHE A 92 4.68 -3.45 1.93
N LYS A 93 5.08 -4.71 1.86
CA LYS A 93 6.14 -5.21 2.72
C LYS A 93 7.49 -4.85 2.14
N LYS A 94 8.31 -4.20 2.95
CA LYS A 94 9.62 -3.75 2.52
C LYS A 94 10.70 -4.44 3.34
N ALA A 95 11.96 -4.12 3.07
CA ALA A 95 13.08 -4.73 3.79
C ALA A 95 13.08 -4.28 5.25
N GLY A 96 12.53 -5.12 6.12
CA GLY A 96 12.44 -4.80 7.53
C GLY A 96 11.55 -3.62 7.81
N HIS A 97 10.73 -3.25 6.84
CA HIS A 97 9.91 -2.06 6.93
C HIS A 97 8.56 -2.28 6.28
N PHE A 98 7.66 -1.31 6.45
CA PHE A 98 6.35 -1.36 5.84
C PHE A 98 6.02 -0.01 5.24
N ILE A 99 5.78 0.05 3.95
CA ILE A 99 5.48 1.32 3.32
C ILE A 99 4.14 1.28 2.62
N VAL A 100 3.35 2.31 2.86
CA VAL A 100 2.02 2.40 2.26
C VAL A 100 2.04 3.41 1.12
N TYR A 101 1.90 2.90 -0.09
CA TYR A 101 1.90 3.74 -1.27
C TYR A 101 0.48 4.16 -1.62
N PHE A 102 0.25 5.46 -1.65
CA PHE A 102 -1.05 6.01 -1.96
C PHE A 102 -1.13 6.40 -3.43
N THR A 103 -2.07 5.79 -4.14
CA THR A 103 -2.27 6.11 -5.54
C THR A 103 -3.58 6.87 -5.73
N PRO A 104 -3.74 7.60 -6.84
CA PRO A 104 -4.96 8.35 -7.14
C PRO A 104 -6.13 7.43 -7.51
N LYS A 105 -6.47 6.55 -6.58
CA LYS A 105 -7.49 5.52 -6.80
C LYS A 105 -7.09 4.60 -7.94
N ASN A 106 -5.79 4.46 -8.16
CA ASN A 106 -5.28 3.52 -9.15
C ASN A 106 -5.59 2.11 -8.72
N LYS A 107 -6.54 1.50 -9.41
CA LYS A 107 -6.95 0.14 -9.14
C LYS A 107 -7.31 -0.54 -10.46
N ASN A 108 -6.43 -1.43 -10.92
CA ASN A 108 -6.56 -2.12 -12.22
C ASN A 108 -7.02 -1.14 -13.31
N ARG A 109 -6.40 0.04 -13.31
CA ARG A 109 -6.76 1.16 -14.18
C ARG A 109 -7.02 0.73 -15.63
N GLU A 110 -5.98 0.35 -16.33
CA GLU A 110 -6.12 -0.08 -17.71
C GLU A 110 -6.15 -1.60 -17.81
N GLY A 111 -6.74 -2.24 -16.81
CA GLY A 111 -6.86 -3.68 -16.81
C GLY A 111 -5.64 -4.36 -16.21
N VAL A 112 -5.05 -3.72 -15.21
CA VAL A 112 -3.87 -4.27 -14.56
C VAL A 112 -4.25 -5.42 -13.64
N VAL A 113 -4.14 -6.63 -14.15
CA VAL A 113 -4.37 -7.83 -13.36
C VAL A 113 -3.06 -8.35 -12.78
N PRO A 114 -2.93 -8.34 -11.46
CA PRO A 114 -1.70 -8.77 -10.79
C PRO A 114 -1.51 -10.28 -10.82
N PRO A 115 -0.43 -10.75 -11.45
CA PRO A 115 -0.09 -12.16 -11.50
C PRO A 115 0.59 -12.61 -10.20
N VAL A 116 -0.23 -13.08 -9.26
CA VAL A 116 0.26 -13.46 -7.96
C VAL A 116 1.11 -14.74 -8.02
N GLY A 117 2.40 -14.56 -7.84
CA GLY A 117 3.31 -15.69 -7.84
C GLY A 117 4.49 -15.45 -6.91
N ILE A 118 4.19 -15.12 -5.66
CA ILE A 118 5.22 -14.81 -4.69
C ILE A 118 5.78 -16.09 -4.06
N THR A 119 4.94 -17.10 -3.94
CA THR A 119 5.36 -18.39 -3.41
C THR A 119 5.42 -19.43 -4.53
N ASN A 120 6.47 -20.23 -4.52
CA ASN A 120 6.67 -21.23 -5.56
C ASN A 120 6.15 -22.58 -5.08
N MET A 23 -12.24 -13.43 -5.48
CA MET A 23 -11.05 -12.91 -6.20
C MET A 23 -10.02 -12.42 -5.20
N LYS A 24 -8.93 -11.86 -5.71
CA LYS A 24 -7.90 -11.30 -4.86
C LYS A 24 -7.40 -9.99 -5.46
N SER A 25 -7.99 -8.90 -5.00
CA SER A 25 -7.67 -7.58 -5.54
C SER A 25 -6.41 -7.02 -4.88
N SER A 26 -5.28 -7.44 -5.39
CA SER A 26 -4.00 -6.91 -4.97
C SER A 26 -3.23 -6.44 -6.20
N ILE A 27 -2.31 -5.51 -6.02
CA ILE A 27 -1.56 -4.94 -7.13
C ILE A 27 -0.07 -4.96 -6.82
N PRO A 28 0.78 -5.31 -7.79
CA PRO A 28 2.22 -5.38 -7.58
C PRO A 28 2.84 -4.00 -7.39
N ILE A 29 3.97 -3.96 -6.71
CA ILE A 29 4.62 -2.69 -6.38
C ILE A 29 5.20 -2.05 -7.64
N THR A 30 5.53 -2.87 -8.64
CA THR A 30 6.04 -2.35 -9.90
C THR A 30 5.04 -1.39 -10.55
N GLU A 31 3.76 -1.58 -10.24
CA GLU A 31 2.73 -0.71 -10.76
C GLU A 31 2.41 0.41 -9.76
N VAL A 32 2.20 0.04 -8.51
CA VAL A 32 1.74 1.00 -7.51
C VAL A 32 2.80 2.07 -7.22
N LEU A 33 4.07 1.68 -7.28
CA LEU A 33 5.17 2.62 -7.02
C LEU A 33 5.08 3.87 -7.90
N PRO A 34 5.20 3.75 -9.24
CA PRO A 34 5.12 4.90 -10.15
C PRO A 34 3.72 5.51 -10.21
N ARG A 35 2.69 4.70 -9.97
CA ARG A 35 1.31 5.16 -10.06
C ARG A 35 0.85 5.85 -8.77
N ALA A 36 1.74 5.89 -7.79
CA ALA A 36 1.40 6.48 -6.50
C ALA A 36 1.62 7.98 -6.49
N VAL A 37 0.90 8.66 -5.63
CA VAL A 37 1.04 10.10 -5.45
C VAL A 37 1.41 10.42 -4.00
N GLY A 38 1.58 9.37 -3.21
CA GLY A 38 1.98 9.53 -1.82
C GLY A 38 2.51 8.23 -1.26
N SER A 39 3.24 8.32 -0.16
CA SER A 39 3.79 7.13 0.47
C SER A 39 4.02 7.34 1.96
N LEU A 40 3.68 6.33 2.74
CA LEU A 40 3.94 6.33 4.17
C LEU A 40 4.91 5.22 4.53
N THR A 41 6.06 5.57 5.05
CA THR A 41 7.05 4.59 5.46
C THR A 41 6.89 4.27 6.94
N PHE A 42 6.61 3.02 7.24
CA PHE A 42 6.45 2.54 8.60
C PHE A 42 7.56 1.57 8.96
N ASP A 43 7.83 1.48 10.25
CA ASP A 43 8.83 0.56 10.78
C ASP A 43 8.17 -0.78 11.14
N GLU A 44 8.98 -1.78 11.48
CA GLU A 44 8.46 -3.08 11.86
C GLU A 44 7.65 -2.97 13.15
N ASN A 45 7.94 -1.92 13.92
CA ASN A 45 7.21 -1.65 15.15
C ASN A 45 5.94 -0.85 14.85
N TYR A 46 5.58 -0.79 13.57
CA TYR A 46 4.38 -0.08 13.12
C TYR A 46 4.46 1.41 13.42
N ASN A 47 5.69 1.91 13.51
CA ASN A 47 5.92 3.32 13.79
C ASN A 47 6.17 4.08 12.49
N LEU A 48 5.49 5.20 12.34
CA LEU A 48 5.67 6.04 11.17
C LEU A 48 7.08 6.62 11.12
N LEU A 49 7.77 6.36 10.02
CA LEU A 49 9.13 6.85 9.83
C LEU A 49 9.15 8.04 8.89
N ASP A 50 8.57 7.87 7.72
CA ASP A 50 8.62 8.90 6.69
C ASP A 50 7.25 9.11 6.06
N THR A 51 6.93 10.36 5.78
CA THR A 51 5.69 10.71 5.13
C THR A 51 5.95 11.55 3.89
N SER A 52 5.62 11.02 2.73
CA SER A 52 5.89 11.71 1.48
C SER A 52 4.65 11.72 0.59
N GLY A 53 4.58 12.68 -0.33
CA GLY A 53 3.47 12.76 -1.25
C GLY A 53 2.21 13.28 -0.60
N VAL A 54 1.07 12.88 -1.14
CA VAL A 54 -0.23 13.29 -0.60
C VAL A 54 -0.41 12.76 0.82
N ALA A 55 0.35 11.74 1.17
CA ALA A 55 0.27 11.13 2.49
C ALA A 55 0.59 12.14 3.60
N LYS A 56 1.20 13.26 3.22
CA LYS A 56 1.55 14.30 4.16
C LYS A 56 0.31 15.04 4.65
N VAL A 57 -0.64 15.25 3.74
CA VAL A 57 -1.87 15.94 4.08
C VAL A 57 -2.96 14.95 4.47
N ILE A 58 -2.77 13.70 4.08
CA ILE A 58 -3.65 12.61 4.52
C ILE A 58 -3.44 12.34 6.01
N GLU A 59 -4.53 12.18 6.73
CA GLU A 59 -4.48 11.98 8.17
C GLU A 59 -3.90 10.62 8.51
N LYS A 60 -3.17 10.56 9.61
CA LYS A 60 -2.58 9.32 10.07
C LYS A 60 -3.58 8.53 10.89
N SER A 61 -4.41 7.76 10.18
CA SER A 61 -5.39 6.91 10.81
C SER A 61 -4.73 5.62 11.32
N PRO A 62 -5.50 4.67 11.90
CA PRO A 62 -4.96 3.37 12.34
C PRO A 62 -4.53 2.47 11.16
N ILE A 63 -3.83 3.08 10.20
CA ILE A 63 -3.33 2.37 9.02
C ILE A 63 -2.43 1.22 9.43
N ALA A 64 -1.67 1.41 10.51
CA ALA A 64 -0.75 0.40 11.02
C ALA A 64 -1.49 -0.91 11.35
N GLU A 65 -2.72 -0.77 11.81
CA GLU A 65 -3.56 -1.93 12.12
C GLU A 65 -3.86 -2.71 10.85
N ILE A 66 -4.04 -1.98 9.76
CA ILE A 66 -4.32 -2.61 8.48
C ILE A 66 -3.02 -3.11 7.86
N ILE A 67 -1.91 -2.47 8.21
CA ILE A 67 -0.59 -2.87 7.74
C ILE A 67 -0.27 -4.28 8.22
N ARG A 68 -0.49 -4.52 9.51
CA ARG A 68 -0.24 -5.84 10.08
C ARG A 68 -1.19 -6.86 9.50
N LYS A 69 -2.44 -6.47 9.26
CA LYS A 69 -3.39 -7.35 8.59
C LYS A 69 -2.86 -7.73 7.22
N SER A 70 -2.47 -6.72 6.45
CA SER A 70 -2.00 -6.93 5.08
C SER A 70 -0.68 -7.69 5.07
N ASN A 71 0.09 -7.54 6.14
CA ASN A 71 1.35 -8.24 6.26
C ASN A 71 1.11 -9.75 6.32
N ALA A 72 0.02 -10.12 6.98
CA ALA A 72 -0.37 -11.52 7.05
C ALA A 72 -1.03 -11.97 5.76
N GLU A 73 -1.65 -11.02 5.07
CA GLU A 73 -2.33 -11.30 3.81
C GLU A 73 -1.35 -11.56 2.68
N LEU A 74 -0.31 -10.75 2.60
CA LEU A 74 0.55 -10.74 1.42
C LEU A 74 2.02 -10.55 1.77
N GLY A 75 2.84 -10.43 0.73
CA GLY A 75 4.23 -10.05 0.91
C GLY A 75 4.60 -8.85 0.05
N ARG A 76 4.88 -9.08 -1.22
CA ARG A 76 5.30 -8.02 -2.12
C ARG A 76 4.10 -7.34 -2.79
N LEU A 77 2.92 -7.90 -2.62
CA LEU A 77 1.72 -7.33 -3.23
C LEU A 77 1.19 -6.18 -2.38
N GLY A 78 0.27 -5.41 -2.95
CA GLY A 78 -0.30 -4.28 -2.24
C GLY A 78 -1.75 -4.52 -1.85
N TYR A 79 -2.05 -4.24 -0.60
CA TYR A 79 -3.40 -4.41 -0.06
C TYR A 79 -3.98 -3.04 0.27
N SER A 80 -5.18 -2.75 -0.21
CA SER A 80 -5.82 -1.48 0.07
C SER A 80 -6.09 -1.34 1.56
N VAL A 81 -5.36 -0.43 2.20
CA VAL A 81 -5.49 -0.22 3.63
C VAL A 81 -6.23 1.09 3.94
N TYR A 82 -6.09 2.05 3.05
CA TYR A 82 -6.72 3.36 3.24
C TYR A 82 -7.44 3.76 1.96
N GLU A 83 -8.76 3.71 1.97
CA GLU A 83 -9.54 4.10 0.81
C GLU A 83 -10.27 5.41 1.05
N ASP A 84 -9.98 6.39 0.22
CA ASP A 84 -10.66 7.67 0.26
C ASP A 84 -11.24 7.94 -1.12
N ALA A 85 -12.18 8.87 -1.21
CA ALA A 85 -12.79 9.20 -2.50
C ALA A 85 -11.75 9.76 -3.47
N GLN A 86 -10.65 10.26 -2.93
CA GLN A 86 -9.56 10.79 -3.75
C GLN A 86 -8.53 9.71 -4.03
N TYR A 87 -7.96 9.14 -2.97
CA TYR A 87 -6.82 8.24 -3.11
C TYR A 87 -7.03 6.93 -2.37
N ILE A 88 -6.27 5.91 -2.75
CA ILE A 88 -6.29 4.63 -2.08
C ILE A 88 -4.88 4.17 -1.77
N GLY A 89 -4.62 3.91 -0.51
CA GLY A 89 -3.31 3.47 -0.08
C GLY A 89 -3.22 1.97 0.02
N HIS A 90 -2.09 1.42 -0.37
CA HIS A 90 -1.88 -0.02 -0.35
C HIS A 90 -0.62 -0.34 0.45
N ALA A 91 -0.72 -1.25 1.41
CA ALA A 91 0.42 -1.62 2.24
C ALA A 91 1.32 -2.63 1.53
N PHE A 92 2.59 -2.29 1.41
CA PHE A 92 3.58 -3.16 0.82
C PHE A 92 4.64 -3.53 1.85
N LYS A 93 5.09 -4.77 1.80
CA LYS A 93 6.22 -5.20 2.62
C LYS A 93 7.51 -4.87 1.90
N LYS A 94 8.39 -4.17 2.60
CA LYS A 94 9.66 -3.75 2.05
C LYS A 94 10.80 -4.46 2.78
N ALA A 95 12.04 -4.09 2.48
CA ALA A 95 13.19 -4.71 3.12
C ALA A 95 13.20 -4.44 4.62
N GLY A 96 12.57 -5.35 5.38
CA GLY A 96 12.52 -5.22 6.82
C GLY A 96 11.65 -4.07 7.28
N HIS A 97 10.81 -3.57 6.40
CA HIS A 97 9.97 -2.42 6.72
C HIS A 97 8.63 -2.51 6.00
N PHE A 98 7.73 -1.59 6.33
CA PHE A 98 6.40 -1.56 5.74
C PHE A 98 6.15 -0.19 5.13
N ILE A 99 5.72 -0.13 3.88
CA ILE A 99 5.44 1.15 3.26
C ILE A 99 4.07 1.11 2.58
N VAL A 100 3.29 2.15 2.82
CA VAL A 100 1.97 2.28 2.24
C VAL A 100 1.99 3.29 1.10
N TYR A 101 1.79 2.81 -0.12
CA TYR A 101 1.79 3.66 -1.29
C TYR A 101 0.36 4.11 -1.61
N PHE A 102 0.15 5.41 -1.68
CA PHE A 102 -1.16 5.98 -1.94
C PHE A 102 -1.30 6.34 -3.41
N THR A 103 -2.24 5.71 -4.08
CA THR A 103 -2.48 5.96 -5.49
C THR A 103 -3.80 6.72 -5.68
N PRO A 104 -3.95 7.47 -6.78
CA PRO A 104 -5.18 8.24 -7.07
C PRO A 104 -6.35 7.33 -7.48
N LYS A 105 -6.65 6.37 -6.61
CA LYS A 105 -7.71 5.38 -6.84
C LYS A 105 -7.40 4.50 -8.05
N ASN A 106 -6.12 4.25 -8.30
CA ASN A 106 -5.72 3.30 -9.33
C ASN A 106 -6.08 1.89 -8.87
N LYS A 107 -7.22 1.40 -9.33
CA LYS A 107 -7.70 0.09 -8.92
C LYS A 107 -7.45 -0.95 -10.00
N ASN A 108 -8.32 -1.00 -11.00
CA ASN A 108 -8.18 -1.95 -12.08
C ASN A 108 -8.42 -1.29 -13.44
N ARG A 109 -7.41 -1.31 -14.28
CA ARG A 109 -7.54 -0.77 -15.63
C ARG A 109 -6.82 -1.67 -16.64
N GLU A 110 -5.51 -1.56 -16.68
CA GLU A 110 -4.72 -2.31 -17.65
C GLU A 110 -3.28 -2.45 -17.17
N GLY A 111 -2.80 -3.68 -17.10
CA GLY A 111 -1.42 -3.93 -16.72
C GLY A 111 -1.23 -3.91 -15.22
N VAL A 112 -2.32 -3.72 -14.49
CA VAL A 112 -2.27 -3.61 -13.03
C VAL A 112 -2.41 -4.98 -12.37
N VAL A 113 -2.56 -6.02 -13.18
CA VAL A 113 -2.75 -7.36 -12.67
C VAL A 113 -1.43 -7.97 -12.21
N PRO A 114 -1.36 -8.37 -10.94
CA PRO A 114 -0.16 -8.97 -10.36
C PRO A 114 0.12 -10.36 -10.92
N PRO A 115 1.39 -10.64 -11.24
CA PRO A 115 1.83 -11.99 -11.60
C PRO A 115 1.86 -12.88 -10.37
N VAL A 116 0.87 -13.75 -10.27
CA VAL A 116 0.68 -14.54 -9.07
C VAL A 116 1.90 -15.41 -8.76
N GLY A 117 2.33 -15.36 -7.51
CA GLY A 117 3.45 -16.16 -7.07
C GLY A 117 4.79 -15.54 -7.42
N ILE A 118 5.02 -15.32 -8.70
CA ILE A 118 6.32 -14.84 -9.18
C ILE A 118 6.34 -13.31 -9.32
N THR A 119 6.86 -12.64 -8.30
CA THR A 119 7.04 -11.19 -8.33
C THR A 119 7.74 -10.74 -7.04
N ASN A 120 8.77 -9.91 -7.19
CA ASN A 120 9.49 -9.38 -6.05
C ASN A 120 10.33 -8.18 -6.48
N MET A 23 -14.56 -6.10 -8.72
CA MET A 23 -13.13 -6.42 -8.88
C MET A 23 -12.26 -5.38 -8.20
N LYS A 24 -11.48 -5.83 -7.23
CA LYS A 24 -10.50 -4.98 -6.58
C LYS A 24 -9.13 -5.31 -7.11
N SER A 25 -8.58 -4.42 -7.92
CA SER A 25 -7.33 -4.67 -8.63
C SER A 25 -6.14 -4.83 -7.67
N SER A 26 -5.56 -6.02 -7.67
CA SER A 26 -4.34 -6.29 -6.93
C SER A 26 -3.14 -6.03 -7.82
N ILE A 27 -2.21 -5.20 -7.36
CA ILE A 27 -1.10 -4.75 -8.19
C ILE A 27 0.22 -4.84 -7.43
N PRO A 28 1.28 -5.32 -8.10
CA PRO A 28 2.62 -5.42 -7.50
C PRO A 28 3.27 -4.05 -7.31
N ILE A 29 4.28 -4.00 -6.43
CA ILE A 29 4.92 -2.74 -6.07
C ILE A 29 5.63 -2.10 -7.27
N THR A 30 6.10 -2.91 -8.19
CA THR A 30 6.80 -2.42 -9.38
C THR A 30 5.92 -1.45 -10.17
N GLU A 31 4.61 -1.59 -10.05
CA GLU A 31 3.68 -0.71 -10.72
C GLU A 31 3.17 0.37 -9.76
N VAL A 32 2.84 -0.05 -8.55
CA VAL A 32 2.25 0.86 -7.56
C VAL A 32 3.23 1.97 -7.16
N LEU A 33 4.51 1.62 -7.07
CA LEU A 33 5.54 2.58 -6.67
C LEU A 33 5.51 3.86 -7.54
N PRO A 34 5.74 3.76 -8.86
CA PRO A 34 5.70 4.93 -9.74
C PRO A 34 4.30 5.52 -9.90
N ARG A 35 3.28 4.68 -9.69
CA ARG A 35 1.90 5.12 -9.85
C ARG A 35 1.34 5.72 -8.56
N ALA A 36 2.19 5.85 -7.55
CA ALA A 36 1.79 6.40 -6.28
C ALA A 36 2.00 7.91 -6.25
N VAL A 37 1.16 8.60 -5.50
CA VAL A 37 1.26 10.05 -5.36
C VAL A 37 1.60 10.42 -3.93
N GLY A 38 1.74 9.41 -3.09
CA GLY A 38 2.07 9.62 -1.71
C GLY A 38 2.54 8.33 -1.09
N SER A 39 3.44 8.42 -0.13
CA SER A 39 4.00 7.22 0.46
C SER A 39 4.24 7.41 1.96
N LEU A 40 3.74 6.48 2.75
CA LEU A 40 3.97 6.49 4.18
C LEU A 40 4.93 5.37 4.57
N THR A 41 6.07 5.76 5.10
CA THR A 41 7.08 4.80 5.52
C THR A 41 6.93 4.49 7.00
N PHE A 42 6.64 3.23 7.29
CA PHE A 42 6.48 2.79 8.66
C PHE A 42 7.62 1.87 9.08
N ASP A 43 7.84 1.82 10.38
CA ASP A 43 8.90 1.00 10.94
C ASP A 43 8.40 -0.41 11.21
N GLU A 44 9.33 -1.30 11.55
CA GLU A 44 8.99 -2.68 11.89
C GLU A 44 8.09 -2.75 13.12
N ASN A 45 8.16 -1.72 13.97
CA ASN A 45 7.30 -1.63 15.14
C ASN A 45 5.99 -0.93 14.77
N TYR A 46 5.81 -0.71 13.48
CA TYR A 46 4.59 -0.09 12.93
C TYR A 46 4.46 1.38 13.34
N ASN A 47 5.58 2.05 13.52
CA ASN A 47 5.56 3.48 13.81
C ASN A 47 5.91 4.29 12.58
N LEU A 48 5.30 5.45 12.43
CA LEU A 48 5.56 6.32 11.28
C LEU A 48 6.99 6.83 11.26
N LEU A 49 7.66 6.63 10.14
CA LEU A 49 9.02 7.12 9.95
C LEU A 49 9.04 8.30 8.98
N ASP A 50 8.48 8.09 7.79
CA ASP A 50 8.54 9.08 6.74
C ASP A 50 7.17 9.31 6.11
N THR A 51 6.89 10.56 5.78
CA THR A 51 5.67 10.92 5.10
C THR A 51 5.99 11.72 3.84
N SER A 52 5.61 11.20 2.69
CA SER A 52 5.93 11.84 1.42
C SER A 52 4.69 11.92 0.53
N GLY A 53 4.61 12.98 -0.27
CA GLY A 53 3.54 13.12 -1.23
C GLY A 53 2.21 13.45 -0.57
N VAL A 54 1.12 13.02 -1.21
CA VAL A 54 -0.23 13.30 -0.74
C VAL A 54 -0.48 12.74 0.66
N ALA A 55 0.36 11.80 1.07
CA ALA A 55 0.25 11.19 2.39
C ALA A 55 0.37 12.24 3.50
N LYS A 56 0.88 13.41 3.16
CA LYS A 56 1.03 14.48 4.11
C LYS A 56 -0.30 15.16 4.40
N VAL A 57 -1.12 15.34 3.36
CA VAL A 57 -2.43 15.98 3.52
C VAL A 57 -3.51 14.95 3.85
N ILE A 58 -3.15 13.68 3.74
CA ILE A 58 -4.01 12.59 4.20
C ILE A 58 -3.81 12.36 5.70
N GLU A 59 -4.90 12.25 6.43
CA GLU A 59 -4.84 12.04 7.88
C GLU A 59 -4.21 10.70 8.22
N LYS A 60 -3.54 10.64 9.36
CA LYS A 60 -2.88 9.42 9.78
C LYS A 60 -3.80 8.64 10.71
N SER A 61 -4.70 7.88 10.14
CA SER A 61 -5.57 7.00 10.89
C SER A 61 -4.80 5.75 11.35
N PRO A 62 -5.44 4.81 12.08
CA PRO A 62 -4.79 3.55 12.48
C PRO A 62 -4.46 2.65 11.28
N ILE A 63 -3.66 3.17 10.36
CA ILE A 63 -3.22 2.43 9.19
C ILE A 63 -2.25 1.33 9.59
N ALA A 64 -1.48 1.58 10.65
CA ALA A 64 -0.50 0.62 11.13
C ALA A 64 -1.17 -0.71 11.49
N GLU A 65 -2.36 -0.60 12.08
CA GLU A 65 -3.17 -1.76 12.40
C GLU A 65 -3.52 -2.55 11.15
N ILE A 66 -3.78 -1.83 10.07
CA ILE A 66 -4.14 -2.48 8.81
C ILE A 66 -2.90 -3.01 8.11
N ILE A 67 -1.75 -2.38 8.36
CA ILE A 67 -0.49 -2.80 7.79
C ILE A 67 -0.14 -4.22 8.24
N ARG A 68 -0.26 -4.46 9.54
CA ARG A 68 0.00 -5.77 10.10
C ARG A 68 -1.04 -6.80 9.63
N LYS A 69 -2.30 -6.38 9.56
CA LYS A 69 -3.35 -7.25 9.04
C LYS A 69 -3.02 -7.65 7.60
N SER A 70 -2.65 -6.67 6.80
CA SER A 70 -2.28 -6.90 5.42
C SER A 70 -0.97 -7.67 5.33
N ASN A 71 -0.15 -7.58 6.38
CA ASN A 71 1.11 -8.30 6.44
C ASN A 71 0.86 -9.80 6.45
N ALA A 72 -0.21 -10.20 7.11
CA ALA A 72 -0.61 -11.61 7.15
C ALA A 72 -1.39 -11.98 5.88
N GLU A 73 -2.00 -11.00 5.24
CA GLU A 73 -2.80 -11.23 4.05
C GLU A 73 -1.93 -11.36 2.79
N LEU A 74 -1.12 -10.34 2.54
CA LEU A 74 -0.40 -10.24 1.28
C LEU A 74 1.09 -10.53 1.45
N GLY A 75 1.83 -10.29 0.36
CA GLY A 75 3.27 -10.41 0.39
C GLY A 75 3.93 -9.39 -0.51
N ARG A 76 3.78 -9.57 -1.82
CA ARG A 76 4.40 -8.69 -2.81
C ARG A 76 3.36 -7.84 -3.53
N LEU A 77 2.09 -8.20 -3.37
CA LEU A 77 1.00 -7.46 -3.99
C LEU A 77 0.45 -6.45 -3.01
N GLY A 78 -0.04 -5.34 -3.53
CA GLY A 78 -0.55 -4.29 -2.69
C GLY A 78 -2.03 -4.41 -2.41
N TYR A 79 -2.38 -4.45 -1.12
CA TYR A 79 -3.76 -4.45 -0.69
C TYR A 79 -4.15 -3.04 -0.26
N SER A 80 -5.35 -2.64 -0.59
CA SER A 80 -5.83 -1.32 -0.23
C SER A 80 -6.14 -1.26 1.27
N VAL A 81 -5.30 -0.55 2.00
CA VAL A 81 -5.47 -0.43 3.44
C VAL A 81 -6.19 0.87 3.79
N TYR A 82 -6.02 1.86 2.94
CA TYR A 82 -6.65 3.15 3.14
C TYR A 82 -7.41 3.55 1.89
N GLU A 83 -8.71 3.37 1.90
CA GLU A 83 -9.51 3.63 0.72
C GLU A 83 -10.39 4.86 0.94
N ASP A 84 -10.03 5.94 0.26
CA ASP A 84 -10.74 7.19 0.37
C ASP A 84 -11.29 7.56 -0.99
N ALA A 85 -12.23 8.49 -1.03
CA ALA A 85 -12.87 8.89 -2.29
C ALA A 85 -11.87 9.55 -3.24
N GLN A 86 -10.76 10.03 -2.70
CA GLN A 86 -9.73 10.66 -3.51
C GLN A 86 -8.63 9.66 -3.88
N TYR A 87 -8.01 9.08 -2.87
CA TYR A 87 -6.86 8.21 -3.08
C TYR A 87 -7.01 6.90 -2.33
N ILE A 88 -6.19 5.93 -2.69
CA ILE A 88 -6.20 4.62 -2.07
C ILE A 88 -4.78 4.19 -1.72
N GLY A 89 -4.55 3.90 -0.45
CA GLY A 89 -3.24 3.48 0.00
C GLY A 89 -3.10 1.97 0.05
N HIS A 90 -1.93 1.47 -0.33
CA HIS A 90 -1.69 0.04 -0.37
C HIS A 90 -0.47 -0.31 0.47
N ALA A 91 -0.60 -1.33 1.32
CA ALA A 91 0.49 -1.73 2.20
C ALA A 91 1.41 -2.74 1.53
N PHE A 92 2.70 -2.43 1.50
CA PHE A 92 3.69 -3.35 0.98
C PHE A 92 4.71 -3.72 2.04
N LYS A 93 5.13 -4.97 2.02
CA LYS A 93 6.20 -5.43 2.90
C LYS A 93 7.55 -5.10 2.29
N LYS A 94 8.34 -4.33 3.01
CA LYS A 94 9.65 -3.91 2.53
C LYS A 94 10.73 -4.62 3.34
N ALA A 95 11.98 -4.35 3.00
CA ALA A 95 13.10 -4.96 3.70
C ALA A 95 13.18 -4.46 5.13
N GLY A 96 12.66 -5.27 6.05
CA GLY A 96 12.65 -4.92 7.46
C GLY A 96 11.75 -3.75 7.77
N HIS A 97 10.92 -3.36 6.81
CA HIS A 97 10.07 -2.18 6.97
C HIS A 97 8.71 -2.39 6.32
N PHE A 98 7.83 -1.43 6.55
CA PHE A 98 6.49 -1.46 6.01
C PHE A 98 6.16 -0.12 5.38
N ILE A 99 5.70 -0.11 4.14
CA ILE A 99 5.39 1.15 3.49
C ILE A 99 4.00 1.10 2.84
N VAL A 100 3.26 2.19 3.01
CA VAL A 100 1.95 2.31 2.40
C VAL A 100 1.99 3.33 1.27
N TYR A 101 1.85 2.84 0.05
CA TYR A 101 1.88 3.70 -1.12
C TYR A 101 0.47 4.12 -1.50
N PHE A 102 0.24 5.43 -1.52
CA PHE A 102 -1.05 5.99 -1.84
C PHE A 102 -1.15 6.32 -3.31
N THR A 103 -2.05 5.64 -3.99
CA THR A 103 -2.30 5.89 -5.40
C THR A 103 -3.68 6.48 -5.57
N PRO A 104 -3.87 7.42 -6.49
CA PRO A 104 -5.19 8.01 -6.74
C PRO A 104 -6.18 6.93 -7.13
N LYS A 105 -7.43 7.06 -6.67
CA LYS A 105 -8.49 6.08 -6.99
C LYS A 105 -8.48 5.73 -8.47
N ASN A 106 -7.99 4.53 -8.78
CA ASN A 106 -7.93 4.08 -10.16
C ASN A 106 -8.30 2.61 -10.22
N LYS A 107 -9.15 2.26 -11.16
CA LYS A 107 -9.59 0.89 -11.33
C LYS A 107 -9.73 0.58 -12.82
N ASN A 108 -8.98 -0.41 -13.27
CA ASN A 108 -8.99 -0.79 -14.68
C ASN A 108 -9.75 -2.11 -14.85
N ARG A 109 -9.71 -2.69 -16.04
CA ARG A 109 -10.43 -3.92 -16.32
C ARG A 109 -9.59 -5.14 -15.97
N GLU A 110 -8.76 -5.00 -14.93
CA GLU A 110 -7.82 -6.05 -14.52
C GLU A 110 -6.76 -6.26 -15.61
N GLY A 111 -7.07 -7.09 -16.59
CA GLY A 111 -6.18 -7.30 -17.72
C GLY A 111 -4.90 -8.01 -17.35
N VAL A 112 -3.84 -7.22 -17.17
CA VAL A 112 -2.52 -7.76 -16.89
C VAL A 112 -2.31 -8.00 -15.40
N VAL A 113 -3.20 -8.81 -14.83
CA VAL A 113 -3.14 -9.11 -13.41
C VAL A 113 -1.94 -9.98 -13.06
N PRO A 114 -1.32 -9.71 -11.90
CA PRO A 114 -0.20 -10.50 -11.40
C PRO A 114 -0.65 -11.85 -10.84
N PRO A 115 0.27 -12.81 -10.73
CA PRO A 115 -0.01 -14.10 -10.10
C PRO A 115 -0.45 -13.92 -8.65
N VAL A 116 -1.68 -14.32 -8.36
CA VAL A 116 -2.25 -14.15 -7.03
C VAL A 116 -1.69 -15.19 -6.06
N GLY A 117 -1.30 -14.72 -4.89
CA GLY A 117 -0.77 -15.61 -3.87
C GLY A 117 0.36 -14.98 -3.11
N ILE A 118 1.07 -15.78 -2.33
CA ILE A 118 2.21 -15.31 -1.56
C ILE A 118 3.50 -15.60 -2.32
N THR A 119 4.31 -14.57 -2.51
CA THR A 119 5.53 -14.69 -3.29
C THR A 119 6.66 -15.27 -2.46
N ASN A 120 6.54 -16.55 -2.11
CA ASN A 120 7.59 -17.26 -1.42
C ASN A 120 8.34 -18.14 -2.40
N MET A 23 -10.48 -10.47 -9.58
CA MET A 23 -10.52 -9.12 -8.99
C MET A 23 -10.06 -9.16 -7.54
N LYS A 24 -8.95 -8.47 -7.26
CA LYS A 24 -8.40 -8.40 -5.91
C LYS A 24 -8.06 -6.96 -5.54
N SER A 25 -7.63 -6.76 -4.31
CA SER A 25 -7.26 -5.43 -3.84
C SER A 25 -5.74 -5.29 -3.80
N SER A 26 -5.05 -6.41 -3.60
CA SER A 26 -3.60 -6.41 -3.49
C SER A 26 -2.96 -6.32 -4.87
N ILE A 27 -2.39 -5.16 -5.16
CA ILE A 27 -1.76 -4.90 -6.45
C ILE A 27 -0.24 -4.84 -6.27
N PRO A 28 0.54 -5.45 -7.19
CA PRO A 28 2.00 -5.50 -7.10
C PRO A 28 2.63 -4.11 -7.08
N ILE A 29 3.77 -4.01 -6.40
CA ILE A 29 4.44 -2.72 -6.20
C ILE A 29 4.95 -2.15 -7.52
N THR A 30 5.27 -3.01 -8.48
CA THR A 30 5.77 -2.56 -9.77
C THR A 30 4.73 -1.69 -10.47
N GLU A 31 3.47 -1.83 -10.08
CA GLU A 31 2.39 -1.02 -10.63
C GLU A 31 2.12 0.20 -9.73
N VAL A 32 1.96 -0.08 -8.46
CA VAL A 32 1.54 0.94 -7.49
C VAL A 32 2.61 1.99 -7.28
N LEU A 33 3.87 1.57 -7.25
CA LEU A 33 4.99 2.48 -6.99
C LEU A 33 4.99 3.68 -7.95
N PRO A 34 5.16 3.48 -9.28
CA PRO A 34 5.19 4.58 -10.24
C PRO A 34 3.86 5.31 -10.34
N ARG A 35 2.76 4.61 -10.07
CA ARG A 35 1.44 5.22 -10.16
C ARG A 35 1.00 5.83 -8.83
N ALA A 36 1.91 5.86 -7.86
CA ALA A 36 1.59 6.43 -6.56
C ALA A 36 1.91 7.91 -6.50
N VAL A 37 1.19 8.63 -5.64
CA VAL A 37 1.38 10.06 -5.48
C VAL A 37 1.69 10.41 -4.03
N GLY A 38 1.84 9.39 -3.20
CA GLY A 38 2.13 9.60 -1.80
C GLY A 38 2.63 8.32 -1.18
N SER A 39 3.49 8.42 -0.18
CA SER A 39 4.07 7.24 0.42
C SER A 39 4.28 7.44 1.91
N LEU A 40 3.83 6.47 2.70
CA LEU A 40 4.04 6.48 4.13
C LEU A 40 5.05 5.42 4.54
N THR A 41 6.15 5.85 5.12
CA THR A 41 7.20 4.94 5.55
C THR A 41 6.98 4.55 7.01
N PHE A 42 6.69 3.28 7.24
CA PHE A 42 6.49 2.74 8.58
C PHE A 42 7.63 1.80 8.95
N ASP A 43 7.88 1.70 10.24
CA ASP A 43 8.90 0.80 10.77
C ASP A 43 8.33 -0.59 10.96
N GLU A 44 9.20 -1.56 11.19
CA GLU A 44 8.79 -2.94 11.43
C GLU A 44 7.91 -3.03 12.68
N ASN A 45 8.07 -2.07 13.59
CA ASN A 45 7.26 -2.00 14.80
C ASN A 45 5.97 -1.24 14.54
N TYR A 46 5.67 -1.03 13.26
CA TYR A 46 4.41 -0.43 12.81
C TYR A 46 4.25 1.02 13.28
N ASN A 47 5.37 1.73 13.40
CA ASN A 47 5.32 3.15 13.72
C ASN A 47 5.73 3.99 12.53
N LEU A 48 5.10 5.15 12.38
CA LEU A 48 5.38 6.05 11.28
C LEU A 48 6.80 6.61 11.39
N LEU A 49 7.55 6.49 10.30
CA LEU A 49 8.90 7.03 10.24
C LEU A 49 8.92 8.32 9.43
N ASP A 50 8.41 8.24 8.21
CA ASP A 50 8.51 9.35 7.26
C ASP A 50 7.25 9.43 6.40
N THR A 51 6.86 10.65 6.05
CA THR A 51 5.66 10.88 5.26
C THR A 51 5.98 11.70 4.01
N SER A 52 5.66 11.17 2.84
CA SER A 52 5.95 11.85 1.58
C SER A 52 4.72 11.90 0.69
N GLY A 53 4.66 12.92 -0.17
CA GLY A 53 3.59 13.02 -1.15
C GLY A 53 2.28 13.43 -0.54
N VAL A 54 1.18 13.00 -1.16
CA VAL A 54 -0.15 13.34 -0.70
C VAL A 54 -0.42 12.75 0.69
N ALA A 55 0.37 11.76 1.08
CA ALA A 55 0.22 11.13 2.37
C ALA A 55 0.37 12.13 3.51
N LYS A 56 0.97 13.28 3.21
CA LYS A 56 1.16 14.31 4.20
C LYS A 56 -0.15 15.03 4.50
N VAL A 57 -0.94 15.31 3.47
CA VAL A 57 -2.20 16.02 3.65
C VAL A 57 -3.32 15.05 3.99
N ILE A 58 -3.07 13.76 3.78
CA ILE A 58 -4.01 12.72 4.18
C ILE A 58 -3.88 12.46 5.69
N GLU A 59 -5.01 12.20 6.33
CA GLU A 59 -5.04 11.99 7.78
C GLU A 59 -4.39 10.67 8.17
N LYS A 60 -3.78 10.66 9.33
CA LYS A 60 -3.09 9.47 9.81
C LYS A 60 -4.04 8.57 10.59
N SER A 61 -4.77 7.75 9.87
CA SER A 61 -5.64 6.75 10.46
C SER A 61 -4.82 5.60 11.06
N PRO A 62 -5.46 4.66 11.78
CA PRO A 62 -4.79 3.45 12.31
C PRO A 62 -4.36 2.50 11.18
N ILE A 63 -3.62 3.05 10.22
CA ILE A 63 -3.16 2.30 9.07
C ILE A 63 -2.26 1.14 9.49
N ALA A 64 -1.51 1.35 10.58
CA ALA A 64 -0.63 0.31 11.12
C ALA A 64 -1.39 -0.98 11.40
N GLU A 65 -2.64 -0.81 11.85
CA GLU A 65 -3.52 -1.94 12.12
C GLU A 65 -3.79 -2.72 10.85
N ILE A 66 -3.96 -2.01 9.74
CA ILE A 66 -4.25 -2.65 8.48
C ILE A 66 -2.96 -3.18 7.86
N ILE A 67 -1.84 -2.52 8.18
CA ILE A 67 -0.54 -2.95 7.69
C ILE A 67 -0.20 -4.34 8.19
N ARG A 68 -0.40 -4.56 9.49
CA ARG A 68 -0.14 -5.86 10.09
C ARG A 68 -1.07 -6.92 9.53
N LYS A 69 -2.35 -6.58 9.39
CA LYS A 69 -3.33 -7.51 8.81
C LYS A 69 -2.92 -7.88 7.39
N SER A 70 -2.56 -6.89 6.59
CA SER A 70 -2.14 -7.10 5.22
C SER A 70 -0.80 -7.85 5.19
N ASN A 71 0.01 -7.64 6.21
CA ASN A 71 1.32 -8.28 6.30
C ASN A 71 1.16 -9.80 6.42
N ALA A 72 0.09 -10.21 7.09
CA ALA A 72 -0.22 -11.62 7.22
C ALA A 72 -0.87 -12.16 5.95
N GLU A 73 -1.56 -11.28 5.22
CA GLU A 73 -2.24 -11.67 4.00
C GLU A 73 -1.27 -11.85 2.83
N LEU A 74 -0.44 -10.84 2.60
CA LEU A 74 0.37 -10.80 1.37
C LEU A 74 1.86 -10.71 1.66
N GLY A 75 2.64 -10.59 0.57
CA GLY A 75 4.05 -10.37 0.68
C GLY A 75 4.51 -9.21 -0.20
N ARG A 76 4.48 -9.43 -1.51
CA ARG A 76 4.99 -8.43 -2.45
C ARG A 76 3.87 -7.53 -2.99
N LEU A 77 2.63 -7.88 -2.68
CA LEU A 77 1.48 -7.11 -3.15
C LEU A 77 1.18 -5.95 -2.22
N GLY A 78 0.33 -5.04 -2.68
CA GLY A 78 -0.08 -3.92 -1.87
C GLY A 78 -1.56 -3.89 -1.63
N TYR A 79 -1.96 -4.33 -0.45
CA TYR A 79 -3.37 -4.37 -0.05
C TYR A 79 -3.84 -2.96 0.28
N SER A 80 -5.02 -2.60 -0.22
CA SER A 80 -5.56 -1.27 0.05
C SER A 80 -5.93 -1.16 1.53
N VAL A 81 -5.17 -0.37 2.25
CA VAL A 81 -5.34 -0.21 3.69
C VAL A 81 -6.18 1.03 4.00
N TYR A 82 -6.04 2.04 3.16
CA TYR A 82 -6.77 3.29 3.35
C TYR A 82 -7.44 3.70 2.05
N GLU A 83 -8.75 3.68 2.02
CA GLU A 83 -9.48 4.11 0.84
C GLU A 83 -10.19 5.42 1.10
N ASP A 84 -9.72 6.46 0.43
CA ASP A 84 -10.30 7.78 0.57
C ASP A 84 -11.14 8.05 -0.66
N ALA A 85 -11.83 9.18 -0.71
CA ALA A 85 -12.60 9.52 -1.90
C ALA A 85 -11.67 10.06 -2.97
N GLN A 86 -10.46 10.41 -2.55
CA GLN A 86 -9.46 10.96 -3.43
C GLN A 86 -8.41 9.92 -3.82
N TYR A 87 -7.78 9.33 -2.82
CA TYR A 87 -6.65 8.42 -3.06
C TYR A 87 -6.83 7.11 -2.29
N ILE A 88 -6.03 6.12 -2.63
CA ILE A 88 -6.08 4.82 -1.97
C ILE A 88 -4.67 4.39 -1.57
N GLY A 89 -4.50 4.04 -0.30
CA GLY A 89 -3.22 3.61 0.20
C GLY A 89 -3.08 2.10 0.21
N HIS A 90 -1.91 1.61 -0.13
CA HIS A 90 -1.66 0.18 -0.21
C HIS A 90 -0.44 -0.18 0.63
N ALA A 91 -0.56 -1.19 1.49
CA ALA A 91 0.56 -1.60 2.34
C ALA A 91 1.46 -2.58 1.62
N PHE A 92 2.73 -2.23 1.53
CA PHE A 92 3.72 -3.10 0.90
C PHE A 92 4.76 -3.53 1.91
N LYS A 93 5.18 -4.78 1.81
CA LYS A 93 6.29 -5.28 2.61
C LYS A 93 7.61 -4.92 1.95
N LYS A 94 8.41 -4.16 2.66
CA LYS A 94 9.68 -3.68 2.14
C LYS A 94 10.82 -4.35 2.91
N ALA A 95 12.04 -4.05 2.51
CA ALA A 95 13.22 -4.64 3.17
C ALA A 95 13.31 -4.20 4.63
N GLY A 96 12.79 -5.03 5.52
CA GLY A 96 12.82 -4.75 6.94
C GLY A 96 11.94 -3.58 7.34
N HIS A 97 11.07 -3.15 6.44
CA HIS A 97 10.20 -2.01 6.69
C HIS A 97 8.83 -2.22 6.05
N PHE A 98 7.91 -1.32 6.34
CA PHE A 98 6.59 -1.35 5.77
C PHE A 98 6.27 0.00 5.17
N ILE A 99 5.89 0.05 3.90
CA ILE A 99 5.59 1.32 3.26
C ILE A 99 4.22 1.28 2.61
N VAL A 100 3.45 2.32 2.84
CA VAL A 100 2.11 2.44 2.28
C VAL A 100 2.11 3.45 1.15
N TYR A 101 1.95 2.96 -0.07
CA TYR A 101 1.92 3.82 -1.24
C TYR A 101 0.48 4.22 -1.56
N PHE A 102 0.26 5.52 -1.69
CA PHE A 102 -1.05 6.07 -1.99
C PHE A 102 -1.17 6.40 -3.47
N THR A 103 -2.15 5.82 -4.12
CA THR A 103 -2.39 6.07 -5.53
C THR A 103 -3.70 6.83 -5.72
N PRO A 104 -3.83 7.59 -6.83
CA PRO A 104 -5.04 8.40 -7.11
C PRO A 104 -6.27 7.57 -7.46
N LYS A 105 -6.61 6.63 -6.58
CA LYS A 105 -7.79 5.77 -6.73
C LYS A 105 -7.79 5.01 -8.05
N ASN A 106 -6.63 4.86 -8.65
CA ASN A 106 -6.50 4.20 -9.93
C ASN A 106 -6.35 2.69 -9.76
N LYS A 107 -7.37 1.97 -10.19
CA LYS A 107 -7.42 0.52 -10.07
C LYS A 107 -6.94 -0.13 -11.37
N ASN A 108 -6.05 0.58 -12.07
CA ASN A 108 -5.57 0.19 -13.40
C ASN A 108 -6.68 0.42 -14.43
N ARG A 109 -6.31 0.53 -15.69
CA ARG A 109 -7.26 0.79 -16.76
C ARG A 109 -8.42 -0.21 -16.76
N GLU A 110 -8.11 -1.48 -17.04
CA GLU A 110 -9.16 -2.50 -17.08
C GLU A 110 -8.57 -3.91 -17.19
N GLY A 111 -9.24 -4.86 -16.55
CA GLY A 111 -8.89 -6.26 -16.69
C GLY A 111 -7.56 -6.61 -16.06
N VAL A 112 -7.35 -6.16 -14.84
CA VAL A 112 -6.12 -6.44 -14.13
C VAL A 112 -6.33 -7.46 -13.01
N VAL A 113 -5.68 -8.60 -13.15
CA VAL A 113 -5.69 -9.61 -12.10
C VAL A 113 -4.27 -9.88 -11.64
N PRO A 114 -3.86 -9.25 -10.54
CA PRO A 114 -2.50 -9.36 -10.02
C PRO A 114 -2.16 -10.77 -9.56
N PRO A 115 -0.97 -11.26 -9.91
CA PRO A 115 -0.48 -12.57 -9.51
C PRO A 115 -0.03 -12.59 -8.05
N VAL A 116 -0.39 -13.65 -7.34
CA VAL A 116 0.01 -13.80 -5.95
C VAL A 116 1.52 -13.97 -5.83
N GLY A 117 2.09 -13.33 -4.83
CA GLY A 117 3.53 -13.41 -4.63
C GLY A 117 3.95 -12.82 -3.29
N ILE A 118 4.70 -13.58 -2.53
CA ILE A 118 5.23 -13.11 -1.26
C ILE A 118 6.72 -12.79 -1.41
N THR A 119 7.42 -13.63 -2.17
CA THR A 119 8.81 -13.40 -2.52
C THR A 119 9.36 -14.65 -3.22
N ASN A 120 9.00 -15.82 -2.69
CA ASN A 120 9.34 -17.13 -3.28
C ASN A 120 9.03 -18.21 -2.25
N MET A 23 -13.11 -4.15 -6.93
CA MET A 23 -12.83 -5.54 -6.49
C MET A 23 -11.58 -5.56 -5.62
N LYS A 24 -11.27 -6.72 -5.05
CA LYS A 24 -10.10 -6.87 -4.20
C LYS A 24 -8.83 -6.85 -5.03
N SER A 25 -8.14 -5.73 -5.02
CA SER A 25 -6.96 -5.55 -5.85
C SER A 25 -5.70 -5.37 -5.02
N SER A 26 -4.94 -6.45 -4.85
CA SER A 26 -3.63 -6.39 -4.24
C SER A 26 -2.59 -6.22 -5.35
N ILE A 27 -2.12 -5.00 -5.52
CA ILE A 27 -1.35 -4.63 -6.71
C ILE A 27 0.15 -4.64 -6.43
N PRO A 28 0.95 -5.22 -7.35
CA PRO A 28 2.41 -5.26 -7.25
C PRO A 28 3.03 -3.88 -7.10
N ILE A 29 4.18 -3.81 -6.43
CA ILE A 29 4.86 -2.54 -6.19
C ILE A 29 5.38 -1.96 -7.49
N THR A 30 5.74 -2.82 -8.43
CA THR A 30 6.17 -2.40 -9.75
C THR A 30 5.12 -1.50 -10.41
N GLU A 31 3.85 -1.75 -10.08
CA GLU A 31 2.76 -0.97 -10.63
C GLU A 31 2.46 0.22 -9.74
N VAL A 32 2.32 -0.04 -8.44
CA VAL A 32 1.87 0.98 -7.50
C VAL A 32 2.90 2.08 -7.29
N LEU A 33 4.18 1.71 -7.29
CA LEU A 33 5.26 2.67 -7.07
C LEU A 33 5.16 3.89 -8.01
N PRO A 34 5.23 3.71 -9.34
CA PRO A 34 5.10 4.82 -10.28
C PRO A 34 3.69 5.42 -10.32
N ARG A 35 2.69 4.58 -10.05
CA ARG A 35 1.30 5.01 -10.10
C ARG A 35 0.86 5.63 -8.77
N ALA A 36 1.82 5.90 -7.89
CA ALA A 36 1.52 6.48 -6.60
C ALA A 36 1.86 7.96 -6.57
N VAL A 37 1.16 8.70 -5.74
CA VAL A 37 1.40 10.14 -5.58
C VAL A 37 1.80 10.48 -4.15
N GLY A 38 1.89 9.46 -3.31
CA GLY A 38 2.30 9.64 -1.95
C GLY A 38 2.70 8.34 -1.30
N SER A 39 3.38 8.42 -0.17
CA SER A 39 3.80 7.23 0.54
C SER A 39 3.99 7.50 2.03
N LEU A 40 3.67 6.50 2.84
CA LEU A 40 3.92 6.55 4.25
C LEU A 40 4.88 5.44 4.65
N THR A 41 6.04 5.81 5.12
CA THR A 41 7.06 4.84 5.49
C THR A 41 6.95 4.49 6.97
N PHE A 42 6.49 3.29 7.26
CA PHE A 42 6.39 2.79 8.61
C PHE A 42 7.55 1.84 8.92
N ASP A 43 7.81 1.65 10.19
CA ASP A 43 8.83 0.70 10.62
C ASP A 43 8.18 -0.65 10.90
N GLU A 44 8.99 -1.68 11.15
CA GLU A 44 8.47 -2.98 11.49
C GLU A 44 7.82 -2.96 12.87
N ASN A 45 8.13 -1.94 13.66
CA ASN A 45 7.44 -1.72 14.94
C ASN A 45 6.16 -0.93 14.70
N TYR A 46 5.81 -0.75 13.42
CA TYR A 46 4.58 -0.11 13.00
C TYR A 46 4.52 1.36 13.40
N ASN A 47 5.68 1.99 13.51
CA ASN A 47 5.74 3.42 13.80
C ASN A 47 5.99 4.19 12.51
N LEU A 48 5.31 5.33 12.37
CA LEU A 48 5.43 6.15 11.18
C LEU A 48 6.79 6.86 11.16
N LEU A 49 7.60 6.55 10.14
CA LEU A 49 8.94 7.12 10.04
C LEU A 49 8.95 8.32 9.11
N ASP A 50 8.45 8.13 7.90
CA ASP A 50 8.52 9.17 6.87
C ASP A 50 7.17 9.39 6.21
N THR A 51 6.86 10.63 5.92
CA THR A 51 5.63 10.97 5.22
C THR A 51 5.97 11.76 3.95
N SER A 52 5.64 11.21 2.79
CA SER A 52 5.98 11.85 1.53
C SER A 52 4.78 11.88 0.59
N GLY A 53 4.74 12.89 -0.27
CA GLY A 53 3.68 13.01 -1.25
C GLY A 53 2.37 13.46 -0.63
N VAL A 54 1.27 13.04 -1.22
CA VAL A 54 -0.06 13.42 -0.75
C VAL A 54 -0.33 12.85 0.64
N ALA A 55 0.45 11.85 1.03
CA ALA A 55 0.28 11.21 2.34
C ALA A 55 0.49 12.21 3.49
N LYS A 56 1.05 13.37 3.15
CA LYS A 56 1.29 14.40 4.15
C LYS A 56 -0.01 15.10 4.54
N VAL A 57 -0.94 15.20 3.59
CA VAL A 57 -2.22 15.84 3.85
C VAL A 57 -3.28 14.82 4.22
N ILE A 58 -3.06 13.58 3.80
CA ILE A 58 -3.96 12.49 4.14
C ILE A 58 -3.80 12.11 5.60
N GLU A 59 -4.93 11.88 6.27
CA GLU A 59 -4.93 11.51 7.68
C GLU A 59 -4.40 10.10 7.86
N LYS A 60 -3.82 9.85 9.02
CA LYS A 60 -3.07 8.62 9.25
C LYS A 60 -3.98 7.43 9.55
N SER A 61 -5.01 7.63 10.36
CA SER A 61 -6.01 6.59 10.59
C SER A 61 -5.39 5.33 11.23
N PRO A 62 -6.18 4.26 11.48
CA PRO A 62 -5.64 2.97 11.97
C PRO A 62 -4.94 2.17 10.87
N ILE A 63 -4.11 2.83 10.08
CA ILE A 63 -3.38 2.17 9.00
C ILE A 63 -2.41 1.13 9.56
N ALA A 64 -1.81 1.43 10.71
CA ALA A 64 -0.85 0.52 11.32
C ALA A 64 -1.47 -0.84 11.60
N GLU A 65 -2.71 -0.81 12.06
CA GLU A 65 -3.48 -2.03 12.32
C GLU A 65 -3.68 -2.81 11.01
N ILE A 66 -3.91 -2.08 9.93
CA ILE A 66 -4.16 -2.72 8.65
C ILE A 66 -2.85 -3.19 8.01
N ILE A 67 -1.76 -2.50 8.34
CA ILE A 67 -0.45 -2.87 7.82
C ILE A 67 -0.05 -4.27 8.28
N ARG A 68 -0.25 -4.54 9.57
CA ARG A 68 0.08 -5.84 10.12
C ARG A 68 -0.88 -6.92 9.60
N LYS A 69 -2.15 -6.56 9.48
CA LYS A 69 -3.14 -7.47 8.91
C LYS A 69 -2.77 -7.82 7.48
N SER A 70 -2.43 -6.81 6.69
CA SER A 70 -2.03 -7.01 5.31
C SER A 70 -0.68 -7.69 5.24
N ASN A 71 0.09 -7.63 6.33
CA ASN A 71 1.37 -8.31 6.38
C ASN A 71 1.17 -9.83 6.42
N ALA A 72 0.07 -10.22 7.05
CA ALA A 72 -0.33 -11.63 7.07
C ALA A 72 -0.95 -12.02 5.74
N GLU A 73 -1.55 -11.03 5.08
CA GLU A 73 -2.17 -11.23 3.78
C GLU A 73 -1.14 -11.41 2.68
N LEU A 74 -0.07 -10.61 2.74
CA LEU A 74 0.86 -10.53 1.64
C LEU A 74 2.28 -10.22 2.11
N GLY A 75 3.20 -10.24 1.15
CA GLY A 75 4.56 -9.81 1.41
C GLY A 75 5.16 -9.09 0.21
N ARG A 76 4.47 -9.15 -0.92
CA ARG A 76 4.95 -8.55 -2.16
C ARG A 76 3.91 -7.61 -2.76
N LEU A 77 2.63 -7.94 -2.60
CA LEU A 77 1.57 -7.12 -3.16
C LEU A 77 1.25 -5.93 -2.26
N GLY A 78 0.46 -5.00 -2.76
CA GLY A 78 0.04 -3.87 -1.97
C GLY A 78 -1.45 -3.90 -1.69
N TYR A 79 -1.79 -4.26 -0.46
CA TYR A 79 -3.19 -4.34 -0.04
C TYR A 79 -3.70 -2.95 0.27
N SER A 80 -4.89 -2.62 -0.21
CA SER A 80 -5.48 -1.32 0.06
C SER A 80 -5.83 -1.19 1.54
N VAL A 81 -5.07 -0.37 2.24
CA VAL A 81 -5.27 -0.19 3.67
C VAL A 81 -6.14 1.03 3.95
N TYR A 82 -6.05 2.01 3.06
CA TYR A 82 -6.84 3.22 3.21
C TYR A 82 -7.37 3.67 1.85
N GLU A 83 -8.63 3.37 1.59
CA GLU A 83 -9.27 3.82 0.37
C GLU A 83 -10.12 5.06 0.66
N ASP A 84 -9.68 6.17 0.11
CA ASP A 84 -10.34 7.45 0.32
C ASP A 84 -11.02 7.84 -0.98
N ALA A 85 -11.87 8.84 -0.94
CA ALA A 85 -12.55 9.29 -2.14
C ALA A 85 -11.56 9.95 -3.10
N GLN A 86 -10.43 10.38 -2.56
CA GLN A 86 -9.39 11.02 -3.35
C GLN A 86 -8.33 10.01 -3.79
N TYR A 87 -7.74 9.31 -2.83
CA TYR A 87 -6.61 8.43 -3.10
C TYR A 87 -6.76 7.10 -2.37
N ILE A 88 -5.92 6.13 -2.71
CA ILE A 88 -5.96 4.81 -2.09
C ILE A 88 -4.57 4.38 -1.64
N GLY A 89 -4.44 4.07 -0.36
CA GLY A 89 -3.16 3.64 0.17
C GLY A 89 -3.03 2.13 0.17
N HIS A 90 -1.84 1.65 -0.15
CA HIS A 90 -1.57 0.22 -0.22
C HIS A 90 -0.35 -0.13 0.62
N ALA A 91 -0.47 -1.14 1.49
CA ALA A 91 0.64 -1.54 2.35
C ALA A 91 1.57 -2.52 1.65
N PHE A 92 2.84 -2.15 1.59
CA PHE A 92 3.86 -3.02 1.02
C PHE A 92 4.86 -3.42 2.10
N LYS A 93 5.30 -4.67 2.04
CA LYS A 93 6.35 -5.15 2.93
C LYS A 93 7.71 -4.76 2.38
N LYS A 94 8.49 -4.09 3.20
CA LYS A 94 9.83 -3.65 2.80
C LYS A 94 10.87 -4.29 3.70
N ALA A 95 12.14 -3.99 3.44
CA ALA A 95 13.22 -4.55 4.23
C ALA A 95 13.20 -3.99 5.65
N GLY A 96 12.64 -4.76 6.57
CA GLY A 96 12.53 -4.34 7.95
C GLY A 96 11.59 -3.17 8.14
N HIS A 97 10.80 -2.88 7.13
CA HIS A 97 9.91 -1.72 7.15
C HIS A 97 8.59 -2.05 6.48
N PHE A 98 7.63 -1.14 6.59
CA PHE A 98 6.34 -1.28 5.95
C PHE A 98 5.93 0.05 5.34
N ILE A 99 5.80 0.09 4.03
CA ILE A 99 5.50 1.36 3.37
C ILE A 99 4.15 1.32 2.68
N VAL A 100 3.36 2.37 2.89
CA VAL A 100 2.05 2.49 2.29
C VAL A 100 2.07 3.49 1.15
N TYR A 101 1.90 2.99 -0.07
CA TYR A 101 1.89 3.84 -1.24
C TYR A 101 0.47 4.29 -1.58
N PHE A 102 0.29 5.59 -1.68
CA PHE A 102 -1.01 6.17 -1.96
C PHE A 102 -1.13 6.51 -3.44
N THR A 103 -2.07 5.84 -4.10
CA THR A 103 -2.31 6.04 -5.51
C THR A 103 -3.60 6.83 -5.73
N PRO A 104 -3.64 7.70 -6.75
CA PRO A 104 -4.84 8.48 -7.08
C PRO A 104 -5.98 7.63 -7.66
N LYS A 105 -6.47 6.71 -6.84
CA LYS A 105 -7.59 5.82 -7.19
C LYS A 105 -7.41 5.11 -8.53
N ASN A 106 -6.19 4.84 -8.95
CA ASN A 106 -5.97 4.04 -10.16
C ASN A 106 -5.97 2.55 -9.79
N LYS A 107 -6.99 2.16 -9.03
CA LYS A 107 -7.13 0.79 -8.56
C LYS A 107 -7.39 -0.15 -9.74
N ASN A 108 -8.12 0.35 -10.72
CA ASN A 108 -8.35 -0.39 -11.95
C ASN A 108 -8.49 0.57 -13.13
N ARG A 109 -7.86 0.22 -14.23
CA ARG A 109 -7.99 1.00 -15.47
C ARG A 109 -8.24 0.03 -16.62
N GLU A 110 -7.23 -0.75 -16.92
CA GLU A 110 -7.31 -1.81 -17.91
C GLU A 110 -6.58 -3.02 -17.36
N GLY A 111 -5.89 -3.77 -18.21
CA GLY A 111 -5.13 -4.92 -17.73
C GLY A 111 -3.84 -4.52 -17.03
N VAL A 112 -3.95 -3.61 -16.08
CA VAL A 112 -2.81 -3.16 -15.28
C VAL A 112 -2.98 -3.63 -13.84
N VAL A 113 -3.80 -4.64 -13.67
CA VAL A 113 -3.99 -5.29 -12.39
C VAL A 113 -2.92 -6.34 -12.18
N PRO A 114 -2.72 -6.79 -10.92
CA PRO A 114 -1.72 -7.81 -10.57
C PRO A 114 -1.67 -8.97 -11.57
N PRO A 115 -0.53 -9.14 -12.26
CA PRO A 115 -0.35 -10.21 -13.23
C PRO A 115 -0.34 -11.58 -12.57
N VAL A 116 -1.42 -12.33 -12.80
CA VAL A 116 -1.55 -13.65 -12.20
C VAL A 116 -0.53 -14.62 -12.78
N GLY A 117 0.30 -15.18 -11.91
CA GLY A 117 1.33 -16.09 -12.34
C GLY A 117 2.26 -16.43 -11.19
N ILE A 118 3.30 -15.62 -11.03
CA ILE A 118 4.19 -15.75 -9.90
C ILE A 118 3.71 -14.87 -8.75
N THR A 119 3.16 -15.49 -7.71
CA THR A 119 2.62 -14.77 -6.56
C THR A 119 1.36 -13.98 -6.96
N ASN A 120 0.20 -14.46 -6.54
CA ASN A 120 -1.06 -13.81 -6.89
C ASN A 120 -1.87 -13.46 -5.65
N MET A 23 -11.18 -9.92 -8.23
CA MET A 23 -10.33 -8.71 -8.34
C MET A 23 -9.11 -8.81 -7.45
N LYS A 24 -9.34 -8.80 -6.13
CA LYS A 24 -8.27 -8.76 -5.13
C LYS A 24 -7.52 -7.42 -5.21
N SER A 25 -7.71 -6.60 -4.19
CA SER A 25 -7.16 -5.25 -4.17
C SER A 25 -5.70 -5.25 -3.70
N SER A 26 -5.02 -6.37 -3.90
CA SER A 26 -3.59 -6.46 -3.61
C SER A 26 -2.80 -6.37 -4.90
N ILE A 27 -2.22 -5.22 -5.14
CA ILE A 27 -1.59 -4.90 -6.42
C ILE A 27 -0.07 -4.95 -6.30
N PRO A 28 0.63 -5.46 -7.33
CA PRO A 28 2.10 -5.49 -7.32
C PRO A 28 2.70 -4.09 -7.30
N ILE A 29 3.87 -3.97 -6.71
CA ILE A 29 4.50 -2.66 -6.51
C ILE A 29 4.98 -2.09 -7.84
N THR A 30 5.24 -2.97 -8.80
CA THR A 30 5.70 -2.55 -10.12
C THR A 30 4.66 -1.64 -10.79
N GLU A 31 3.41 -1.75 -10.36
CA GLU A 31 2.34 -0.91 -10.87
C GLU A 31 2.09 0.27 -9.95
N VAL A 32 1.97 -0.03 -8.66
CA VAL A 32 1.60 0.96 -7.66
C VAL A 32 2.69 2.01 -7.46
N LEU A 33 3.95 1.57 -7.46
CA LEU A 33 5.08 2.46 -7.23
C LEU A 33 5.06 3.68 -8.15
N PRO A 34 5.13 3.51 -9.49
CA PRO A 34 5.10 4.63 -10.42
C PRO A 34 3.78 5.39 -10.40
N ARG A 35 2.67 4.67 -10.17
CA ARG A 35 1.35 5.28 -10.19
C ARG A 35 0.95 5.82 -8.82
N ALA A 36 1.91 5.93 -7.91
CA ALA A 36 1.65 6.45 -6.58
C ALA A 36 1.91 7.95 -6.53
N VAL A 37 1.16 8.64 -5.70
CA VAL A 37 1.30 10.08 -5.54
C VAL A 37 1.69 10.42 -4.10
N GLY A 38 1.84 9.38 -3.28
CA GLY A 38 2.25 9.57 -1.91
C GLY A 38 2.70 8.27 -1.29
N SER A 39 3.37 8.34 -0.15
CA SER A 39 3.84 7.14 0.52
C SER A 39 4.05 7.40 2.01
N LEU A 40 3.80 6.38 2.80
CA LEU A 40 4.05 6.42 4.22
C LEU A 40 5.02 5.33 4.62
N THR A 41 6.18 5.73 5.10
CA THR A 41 7.21 4.78 5.50
C THR A 41 7.08 4.48 6.98
N PHE A 42 6.70 3.24 7.29
CA PHE A 42 6.55 2.79 8.66
C PHE A 42 7.67 1.83 9.02
N ASP A 43 7.96 1.74 10.30
CA ASP A 43 8.94 0.80 10.81
C ASP A 43 8.28 -0.55 11.06
N GLU A 44 9.08 -1.57 11.34
CA GLU A 44 8.56 -2.90 11.62
C GLU A 44 7.79 -2.91 12.93
N ASN A 45 8.03 -1.90 13.76
CA ASN A 45 7.27 -1.71 14.98
C ASN A 45 5.99 -0.92 14.69
N TYR A 46 5.74 -0.70 13.39
CA TYR A 46 4.56 0.04 12.92
C TYR A 46 4.61 1.50 13.33
N ASN A 47 5.82 2.01 13.50
CA ASN A 47 6.03 3.41 13.84
C ASN A 47 6.24 4.23 12.57
N LEU A 48 5.57 5.36 12.48
CA LEU A 48 5.73 6.25 11.33
C LEU A 48 7.14 6.82 11.28
N LEU A 49 7.82 6.58 10.18
CA LEU A 49 9.17 7.09 9.99
C LEU A 49 9.18 8.28 9.05
N ASP A 50 8.63 8.07 7.86
CA ASP A 50 8.67 9.09 6.82
C ASP A 50 7.30 9.28 6.18
N THR A 51 7.02 10.51 5.77
CA THR A 51 5.78 10.83 5.10
C THR A 51 6.07 11.61 3.80
N SER A 52 5.72 11.02 2.66
CA SER A 52 6.02 11.63 1.38
C SER A 52 4.76 11.76 0.52
N GLY A 53 4.74 12.79 -0.32
CA GLY A 53 3.65 12.96 -1.26
C GLY A 53 2.36 13.37 -0.59
N VAL A 54 1.24 12.95 -1.17
CA VAL A 54 -0.08 13.31 -0.67
C VAL A 54 -0.33 12.73 0.72
N ALA A 55 0.46 11.73 1.10
CA ALA A 55 0.32 11.08 2.40
C ALA A 55 0.54 12.08 3.54
N LYS A 56 1.12 13.23 3.22
CA LYS A 56 1.36 14.28 4.19
C LYS A 56 0.05 14.95 4.60
N VAL A 57 -0.82 15.21 3.64
CA VAL A 57 -2.07 15.89 3.90
C VAL A 57 -3.17 14.88 4.27
N ILE A 58 -2.93 13.62 3.96
CA ILE A 58 -3.85 12.55 4.35
C ILE A 58 -3.69 12.24 5.84
N GLU A 59 -4.81 12.07 6.52
CA GLU A 59 -4.83 11.79 7.95
C GLU A 59 -4.30 10.40 8.25
N LYS A 60 -3.63 10.27 9.39
CA LYS A 60 -3.04 9.01 9.79
C LYS A 60 -4.04 8.19 10.61
N SER A 61 -4.90 7.48 9.91
CA SER A 61 -5.90 6.62 10.53
C SER A 61 -5.23 5.32 11.03
N PRO A 62 -6.02 4.33 11.55
CA PRO A 62 -5.48 3.03 11.98
C PRO A 62 -4.91 2.19 10.84
N ILE A 63 -4.05 2.81 10.03
CA ILE A 63 -3.42 2.15 8.91
C ILE A 63 -2.50 1.02 9.38
N ALA A 64 -1.82 1.25 10.50
CA ALA A 64 -0.86 0.28 11.04
C ALA A 64 -1.55 -1.06 11.32
N GLU A 65 -2.78 -0.99 11.83
CA GLU A 65 -3.57 -2.17 12.12
C GLU A 65 -3.84 -2.94 10.82
N ILE A 66 -4.08 -2.20 9.76
CA ILE A 66 -4.35 -2.81 8.47
C ILE A 66 -3.05 -3.30 7.83
N ILE A 67 -1.95 -2.61 8.13
CA ILE A 67 -0.64 -2.99 7.60
C ILE A 67 -0.27 -4.40 8.06
N ARG A 68 -0.47 -4.66 9.35
CA ARG A 68 -0.15 -5.96 9.91
C ARG A 68 -1.08 -7.04 9.36
N LYS A 69 -2.36 -6.72 9.25
CA LYS A 69 -3.32 -7.64 8.65
C LYS A 69 -2.89 -7.97 7.22
N SER A 70 -2.54 -6.94 6.48
CA SER A 70 -2.10 -7.11 5.10
C SER A 70 -0.76 -7.84 5.03
N ASN A 71 0.02 -7.74 6.09
CA ASN A 71 1.32 -8.40 6.16
C ASN A 71 1.14 -9.92 6.16
N ALA A 72 0.06 -10.37 6.80
CA ALA A 72 -0.28 -11.78 6.81
C ALA A 72 -0.99 -12.17 5.51
N GLU A 73 -1.84 -11.27 5.01
CA GLU A 73 -2.60 -11.51 3.79
C GLU A 73 -1.70 -11.74 2.58
N LEU A 74 -0.66 -10.93 2.46
CA LEU A 74 0.18 -10.94 1.28
C LEU A 74 1.66 -10.99 1.63
N GLY A 75 2.48 -11.14 0.60
CA GLY A 75 3.91 -11.08 0.79
C GLY A 75 4.50 -9.82 0.19
N ARG A 76 4.43 -9.70 -1.13
CA ARG A 76 5.04 -8.58 -1.83
C ARG A 76 4.00 -7.74 -2.57
N LEU A 77 2.74 -8.01 -2.31
CA LEU A 77 1.65 -7.25 -2.94
C LEU A 77 1.28 -6.04 -2.08
N GLY A 78 0.42 -5.20 -2.62
CA GLY A 78 -0.03 -4.03 -1.88
C GLY A 78 -1.52 -4.05 -1.63
N TYR A 79 -1.88 -4.41 -0.41
CA TYR A 79 -3.29 -4.48 -0.01
C TYR A 79 -3.81 -3.08 0.24
N SER A 80 -5.01 -2.80 -0.24
CA SER A 80 -5.59 -1.47 -0.07
C SER A 80 -6.01 -1.26 1.38
N VAL A 81 -5.29 -0.40 2.07
CA VAL A 81 -5.52 -0.17 3.48
C VAL A 81 -6.35 1.08 3.72
N TYR A 82 -6.16 2.09 2.88
CA TYR A 82 -6.85 3.36 3.05
C TYR A 82 -7.50 3.80 1.75
N GLU A 83 -8.80 3.64 1.64
CA GLU A 83 -9.52 4.15 0.48
C GLU A 83 -10.26 5.41 0.85
N ASP A 84 -9.87 6.50 0.23
CA ASP A 84 -10.51 7.78 0.44
C ASP A 84 -11.22 8.18 -0.85
N ALA A 85 -12.01 9.22 -0.81
CA ALA A 85 -12.68 9.68 -2.01
C ALA A 85 -11.69 10.31 -2.98
N GLN A 86 -10.51 10.60 -2.46
CA GLN A 86 -9.45 11.20 -3.25
C GLN A 86 -8.41 10.17 -3.69
N TYR A 87 -7.84 9.44 -2.72
CA TYR A 87 -6.73 8.54 -2.99
C TYR A 87 -6.90 7.21 -2.27
N ILE A 88 -6.12 6.22 -2.69
CA ILE A 88 -6.17 4.90 -2.08
C ILE A 88 -4.76 4.42 -1.75
N GLY A 89 -4.53 4.08 -0.50
CA GLY A 89 -3.23 3.63 -0.05
C GLY A 89 -3.14 2.12 0.02
N HIS A 90 -1.98 1.59 -0.32
CA HIS A 90 -1.76 0.14 -0.33
C HIS A 90 -0.54 -0.21 0.51
N ALA A 91 -0.67 -1.22 1.37
CA ALA A 91 0.43 -1.63 2.23
C ALA A 91 1.38 -2.57 1.51
N PHE A 92 2.65 -2.20 1.46
CA PHE A 92 3.67 -3.02 0.83
C PHE A 92 4.72 -3.42 1.85
N LYS A 93 5.18 -4.66 1.73
CA LYS A 93 6.31 -5.12 2.53
C LYS A 93 7.60 -4.68 1.88
N LYS A 94 8.47 -4.04 2.66
CA LYS A 94 9.72 -3.52 2.16
C LYS A 94 10.88 -4.16 2.90
N ALA A 95 12.10 -3.70 2.62
CA ALA A 95 13.30 -4.28 3.24
C ALA A 95 13.33 -4.01 4.74
N GLY A 96 12.82 -4.97 5.49
CA GLY A 96 12.78 -4.85 6.93
C GLY A 96 11.82 -3.78 7.42
N HIS A 97 10.99 -3.27 6.52
CA HIS A 97 10.11 -2.15 6.83
C HIS A 97 8.78 -2.26 6.09
N PHE A 98 7.85 -1.37 6.41
CA PHE A 98 6.53 -1.39 5.82
C PHE A 98 6.23 -0.02 5.23
N ILE A 99 5.83 0.02 3.98
CA ILE A 99 5.50 1.29 3.34
C ILE A 99 4.14 1.24 2.69
N VAL A 100 3.36 2.28 2.89
CA VAL A 100 2.04 2.39 2.30
C VAL A 100 2.07 3.37 1.13
N TYR A 101 1.89 2.87 -0.07
CA TYR A 101 1.89 3.70 -1.26
C TYR A 101 0.48 4.20 -1.57
N PHE A 102 0.33 5.51 -1.59
CA PHE A 102 -0.96 6.13 -1.87
C PHE A 102 -1.08 6.49 -3.34
N THR A 103 -2.06 5.90 -3.99
CA THR A 103 -2.29 6.14 -5.41
C THR A 103 -3.58 6.91 -5.61
N PRO A 104 -3.73 7.61 -6.74
CA PRO A 104 -4.97 8.34 -7.06
C PRO A 104 -6.12 7.40 -7.43
N LYS A 105 -6.55 6.59 -6.45
CA LYS A 105 -7.63 5.63 -6.62
C LYS A 105 -7.28 4.60 -7.69
N ASN A 106 -6.01 4.22 -7.74
CA ASN A 106 -5.54 3.20 -8.67
C ASN A 106 -5.65 1.81 -8.05
N LYS A 107 -6.65 1.05 -8.47
CA LYS A 107 -6.77 -0.35 -8.08
C LYS A 107 -6.87 -1.22 -9.32
N ASN A 108 -7.76 -0.88 -10.22
CA ASN A 108 -7.88 -1.57 -11.49
C ASN A 108 -8.52 -0.67 -12.53
N ARG A 109 -7.70 -0.12 -13.40
CA ARG A 109 -8.20 0.74 -14.47
C ARG A 109 -7.37 0.50 -15.73
N GLU A 110 -6.10 0.85 -15.65
CA GLU A 110 -5.16 0.59 -16.74
C GLU A 110 -3.92 -0.07 -16.19
N GLY A 111 -3.30 -0.94 -16.97
CA GLY A 111 -2.12 -1.65 -16.52
C GLY A 111 -2.34 -3.15 -16.48
N VAL A 112 -1.69 -3.83 -15.54
CA VAL A 112 -1.83 -5.27 -15.40
C VAL A 112 -2.43 -5.64 -14.05
N VAL A 113 -2.93 -6.86 -13.94
CA VAL A 113 -3.47 -7.37 -12.69
C VAL A 113 -2.39 -8.12 -11.91
N PRO A 114 -2.54 -8.21 -10.58
CA PRO A 114 -1.63 -8.97 -9.72
C PRO A 114 -1.57 -10.46 -10.09
N PRO A 115 -0.42 -11.10 -9.82
CA PRO A 115 -0.27 -12.54 -10.05
C PRO A 115 -1.25 -13.37 -9.21
N VAL A 116 -1.86 -14.35 -9.84
CA VAL A 116 -2.80 -15.23 -9.16
C VAL A 116 -2.08 -16.45 -8.61
N GLY A 117 -0.91 -16.73 -9.19
CA GLY A 117 -0.11 -17.82 -8.70
C GLY A 117 1.12 -17.32 -7.95
N ILE A 118 2.23 -18.02 -8.10
CA ILE A 118 3.49 -17.68 -7.45
C ILE A 118 3.40 -17.82 -5.93
N THR A 119 3.84 -18.98 -5.45
CA THR A 119 3.92 -19.28 -4.02
C THR A 119 2.60 -19.05 -3.28
N ASN A 120 1.64 -19.92 -3.55
CA ASN A 120 0.35 -19.87 -2.88
C ASN A 120 -0.09 -21.28 -2.51
N MET A 23 -7.52 -13.45 -1.64
CA MET A 23 -8.12 -12.28 -2.31
C MET A 23 -7.59 -12.19 -3.74
N LYS A 24 -8.17 -11.32 -4.57
CA LYS A 24 -7.83 -11.28 -5.99
C LYS A 24 -7.03 -10.03 -6.35
N SER A 25 -7.61 -8.86 -6.12
CA SER A 25 -7.00 -7.61 -6.56
C SER A 25 -5.83 -7.22 -5.66
N SER A 26 -4.66 -7.78 -5.95
CA SER A 26 -3.44 -7.44 -5.24
C SER A 26 -2.37 -7.01 -6.23
N ILE A 27 -2.09 -5.72 -6.28
CA ILE A 27 -1.21 -5.16 -7.28
C ILE A 27 0.22 -5.12 -6.76
N PRO A 28 1.20 -5.57 -7.57
CA PRO A 28 2.62 -5.53 -7.20
C PRO A 28 3.17 -4.12 -7.09
N ILE A 29 4.21 -3.96 -6.29
CA ILE A 29 4.80 -2.65 -6.03
C ILE A 29 5.39 -2.03 -7.30
N THR A 30 5.83 -2.88 -8.22
CA THR A 30 6.41 -2.42 -9.48
C THR A 30 5.42 -1.53 -10.25
N GLU A 31 4.14 -1.71 -9.99
CA GLU A 31 3.10 -0.92 -10.64
C GLU A 31 2.63 0.22 -9.75
N VAL A 32 2.43 -0.08 -8.47
CA VAL A 32 1.87 0.89 -7.54
C VAL A 32 2.89 1.99 -7.22
N LEU A 33 4.16 1.65 -7.17
CA LEU A 33 5.21 2.62 -6.86
C LEU A 33 5.15 3.85 -7.79
N PRO A 34 5.33 3.70 -9.11
CA PRO A 34 5.27 4.82 -10.05
C PRO A 34 3.89 5.46 -10.11
N ARG A 35 2.85 4.66 -9.93
CA ARG A 35 1.48 5.16 -10.01
C ARG A 35 1.02 5.75 -8.68
N ALA A 36 1.91 5.79 -7.70
CA ALA A 36 1.58 6.35 -6.40
C ALA A 36 1.84 7.85 -6.39
N VAL A 37 1.06 8.56 -5.60
CA VAL A 37 1.20 9.99 -5.47
C VAL A 37 1.58 10.38 -4.05
N GLY A 38 1.71 9.36 -3.21
CA GLY A 38 2.12 9.57 -1.83
C GLY A 38 2.59 8.27 -1.20
N SER A 39 3.31 8.37 -0.10
CA SER A 39 3.80 7.18 0.57
C SER A 39 4.02 7.42 2.07
N LEU A 40 3.61 6.46 2.87
CA LEU A 40 3.85 6.47 4.29
C LEU A 40 4.80 5.35 4.66
N THR A 41 5.97 5.71 5.15
CA THR A 41 6.99 4.74 5.49
C THR A 41 6.96 4.39 6.97
N PHE A 42 6.55 3.16 7.27
CA PHE A 42 6.54 2.66 8.64
C PHE A 42 7.70 1.69 8.85
N ASP A 43 8.08 1.49 10.10
CA ASP A 43 9.17 0.57 10.41
C ASP A 43 8.63 -0.81 10.76
N GLU A 44 9.52 -1.73 11.12
CA GLU A 44 9.14 -3.10 11.44
C GLU A 44 8.30 -3.15 12.72
N ASN A 45 8.36 -2.09 13.51
CA ASN A 45 7.58 -1.99 14.73
C ASN A 45 6.30 -1.20 14.49
N TYR A 46 6.02 -0.93 13.22
CA TYR A 46 4.77 -0.27 12.79
C TYR A 46 4.69 1.18 13.27
N ASN A 47 5.82 1.87 13.32
CA ASN A 47 5.84 3.30 13.65
C ASN A 47 6.06 4.10 12.37
N LEU A 48 5.40 5.25 12.27
CA LEU A 48 5.57 6.12 11.12
C LEU A 48 6.95 6.77 11.13
N LEU A 49 7.71 6.52 10.09
CA LEU A 49 9.04 7.10 9.94
C LEU A 49 9.00 8.31 9.03
N ASP A 50 8.49 8.10 7.82
CA ASP A 50 8.54 9.13 6.78
C ASP A 50 7.19 9.32 6.12
N THR A 51 6.78 10.57 5.98
CA THR A 51 5.56 10.90 5.28
C THR A 51 5.87 11.71 4.03
N SER A 52 5.54 11.17 2.87
CA SER A 52 5.84 11.83 1.61
C SER A 52 4.63 11.81 0.67
N GLY A 53 4.60 12.77 -0.25
CA GLY A 53 3.55 12.84 -1.25
C GLY A 53 2.23 13.31 -0.67
N VAL A 54 1.14 12.86 -1.27
CA VAL A 54 -0.21 13.22 -0.82
C VAL A 54 -0.46 12.71 0.60
N ALA A 55 0.34 11.74 1.02
CA ALA A 55 0.22 11.18 2.36
C ALA A 55 0.45 12.24 3.43
N LYS A 56 1.03 13.37 3.02
CA LYS A 56 1.29 14.46 3.94
C LYS A 56 0.02 15.26 4.23
N VAL A 57 -0.93 15.23 3.30
CA VAL A 57 -2.17 15.99 3.47
C VAL A 57 -3.32 15.07 3.85
N ILE A 58 -3.11 13.77 3.70
CA ILE A 58 -4.07 12.77 4.15
C ILE A 58 -3.90 12.55 5.66
N GLU A 59 -5.01 12.33 6.35
CA GLU A 59 -4.98 12.14 7.79
C GLU A 59 -4.20 10.87 8.15
N LYS A 60 -3.64 10.87 9.35
CA LYS A 60 -2.92 9.70 9.84
C LYS A 60 -3.85 8.80 10.63
N SER A 61 -4.59 7.97 9.90
CA SER A 61 -5.48 7.00 10.51
C SER A 61 -4.68 5.85 11.13
N PRO A 62 -5.34 4.94 11.88
CA PRO A 62 -4.69 3.74 12.44
C PRO A 62 -4.32 2.74 11.34
N ILE A 63 -3.54 3.21 10.38
CA ILE A 63 -3.17 2.43 9.22
C ILE A 63 -2.28 1.26 9.62
N ALA A 64 -1.50 1.43 10.69
CA ALA A 64 -0.61 0.38 11.17
C ALA A 64 -1.38 -0.90 11.47
N GLU A 65 -2.62 -0.73 11.92
CA GLU A 65 -3.50 -1.86 12.22
C GLU A 65 -3.84 -2.62 10.93
N ILE A 66 -4.03 -1.88 9.86
CA ILE A 66 -4.37 -2.49 8.59
C ILE A 66 -3.11 -3.00 7.89
N ILE A 67 -1.98 -2.36 8.18
CA ILE A 67 -0.70 -2.80 7.64
C ILE A 67 -0.37 -4.21 8.10
N ARG A 68 -0.52 -4.45 9.40
CA ARG A 68 -0.26 -5.76 9.98
C ARG A 68 -1.25 -6.79 9.43
N LYS A 69 -2.52 -6.38 9.32
CA LYS A 69 -3.53 -7.24 8.73
C LYS A 69 -3.13 -7.63 7.32
N SER A 70 -2.74 -6.64 6.52
CA SER A 70 -2.35 -6.87 5.14
C SER A 70 -1.03 -7.63 5.06
N ASN A 71 -0.25 -7.58 6.13
CA ASN A 71 1.00 -8.32 6.19
C ASN A 71 0.71 -9.82 6.21
N ALA A 72 -0.39 -10.17 6.86
CA ALA A 72 -0.85 -11.55 6.88
C ALA A 72 -1.60 -11.88 5.59
N GLU A 73 -2.12 -10.86 4.94
CA GLU A 73 -2.89 -11.02 3.71
C GLU A 73 -1.97 -11.32 2.52
N LEU A 74 -0.82 -10.68 2.49
CA LEU A 74 0.02 -10.71 1.29
C LEU A 74 1.50 -10.65 1.62
N GLY A 75 2.32 -10.55 0.57
CA GLY A 75 3.74 -10.32 0.73
C GLY A 75 4.18 -9.03 0.05
N ARG A 76 4.49 -9.12 -1.23
CA ARG A 76 5.03 -7.98 -1.98
C ARG A 76 3.92 -7.23 -2.71
N LEU A 77 2.68 -7.62 -2.47
CA LEU A 77 1.54 -6.96 -3.11
C LEU A 77 1.06 -5.78 -2.27
N GLY A 78 0.19 -4.95 -2.85
CA GLY A 78 -0.29 -3.79 -2.14
C GLY A 78 -1.77 -3.85 -1.82
N TYR A 79 -2.08 -4.22 -0.59
CA TYR A 79 -3.46 -4.30 -0.11
C TYR A 79 -3.95 -2.89 0.21
N SER A 80 -5.16 -2.58 -0.22
CA SER A 80 -5.74 -1.29 0.07
C SER A 80 -6.08 -1.17 1.56
N VAL A 81 -5.30 -0.36 2.27
CA VAL A 81 -5.46 -0.22 3.70
C VAL A 81 -6.26 1.03 4.04
N TYR A 82 -6.04 2.08 3.27
CA TYR A 82 -6.78 3.31 3.46
C TYR A 82 -7.47 3.69 2.17
N GLU A 83 -8.76 3.41 2.10
CA GLU A 83 -9.54 3.72 0.92
C GLU A 83 -10.35 4.98 1.15
N ASP A 84 -9.98 6.04 0.45
CA ASP A 84 -10.63 7.34 0.59
C ASP A 84 -11.29 7.68 -0.73
N ALA A 85 -12.18 8.66 -0.72
CA ALA A 85 -12.84 9.10 -1.95
C ALA A 85 -11.86 9.83 -2.85
N GLN A 86 -10.72 10.22 -2.28
CA GLN A 86 -9.67 10.88 -3.03
C GLN A 86 -8.64 9.89 -3.53
N TYR A 87 -8.00 9.18 -2.60
CA TYR A 87 -6.89 8.28 -2.93
C TYR A 87 -7.02 6.97 -2.17
N ILE A 88 -6.19 5.99 -2.51
CA ILE A 88 -6.19 4.71 -1.83
C ILE A 88 -4.78 4.31 -1.44
N GLY A 89 -4.59 4.01 -0.17
CA GLY A 89 -3.29 3.58 0.32
C GLY A 89 -3.14 2.09 0.27
N HIS A 90 -1.94 1.62 -0.10
CA HIS A 90 -1.68 0.20 -0.22
C HIS A 90 -0.49 -0.18 0.64
N ALA A 91 -0.65 -1.16 1.53
CA ALA A 91 0.45 -1.58 2.38
C ALA A 91 1.34 -2.58 1.68
N PHE A 92 2.62 -2.26 1.60
CA PHE A 92 3.60 -3.14 0.99
C PHE A 92 4.61 -3.60 2.02
N LYS A 93 4.98 -4.87 1.94
CA LYS A 93 6.05 -5.39 2.78
C LYS A 93 7.39 -5.07 2.15
N LYS A 94 8.20 -4.33 2.87
CA LYS A 94 9.49 -3.89 2.37
C LYS A 94 10.60 -4.55 3.16
N ALA A 95 11.84 -4.27 2.80
CA ALA A 95 12.98 -4.87 3.48
C ALA A 95 13.09 -4.38 4.92
N GLY A 96 12.46 -5.13 5.82
CA GLY A 96 12.48 -4.79 7.22
C GLY A 96 11.58 -3.61 7.54
N HIS A 97 10.77 -3.20 6.58
CA HIS A 97 9.91 -2.03 6.74
C HIS A 97 8.52 -2.29 6.16
N PHE A 98 7.61 -1.37 6.44
CA PHE A 98 6.26 -1.44 5.91
C PHE A 98 5.88 -0.09 5.32
N ILE A 99 5.66 -0.03 4.03
CA ILE A 99 5.37 1.24 3.39
C ILE A 99 4.01 1.22 2.72
N VAL A 100 3.24 2.27 2.96
CA VAL A 100 1.92 2.40 2.38
C VAL A 100 1.95 3.42 1.24
N TYR A 101 1.81 2.93 0.02
CA TYR A 101 1.82 3.79 -1.15
C TYR A 101 0.41 4.21 -1.50
N PHE A 102 0.18 5.51 -1.55
CA PHE A 102 -1.13 6.07 -1.83
C PHE A 102 -1.25 6.39 -3.31
N THR A 103 -2.21 5.76 -3.97
CA THR A 103 -2.45 5.99 -5.39
C THR A 103 -3.79 6.70 -5.58
N PRO A 104 -4.02 7.32 -6.75
CA PRO A 104 -5.27 8.03 -7.04
C PRO A 104 -6.47 7.09 -7.28
N LYS A 105 -6.65 6.13 -6.37
CA LYS A 105 -7.74 5.15 -6.43
C LYS A 105 -7.64 4.25 -7.68
N ASN A 106 -7.10 3.06 -7.48
CA ASN A 106 -7.01 2.07 -8.56
C ASN A 106 -6.92 0.66 -7.98
N LYS A 107 -7.50 -0.30 -8.70
CA LYS A 107 -7.38 -1.70 -8.35
C LYS A 107 -7.13 -2.54 -9.61
N ASN A 108 -7.59 -2.03 -10.75
CA ASN A 108 -7.41 -2.68 -12.05
C ASN A 108 -8.19 -3.98 -12.16
N ARG A 109 -9.32 -3.93 -12.84
CA ARG A 109 -10.14 -5.11 -13.06
C ARG A 109 -10.59 -5.17 -14.51
N GLU A 110 -10.77 -6.38 -15.02
CA GLU A 110 -11.18 -6.61 -16.41
C GLU A 110 -10.17 -6.01 -17.37
N GLY A 111 -9.14 -6.79 -17.68
CA GLY A 111 -8.09 -6.33 -18.56
C GLY A 111 -6.76 -6.92 -18.16
N VAL A 112 -6.03 -6.22 -17.31
CA VAL A 112 -4.78 -6.72 -16.78
C VAL A 112 -4.93 -7.06 -15.31
N VAL A 113 -4.64 -8.31 -14.96
CA VAL A 113 -4.75 -8.75 -13.58
C VAL A 113 -3.44 -9.34 -13.09
N PRO A 114 -3.08 -9.06 -11.83
CA PRO A 114 -1.90 -9.62 -11.20
C PRO A 114 -2.18 -10.99 -10.59
N PRO A 115 -1.41 -12.01 -11.00
CA PRO A 115 -1.57 -13.37 -10.48
C PRO A 115 -1.03 -13.50 -9.05
N VAL A 116 -1.75 -12.93 -8.10
CA VAL A 116 -1.36 -12.95 -6.69
C VAL A 116 -1.37 -14.38 -6.14
N GLY A 117 -0.24 -14.78 -5.59
CA GLY A 117 -0.09 -16.13 -5.07
C GLY A 117 1.17 -16.79 -5.58
N ILE A 118 2.22 -15.99 -5.77
CA ILE A 118 3.48 -16.48 -6.27
C ILE A 118 4.45 -16.73 -5.11
N THR A 119 5.13 -17.85 -5.14
CA THR A 119 6.10 -18.19 -4.11
C THR A 119 7.24 -17.16 -4.09
N ASN A 120 7.65 -16.77 -2.90
CA ASN A 120 8.70 -15.78 -2.71
C ASN A 120 9.97 -16.17 -3.46
N MET A 23 -13.12 -6.54 -7.80
CA MET A 23 -12.87 -5.56 -6.72
C MET A 23 -11.61 -5.91 -5.95
N LYS A 24 -11.46 -7.19 -5.62
CA LYS A 24 -10.28 -7.65 -4.90
C LYS A 24 -9.10 -7.75 -5.83
N SER A 25 -7.99 -7.11 -5.45
CA SER A 25 -6.79 -7.14 -6.26
C SER A 25 -5.59 -6.64 -5.45
N SER A 26 -4.64 -7.53 -5.21
CA SER A 26 -3.42 -7.17 -4.53
C SER A 26 -2.35 -6.86 -5.57
N ILE A 27 -2.07 -5.58 -5.75
CA ILE A 27 -1.23 -5.11 -6.85
C ILE A 27 0.23 -5.05 -6.41
N PRO A 28 1.15 -5.53 -7.26
CA PRO A 28 2.59 -5.51 -6.97
C PRO A 28 3.16 -4.09 -6.96
N ILE A 29 4.30 -3.92 -6.31
CA ILE A 29 4.89 -2.60 -6.11
C ILE A 29 5.41 -2.04 -7.44
N THR A 30 5.76 -2.91 -8.37
CA THR A 30 6.25 -2.48 -9.68
C THR A 30 5.21 -1.63 -10.41
N GLU A 31 3.95 -1.77 -10.01
CA GLU A 31 2.87 -1.00 -10.62
C GLU A 31 2.53 0.21 -9.75
N VAL A 32 2.35 -0.05 -8.45
CA VAL A 32 1.87 0.97 -7.53
C VAL A 32 2.91 2.05 -7.29
N LEU A 33 4.19 1.68 -7.26
CA LEU A 33 5.27 2.63 -7.01
C LEU A 33 5.21 3.85 -7.96
N PRO A 34 5.32 3.65 -9.29
CA PRO A 34 5.25 4.77 -10.25
C PRO A 34 3.85 5.38 -10.33
N ARG A 35 2.83 4.59 -10.02
CA ARG A 35 1.45 5.06 -10.11
C ARG A 35 0.96 5.70 -8.81
N ALA A 36 1.84 5.83 -7.83
CA ALA A 36 1.48 6.42 -6.55
C ALA A 36 1.76 7.92 -6.55
N VAL A 37 1.06 8.64 -5.67
CA VAL A 37 1.25 10.08 -5.54
C VAL A 37 1.64 10.44 -4.11
N GLY A 38 1.78 9.43 -3.26
CA GLY A 38 2.19 9.65 -1.90
C GLY A 38 2.65 8.37 -1.25
N SER A 39 3.36 8.46 -0.14
CA SER A 39 3.87 7.29 0.54
C SER A 39 4.02 7.53 2.03
N LEU A 40 3.69 6.52 2.81
CA LEU A 40 3.92 6.53 4.24
C LEU A 40 4.89 5.43 4.62
N THR A 41 6.05 5.81 5.11
CA THR A 41 7.08 4.85 5.49
C THR A 41 6.97 4.49 6.97
N PHE A 42 6.64 3.24 7.24
CA PHE A 42 6.59 2.72 8.60
C PHE A 42 7.76 1.78 8.84
N ASP A 43 8.12 1.58 10.09
CA ASP A 43 9.15 0.61 10.42
C ASP A 43 8.50 -0.74 10.72
N GLU A 44 9.31 -1.75 11.02
CA GLU A 44 8.81 -3.08 11.28
C GLU A 44 7.93 -3.14 12.53
N ASN A 45 8.09 -2.14 13.39
CA ASN A 45 7.29 -2.06 14.61
C ASN A 45 6.08 -1.15 14.40
N TYR A 46 5.82 -0.84 13.13
CA TYR A 46 4.63 -0.11 12.71
C TYR A 46 4.63 1.35 13.19
N ASN A 47 5.82 1.92 13.32
CA ASN A 47 5.95 3.34 13.64
C ASN A 47 6.16 4.15 12.37
N LEU A 48 5.50 5.29 12.27
CA LEU A 48 5.65 6.16 11.13
C LEU A 48 7.04 6.80 11.12
N LEU A 49 7.79 6.55 10.06
CA LEU A 49 9.13 7.10 9.90
C LEU A 49 9.11 8.31 8.98
N ASP A 50 8.49 8.16 7.82
CA ASP A 50 8.50 9.21 6.81
C ASP A 50 7.13 9.38 6.18
N THR A 51 6.78 10.64 5.92
CA THR A 51 5.54 10.96 5.22
C THR A 51 5.85 11.77 3.97
N SER A 52 5.53 11.22 2.80
CA SER A 52 5.85 11.88 1.56
C SER A 52 4.66 11.91 0.60
N GLY A 53 4.65 12.90 -0.28
CA GLY A 53 3.60 13.00 -1.27
C GLY A 53 2.29 13.49 -0.68
N VAL A 54 1.18 13.02 -1.24
CA VAL A 54 -0.15 13.41 -0.77
C VAL A 54 -0.41 12.86 0.63
N ALA A 55 0.40 11.89 1.05
CA ALA A 55 0.24 11.28 2.37
C ALA A 55 0.46 12.29 3.49
N LYS A 56 1.01 13.45 3.14
CA LYS A 56 1.26 14.51 4.10
C LYS A 56 -0.03 15.25 4.45
N VAL A 57 -0.94 15.36 3.48
CA VAL A 57 -2.20 16.07 3.70
C VAL A 57 -3.30 15.08 4.06
N ILE A 58 -3.10 13.82 3.68
CA ILE A 58 -4.00 12.75 4.08
C ILE A 58 -3.78 12.44 5.56
N GLU A 59 -4.85 12.10 6.26
CA GLU A 59 -4.75 11.76 7.68
C GLU A 59 -3.91 10.50 7.85
N LYS A 60 -3.22 10.40 8.97
CA LYS A 60 -2.31 9.29 9.20
C LYS A 60 -3.08 8.01 9.49
N SER A 61 -4.17 8.13 10.26
CA SER A 61 -5.12 7.03 10.46
C SER A 61 -4.47 5.86 11.22
N PRO A 62 -5.27 4.97 11.84
CA PRO A 62 -4.77 3.74 12.46
C PRO A 62 -4.36 2.70 11.41
N ILE A 63 -3.63 3.14 10.40
CA ILE A 63 -3.23 2.30 9.28
C ILE A 63 -2.35 1.13 9.75
N ALA A 64 -1.64 1.33 10.86
CA ALA A 64 -0.76 0.29 11.41
C ALA A 64 -1.53 -1.01 11.64
N GLU A 65 -2.80 -0.87 12.03
CA GLU A 65 -3.66 -2.01 12.27
C GLU A 65 -3.94 -2.76 10.97
N ILE A 66 -4.09 -2.02 9.89
CA ILE A 66 -4.37 -2.62 8.60
C ILE A 66 -3.08 -3.12 7.96
N ILE A 67 -1.96 -2.50 8.31
CA ILE A 67 -0.65 -2.92 7.81
C ILE A 67 -0.32 -4.31 8.32
N ARG A 68 -0.57 -4.56 9.60
CA ARG A 68 -0.33 -5.87 10.18
C ARG A 68 -1.28 -6.91 9.58
N LYS A 69 -2.54 -6.50 9.39
CA LYS A 69 -3.53 -7.39 8.78
C LYS A 69 -3.10 -7.78 7.37
N SER A 70 -2.73 -6.78 6.58
CA SER A 70 -2.32 -7.02 5.20
C SER A 70 -0.99 -7.76 5.16
N ASN A 71 -0.19 -7.60 6.20
CA ASN A 71 1.09 -8.30 6.30
C ASN A 71 0.88 -9.79 6.39
N ALA A 72 -0.20 -10.19 7.04
CA ALA A 72 -0.56 -11.60 7.13
C ALA A 72 -1.27 -12.05 5.86
N GLU A 73 -1.93 -11.11 5.19
CA GLU A 73 -2.66 -11.39 3.97
C GLU A 73 -1.73 -11.63 2.77
N LEU A 74 -0.69 -10.80 2.68
CA LEU A 74 0.18 -10.81 1.51
C LEU A 74 1.64 -10.68 1.92
N GLY A 75 2.51 -10.68 0.92
CA GLY A 75 3.92 -10.42 1.16
C GLY A 75 4.49 -9.43 0.15
N ARG A 76 4.39 -9.78 -1.13
CA ARG A 76 4.99 -8.97 -2.19
C ARG A 76 4.01 -7.96 -2.77
N LEU A 77 2.72 -8.16 -2.51
CA LEU A 77 1.69 -7.32 -3.10
C LEU A 77 1.32 -6.18 -2.17
N GLY A 78 0.48 -5.27 -2.67
CA GLY A 78 0.03 -4.15 -1.88
C GLY A 78 -1.47 -4.15 -1.68
N TYR A 79 -1.89 -4.30 -0.44
CA TYR A 79 -3.31 -4.36 -0.11
C TYR A 79 -3.84 -2.97 0.19
N SER A 80 -5.04 -2.67 -0.31
CA SER A 80 -5.67 -1.39 -0.04
C SER A 80 -6.01 -1.26 1.44
N VAL A 81 -5.28 -0.40 2.13
CA VAL A 81 -5.45 -0.24 3.57
C VAL A 81 -6.26 1.00 3.89
N TYR A 82 -6.10 2.04 3.08
CA TYR A 82 -6.82 3.28 3.30
C TYR A 82 -7.47 3.74 2.00
N GLU A 83 -8.76 3.49 1.89
CA GLU A 83 -9.50 3.92 0.70
C GLU A 83 -10.33 5.15 1.02
N ASP A 84 -10.04 6.24 0.34
CA ASP A 84 -10.82 7.46 0.45
C ASP A 84 -11.36 7.78 -0.93
N ALA A 85 -12.30 8.72 -1.01
CA ALA A 85 -12.87 9.09 -2.29
C ALA A 85 -11.83 9.77 -3.19
N GLN A 86 -10.77 10.27 -2.58
CA GLN A 86 -9.69 10.91 -3.32
C GLN A 86 -8.61 9.90 -3.71
N TYR A 87 -8.01 9.28 -2.71
CA TYR A 87 -6.86 8.42 -2.92
C TYR A 87 -7.01 7.09 -2.18
N ILE A 88 -6.19 6.12 -2.55
CA ILE A 88 -6.20 4.81 -1.91
C ILE A 88 -4.79 4.38 -1.55
N GLY A 89 -4.57 4.08 -0.28
CA GLY A 89 -3.27 3.64 0.17
C GLY A 89 -3.15 2.13 0.16
N HIS A 90 -1.98 1.63 -0.21
CA HIS A 90 -1.73 0.19 -0.27
C HIS A 90 -0.52 -0.16 0.59
N ALA A 91 -0.67 -1.16 1.46
CA ALA A 91 0.45 -1.58 2.31
C ALA A 91 1.34 -2.57 1.60
N PHE A 92 2.61 -2.24 1.50
CA PHE A 92 3.60 -3.11 0.90
C PHE A 92 4.62 -3.54 1.93
N LYS A 93 5.00 -4.81 1.87
CA LYS A 93 6.08 -5.29 2.70
C LYS A 93 7.40 -4.97 2.03
N LYS A 94 8.19 -4.15 2.69
CA LYS A 94 9.44 -3.66 2.13
C LYS A 94 10.60 -4.33 2.83
N ALA A 95 11.81 -3.95 2.48
CA ALA A 95 13.01 -4.54 3.09
C ALA A 95 13.07 -4.21 4.58
N GLY A 96 12.53 -5.12 5.39
CA GLY A 96 12.52 -4.94 6.83
C GLY A 96 11.62 -3.79 7.27
N HIS A 97 10.75 -3.34 6.37
CA HIS A 97 9.91 -2.19 6.65
C HIS A 97 8.52 -2.36 6.06
N PHE A 98 7.63 -1.44 6.40
CA PHE A 98 6.28 -1.44 5.87
C PHE A 98 5.95 -0.07 5.31
N ILE A 99 5.65 0.00 4.03
CA ILE A 99 5.37 1.28 3.40
C ILE A 99 4.02 1.27 2.72
N VAL A 100 3.25 2.33 2.95
CA VAL A 100 1.94 2.47 2.37
C VAL A 100 1.97 3.48 1.23
N TYR A 101 1.81 2.99 0.01
CA TYR A 101 1.84 3.84 -1.15
C TYR A 101 0.43 4.32 -1.49
N PHE A 102 0.24 5.62 -1.51
CA PHE A 102 -1.05 6.23 -1.77
C PHE A 102 -1.20 6.56 -3.25
N THR A 103 -2.17 5.94 -3.88
CA THR A 103 -2.43 6.16 -5.29
C THR A 103 -3.72 6.95 -5.48
N PRO A 104 -3.86 7.68 -6.59
CA PRO A 104 -5.09 8.42 -6.89
C PRO A 104 -6.20 7.49 -7.37
N LYS A 105 -6.58 6.55 -6.49
CA LYS A 105 -7.54 5.51 -6.83
C LYS A 105 -7.11 4.79 -8.10
N ASN A 106 -5.96 4.14 -8.04
CA ASN A 106 -5.41 3.46 -9.19
C ASN A 106 -6.14 2.14 -9.41
N LYS A 107 -6.08 1.65 -10.65
CA LYS A 107 -6.69 0.40 -11.04
C LYS A 107 -8.23 0.53 -11.06
N ASN A 108 -8.73 1.10 -12.14
CA ASN A 108 -10.15 1.14 -12.41
C ASN A 108 -10.42 0.22 -13.58
N ARG A 109 -11.33 -0.74 -13.38
CA ARG A 109 -11.54 -1.84 -14.32
C ARG A 109 -10.34 -2.76 -14.28
N GLU A 110 -10.48 -3.85 -13.53
CA GLU A 110 -9.36 -4.73 -13.23
C GLU A 110 -8.93 -5.55 -14.44
N GLY A 111 -8.17 -4.92 -15.31
CA GLY A 111 -7.61 -5.60 -16.45
C GLY A 111 -6.22 -6.12 -16.16
N VAL A 112 -5.35 -5.23 -15.70
CA VAL A 112 -4.01 -5.61 -15.31
C VAL A 112 -4.04 -6.29 -13.94
N VAL A 113 -3.48 -7.50 -13.88
CA VAL A 113 -3.46 -8.26 -12.64
C VAL A 113 -2.03 -8.52 -12.21
N PRO A 114 -1.82 -8.70 -10.88
CA PRO A 114 -0.50 -9.02 -10.32
C PRO A 114 0.18 -10.17 -11.04
N PRO A 115 1.37 -9.92 -11.62
CA PRO A 115 2.18 -10.94 -12.26
C PRO A 115 2.68 -11.98 -11.26
N VAL A 116 2.00 -13.12 -11.24
CA VAL A 116 2.35 -14.20 -10.34
C VAL A 116 2.95 -15.36 -11.12
N GLY A 117 3.32 -16.42 -10.40
CA GLY A 117 3.92 -17.57 -11.04
C GLY A 117 4.14 -18.70 -10.06
N ILE A 118 5.39 -19.07 -9.84
CA ILE A 118 5.72 -20.11 -8.90
C ILE A 118 6.28 -19.50 -7.62
N THR A 119 6.10 -20.20 -6.51
CA THR A 119 6.57 -19.73 -5.23
C THR A 119 7.90 -20.39 -4.87
N ASN A 120 8.66 -19.73 -4.02
CA ASN A 120 9.94 -20.27 -3.57
C ASN A 120 9.79 -20.82 -2.16
N MET A 23 -10.37 -5.70 -3.42
CA MET A 23 -9.76 -6.47 -2.31
C MET A 23 -9.17 -7.78 -2.81
N LYS A 24 -9.77 -8.32 -3.87
CA LYS A 24 -9.26 -9.52 -4.51
C LYS A 24 -7.98 -9.21 -5.28
N SER A 25 -8.03 -8.18 -6.10
CA SER A 25 -6.89 -7.83 -6.93
C SER A 25 -5.98 -6.83 -6.22
N SER A 26 -4.98 -7.35 -5.53
CA SER A 26 -3.96 -6.52 -4.93
C SER A 26 -2.79 -6.39 -5.90
N ILE A 27 -2.24 -5.19 -5.99
CA ILE A 27 -1.30 -4.85 -7.05
C ILE A 27 0.13 -4.85 -6.54
N PRO A 28 1.08 -5.39 -7.33
CA PRO A 28 2.50 -5.41 -6.95
C PRO A 28 3.12 -4.02 -6.96
N ILE A 29 4.24 -3.88 -6.28
CA ILE A 29 4.87 -2.57 -6.10
C ILE A 29 5.41 -2.04 -7.43
N THR A 30 5.75 -2.94 -8.35
CA THR A 30 6.28 -2.54 -9.65
C THR A 30 5.27 -1.69 -10.42
N GLU A 31 4.01 -1.76 -10.03
CA GLU A 31 2.97 -0.96 -10.63
C GLU A 31 2.61 0.22 -9.73
N VAL A 32 2.40 -0.07 -8.46
CA VAL A 32 1.92 0.94 -7.52
C VAL A 32 2.97 2.01 -7.22
N LEU A 33 4.24 1.61 -7.22
CA LEU A 33 5.34 2.55 -6.95
C LEU A 33 5.26 3.80 -7.84
N PRO A 34 5.38 3.65 -9.19
CA PRO A 34 5.29 4.79 -10.10
C PRO A 34 3.88 5.38 -10.18
N ARG A 35 2.86 4.58 -9.93
CA ARG A 35 1.48 5.03 -10.04
C ARG A 35 0.98 5.68 -8.74
N ALA A 36 1.84 5.77 -7.74
CA ALA A 36 1.47 6.35 -6.46
C ALA A 36 1.85 7.83 -6.40
N VAL A 37 1.07 8.61 -5.68
CA VAL A 37 1.30 10.04 -5.54
C VAL A 37 1.61 10.41 -4.09
N GLY A 38 1.68 9.39 -3.24
CA GLY A 38 2.01 9.60 -1.84
C GLY A 38 2.57 8.35 -1.22
N SER A 39 3.36 8.50 -0.18
CA SER A 39 3.99 7.35 0.45
C SER A 39 4.18 7.56 1.96
N LEU A 40 3.70 6.59 2.73
CA LEU A 40 3.90 6.57 4.16
C LEU A 40 4.88 5.46 4.53
N THR A 41 6.01 5.84 5.06
CA THR A 41 7.03 4.87 5.43
C THR A 41 6.91 4.50 6.91
N PHE A 42 6.59 3.24 7.16
CA PHE A 42 6.47 2.72 8.51
C PHE A 42 7.63 1.81 8.83
N ASP A 43 7.91 1.66 10.11
CA ASP A 43 8.91 0.72 10.57
C ASP A 43 8.28 -0.65 10.76
N GLU A 44 9.09 -1.69 10.94
CA GLU A 44 8.58 -3.03 11.14
C GLU A 44 7.79 -3.12 12.45
N ASN A 45 8.03 -2.18 13.35
CA ASN A 45 7.29 -2.10 14.60
C ASN A 45 6.03 -1.23 14.43
N TYR A 46 5.65 -1.02 13.16
CA TYR A 46 4.39 -0.35 12.80
C TYR A 46 4.34 1.10 13.25
N ASN A 47 5.51 1.71 13.43
CA ASN A 47 5.58 3.12 13.77
C ASN A 47 5.95 3.93 12.53
N LEU A 48 5.30 5.08 12.37
CA LEU A 48 5.54 5.93 11.22
C LEU A 48 6.96 6.52 11.25
N LEU A 49 7.62 6.48 10.11
CA LEU A 49 8.95 7.03 9.96
C LEU A 49 8.92 8.28 9.07
N ASP A 50 8.43 8.11 7.85
CA ASP A 50 8.47 9.18 6.86
C ASP A 50 7.12 9.38 6.19
N THR A 51 6.74 10.63 6.00
CA THR A 51 5.52 10.97 5.30
C THR A 51 5.83 11.83 4.07
N SER A 52 5.54 11.32 2.88
CA SER A 52 5.84 12.04 1.66
C SER A 52 4.66 11.98 0.69
N GLY A 53 4.63 12.91 -0.26
CA GLY A 53 3.56 12.95 -1.24
C GLY A 53 2.25 13.43 -0.63
N VAL A 54 1.15 13.00 -1.24
CA VAL A 54 -0.19 13.37 -0.77
C VAL A 54 -0.47 12.78 0.61
N ALA A 55 0.34 11.81 1.02
CA ALA A 55 0.16 11.15 2.30
C ALA A 55 0.38 12.12 3.46
N LYS A 56 0.92 13.30 3.16
CA LYS A 56 1.16 14.31 4.17
C LYS A 56 -0.13 15.02 4.55
N VAL A 57 -1.03 15.20 3.60
CA VAL A 57 -2.29 15.89 3.86
C VAL A 57 -3.38 14.90 4.22
N ILE A 58 -3.17 13.64 3.86
CA ILE A 58 -4.06 12.58 4.26
C ILE A 58 -3.81 12.19 5.72
N GLU A 59 -4.89 12.03 6.48
CA GLU A 59 -4.77 11.65 7.88
C GLU A 59 -4.07 10.29 8.02
N LYS A 60 -3.11 10.25 8.94
CA LYS A 60 -2.27 9.06 9.14
C LYS A 60 -3.11 7.83 9.43
N SER A 61 -4.20 8.02 10.19
CA SER A 61 -5.15 6.94 10.47
C SER A 61 -4.51 5.81 11.28
N PRO A 62 -5.31 4.82 11.75
CA PRO A 62 -4.79 3.62 12.38
C PRO A 62 -4.33 2.58 11.34
N ILE A 63 -3.68 3.07 10.29
CA ILE A 63 -3.23 2.23 9.19
C ILE A 63 -2.26 1.14 9.67
N ALA A 64 -1.51 1.45 10.72
CA ALA A 64 -0.57 0.50 11.29
C ALA A 64 -1.27 -0.81 11.66
N GLU A 65 -2.52 -0.70 12.08
CA GLU A 65 -3.33 -1.85 12.44
C GLU A 65 -3.63 -2.67 11.19
N ILE A 66 -3.88 -1.99 10.08
CA ILE A 66 -4.21 -2.65 8.84
C ILE A 66 -2.93 -3.18 8.17
N ILE A 67 -1.81 -2.53 8.45
CA ILE A 67 -0.52 -2.94 7.91
C ILE A 67 -0.17 -4.34 8.39
N ARG A 68 -0.29 -4.56 9.69
CA ARG A 68 -0.01 -5.87 10.27
C ARG A 68 -1.00 -6.91 9.78
N LYS A 69 -2.27 -6.53 9.64
CA LYS A 69 -3.27 -7.43 9.08
C LYS A 69 -2.87 -7.83 7.67
N SER A 70 -2.58 -6.83 6.84
CA SER A 70 -2.21 -7.05 5.45
C SER A 70 -0.89 -7.82 5.37
N ASN A 71 -0.04 -7.63 6.38
CA ASN A 71 1.26 -8.28 6.41
C ASN A 71 1.09 -9.79 6.54
N ALA A 72 0.12 -10.20 7.34
CA ALA A 72 -0.19 -11.60 7.51
C ALA A 72 -0.89 -12.15 6.28
N GLU A 73 -1.63 -11.29 5.60
CA GLU A 73 -2.37 -11.67 4.40
C GLU A 73 -1.44 -11.88 3.20
N LEU A 74 -0.66 -10.87 2.88
CA LEU A 74 0.12 -10.85 1.65
C LEU A 74 1.62 -10.74 1.88
N GLY A 75 2.34 -10.53 0.79
CA GLY A 75 3.76 -10.27 0.88
C GLY A 75 4.19 -9.17 -0.08
N ARG A 76 4.18 -9.49 -1.38
CA ARG A 76 4.70 -8.56 -2.39
C ARG A 76 3.62 -7.62 -2.93
N LEU A 77 2.36 -7.95 -2.68
CA LEU A 77 1.25 -7.16 -3.21
C LEU A 77 0.89 -6.04 -2.24
N GLY A 78 0.16 -5.05 -2.74
CA GLY A 78 -0.26 -3.94 -1.91
C GLY A 78 -1.75 -3.96 -1.63
N TYR A 79 -2.11 -4.42 -0.45
CA TYR A 79 -3.50 -4.47 -0.01
C TYR A 79 -4.01 -3.05 0.21
N SER A 80 -5.19 -2.75 -0.32
CA SER A 80 -5.78 -1.45 -0.12
C SER A 80 -6.21 -1.29 1.33
N VAL A 81 -5.48 -0.45 2.06
CA VAL A 81 -5.72 -0.28 3.49
C VAL A 81 -6.56 0.97 3.76
N TYR A 82 -6.37 1.99 2.93
CA TYR A 82 -7.08 3.25 3.12
C TYR A 82 -7.67 3.72 1.79
N GLU A 83 -8.95 3.49 1.59
CA GLU A 83 -9.60 3.98 0.40
C GLU A 83 -10.35 5.28 0.69
N ASP A 84 -9.90 6.33 0.05
CA ASP A 84 -10.53 7.63 0.14
C ASP A 84 -11.17 7.92 -1.21
N ALA A 85 -12.01 8.94 -1.29
CA ALA A 85 -12.68 9.25 -2.54
C ALA A 85 -11.71 9.78 -3.58
N GLN A 86 -10.58 10.28 -3.11
CA GLN A 86 -9.56 10.82 -4.00
C GLN A 86 -8.44 9.82 -4.23
N TYR A 87 -7.96 9.21 -3.14
CA TYR A 87 -6.77 8.36 -3.19
C TYR A 87 -7.00 7.03 -2.49
N ILE A 88 -6.13 6.06 -2.77
CA ILE A 88 -6.20 4.75 -2.14
C ILE A 88 -4.81 4.33 -1.69
N GLY A 89 -4.69 4.04 -0.40
CA GLY A 89 -3.43 3.61 0.16
C GLY A 89 -3.28 2.10 0.16
N HIS A 90 -2.08 1.63 -0.14
CA HIS A 90 -1.82 0.19 -0.20
C HIS A 90 -0.62 -0.17 0.66
N ALA A 91 -0.77 -1.18 1.51
CA ALA A 91 0.34 -1.61 2.37
C ALA A 91 1.27 -2.58 1.64
N PHE A 92 2.54 -2.22 1.58
CA PHE A 92 3.54 -3.05 0.94
C PHE A 92 4.57 -3.51 1.95
N LYS A 93 4.97 -4.77 1.84
CA LYS A 93 6.05 -5.30 2.65
C LYS A 93 7.39 -4.99 2.00
N LYS A 94 8.20 -4.23 2.71
CA LYS A 94 9.49 -3.81 2.21
C LYS A 94 10.59 -4.54 2.98
N ALA A 95 11.83 -4.32 2.59
CA ALA A 95 12.97 -4.95 3.26
C ALA A 95 13.05 -4.49 4.72
N GLY A 96 12.49 -5.30 5.62
CA GLY A 96 12.54 -5.01 7.03
C GLY A 96 11.69 -3.82 7.42
N HIS A 97 10.85 -3.35 6.52
CA HIS A 97 10.02 -2.18 6.76
C HIS A 97 8.69 -2.30 6.04
N PHE A 98 7.80 -1.36 6.31
CA PHE A 98 6.48 -1.34 5.69
C PHE A 98 6.23 0.03 5.09
N ILE A 99 5.73 0.07 3.87
CA ILE A 99 5.41 1.35 3.26
C ILE A 99 4.03 1.31 2.63
N VAL A 100 3.25 2.35 2.88
CA VAL A 100 1.92 2.48 2.33
C VAL A 100 1.92 3.48 1.19
N TYR A 101 1.74 2.99 -0.02
CA TYR A 101 1.74 3.84 -1.20
C TYR A 101 0.32 4.29 -1.53
N PHE A 102 0.13 5.60 -1.60
CA PHE A 102 -1.16 6.17 -1.90
C PHE A 102 -1.28 6.51 -3.37
N THR A 103 -2.17 5.83 -4.06
CA THR A 103 -2.40 6.06 -5.47
C THR A 103 -3.66 6.90 -5.66
N PRO A 104 -3.73 7.72 -6.71
CA PRO A 104 -4.92 8.53 -7.01
C PRO A 104 -6.08 7.68 -7.54
N LYS A 105 -6.48 6.70 -6.74
CA LYS A 105 -7.44 5.68 -7.14
C LYS A 105 -7.02 5.01 -8.44
N ASN A 106 -5.84 4.39 -8.42
CA ASN A 106 -5.37 3.65 -9.57
C ASN A 106 -6.12 2.33 -9.67
N LYS A 107 -7.14 2.32 -10.52
CA LYS A 107 -7.97 1.16 -10.69
C LYS A 107 -7.40 0.24 -11.76
N ASN A 108 -6.91 -0.91 -11.34
CA ASN A 108 -6.46 -1.93 -12.27
C ASN A 108 -7.68 -2.58 -12.90
N ARG A 109 -8.08 -2.06 -14.05
CA ARG A 109 -9.33 -2.46 -14.67
C ARG A 109 -9.07 -3.33 -15.90
N GLU A 110 -7.90 -3.13 -16.51
CA GLU A 110 -7.56 -3.84 -17.73
C GLU A 110 -6.05 -3.73 -17.97
N GLY A 111 -5.51 -4.67 -18.75
CA GLY A 111 -4.10 -4.67 -19.05
C GLY A 111 -3.35 -5.68 -18.24
N VAL A 112 -2.26 -5.26 -17.63
CA VAL A 112 -1.52 -6.12 -16.73
C VAL A 112 -2.24 -6.23 -15.39
N VAL A 113 -2.97 -7.33 -15.22
CA VAL A 113 -3.70 -7.57 -13.98
C VAL A 113 -2.84 -8.41 -13.03
N PRO A 114 -2.69 -7.96 -11.78
CA PRO A 114 -1.78 -8.57 -10.80
C PRO A 114 -2.21 -9.96 -10.33
N PRO A 115 -1.28 -10.92 -10.42
CA PRO A 115 -1.44 -12.24 -9.82
C PRO A 115 -0.81 -12.29 -8.43
N VAL A 116 -0.67 -13.48 -7.87
CA VAL A 116 -0.04 -13.64 -6.56
C VAL A 116 1.23 -14.45 -6.68
N GLY A 117 1.13 -15.65 -7.24
CA GLY A 117 2.28 -16.50 -7.39
C GLY A 117 2.56 -17.32 -6.15
N ILE A 118 3.74 -17.94 -6.09
CA ILE A 118 4.17 -18.75 -4.96
C ILE A 118 3.32 -20.03 -4.87
N THR A 119 2.68 -20.37 -5.99
CA THR A 119 1.83 -21.57 -6.12
C THR A 119 0.78 -21.70 -5.00
N ASN A 120 -0.44 -21.28 -5.31
CA ASN A 120 -1.54 -21.37 -4.35
C ASN A 120 -2.23 -22.73 -4.45
N MET A 23 -9.39 -13.57 -6.84
CA MET A 23 -10.24 -12.46 -6.37
C MET A 23 -9.61 -11.78 -5.16
N LYS A 24 -8.98 -10.63 -5.39
CA LYS A 24 -8.33 -9.89 -4.31
C LYS A 24 -7.86 -8.53 -4.82
N SER A 25 -7.46 -8.50 -6.09
CA SER A 25 -6.99 -7.27 -6.73
C SER A 25 -5.71 -6.76 -6.06
N SER A 26 -4.91 -7.69 -5.55
CA SER A 26 -3.65 -7.35 -4.91
C SER A 26 -2.61 -6.97 -5.97
N ILE A 27 -2.32 -5.68 -6.06
CA ILE A 27 -1.42 -5.16 -7.08
C ILE A 27 0.02 -5.13 -6.57
N PRO A 28 0.99 -5.58 -7.39
CA PRO A 28 2.41 -5.59 -7.01
C PRO A 28 3.00 -4.19 -6.96
N ILE A 29 4.11 -4.07 -6.24
CA ILE A 29 4.75 -2.77 -6.04
C ILE A 29 5.30 -2.19 -7.34
N THR A 30 5.63 -3.05 -8.30
CA THR A 30 6.20 -2.61 -9.56
C THR A 30 5.21 -1.72 -10.33
N GLU A 31 3.93 -1.82 -9.99
CA GLU A 31 2.92 -0.98 -10.60
C GLU A 31 2.60 0.20 -9.69
N VAL A 32 2.39 -0.08 -8.41
CA VAL A 32 1.93 0.93 -7.48
C VAL A 32 3.01 1.97 -7.18
N LEU A 33 4.26 1.55 -7.13
CA LEU A 33 5.37 2.45 -6.85
C LEU A 33 5.41 3.65 -7.82
N PRO A 34 5.58 3.41 -9.14
CA PRO A 34 5.62 4.50 -10.13
C PRO A 34 4.29 5.25 -10.24
N ARG A 35 3.17 4.56 -9.97
CA ARG A 35 1.87 5.17 -10.07
C ARG A 35 1.46 5.89 -8.78
N ALA A 36 2.32 5.85 -7.78
CA ALA A 36 2.00 6.44 -6.48
C ALA A 36 2.18 7.94 -6.47
N VAL A 37 1.34 8.62 -5.70
CA VAL A 37 1.41 10.06 -5.55
C VAL A 37 1.73 10.43 -4.11
N GLY A 38 1.86 9.41 -3.27
CA GLY A 38 2.20 9.62 -1.88
C GLY A 38 2.72 8.34 -1.25
N SER A 39 3.35 8.45 -0.09
CA SER A 39 3.88 7.28 0.59
C SER A 39 4.01 7.51 2.08
N LEU A 40 3.72 6.48 2.85
CA LEU A 40 3.94 6.49 4.28
C LEU A 40 4.87 5.37 4.66
N THR A 41 6.04 5.71 5.15
CA THR A 41 7.03 4.73 5.51
C THR A 41 6.92 4.39 6.99
N PHE A 42 6.64 3.13 7.28
CA PHE A 42 6.56 2.66 8.65
C PHE A 42 7.66 1.64 8.93
N ASP A 43 8.04 1.54 10.19
CA ASP A 43 9.07 0.61 10.62
C ASP A 43 8.46 -0.78 10.85
N GLU A 44 9.30 -1.76 11.17
CA GLU A 44 8.83 -3.10 11.49
C GLU A 44 7.96 -3.06 12.75
N ASN A 45 8.17 -2.04 13.58
CA ASN A 45 7.36 -1.81 14.76
C ASN A 45 6.11 -1.01 14.41
N TYR A 46 5.91 -0.80 13.11
CA TYR A 46 4.76 -0.07 12.59
C TYR A 46 4.78 1.38 13.03
N ASN A 47 5.97 1.89 13.34
CA ASN A 47 6.15 3.28 13.71
C ASN A 47 6.36 4.12 12.45
N LEU A 48 5.80 5.32 12.44
CA LEU A 48 5.90 6.19 11.28
C LEU A 48 7.31 6.73 11.15
N LEU A 49 7.93 6.48 10.01
CA LEU A 49 9.28 6.96 9.76
C LEU A 49 9.27 8.14 8.81
N ASP A 50 8.59 8.00 7.67
CA ASP A 50 8.60 9.02 6.65
C ASP A 50 7.20 9.27 6.10
N THR A 51 6.92 10.51 5.76
CA THR A 51 5.67 10.88 5.12
C THR A 51 5.95 11.73 3.88
N SER A 52 5.60 11.20 2.71
CA SER A 52 5.89 11.87 1.45
C SER A 52 4.66 11.90 0.55
N GLY A 53 4.64 12.87 -0.37
CA GLY A 53 3.53 13.01 -1.30
C GLY A 53 2.23 13.38 -0.64
N VAL A 54 1.12 12.96 -1.24
CA VAL A 54 -0.21 13.29 -0.74
C VAL A 54 -0.45 12.71 0.66
N ALA A 55 0.38 11.76 1.05
CA ALA A 55 0.26 11.10 2.36
C ALA A 55 0.46 12.10 3.51
N LYS A 56 0.96 13.28 3.18
CA LYS A 56 1.18 14.32 4.18
C LYS A 56 -0.14 14.94 4.62
N VAL A 57 -1.04 15.17 3.66
CA VAL A 57 -2.31 15.82 3.94
C VAL A 57 -3.38 14.79 4.28
N ILE A 58 -3.16 13.55 3.88
CA ILE A 58 -4.05 12.46 4.25
C ILE A 58 -3.84 12.11 5.72
N GLU A 59 -4.92 11.78 6.42
CA GLU A 59 -4.82 11.40 7.82
C GLU A 59 -4.09 10.07 7.95
N LYS A 60 -3.33 9.93 9.03
CA LYS A 60 -2.50 8.75 9.23
C LYS A 60 -3.36 7.58 9.69
N SER A 61 -4.36 7.86 10.54
CA SER A 61 -5.38 6.88 10.96
C SER A 61 -4.74 5.58 11.51
N PRO A 62 -5.54 4.54 11.83
CA PRO A 62 -4.99 3.23 12.23
C PRO A 62 -4.53 2.39 11.03
N ILE A 63 -3.85 3.03 10.08
CA ILE A 63 -3.34 2.33 8.89
C ILE A 63 -2.40 1.21 9.28
N ALA A 64 -1.57 1.44 10.29
CA ALA A 64 -0.59 0.46 10.74
C ALA A 64 -1.27 -0.85 11.15
N GLU A 65 -2.47 -0.73 11.72
CA GLU A 65 -3.23 -1.89 12.12
C GLU A 65 -3.67 -2.69 10.90
N ILE A 66 -4.01 -2.00 9.83
CA ILE A 66 -4.42 -2.65 8.61
C ILE A 66 -3.20 -3.20 7.87
N ILE A 67 -2.05 -2.55 8.08
CA ILE A 67 -0.80 -2.99 7.48
C ILE A 67 -0.42 -4.37 7.96
N ARG A 68 -0.53 -4.59 9.26
CA ARG A 68 -0.21 -5.89 9.84
C ARG A 68 -1.22 -6.94 9.43
N LYS A 69 -2.49 -6.56 9.37
CA LYS A 69 -3.52 -7.46 8.86
C LYS A 69 -3.19 -7.86 7.43
N SER A 70 -2.85 -6.87 6.61
CA SER A 70 -2.50 -7.11 5.22
C SER A 70 -1.16 -7.84 5.12
N ASN A 71 -0.35 -7.73 6.17
CA ASN A 71 0.93 -8.41 6.22
C ASN A 71 0.72 -9.92 6.29
N ALA A 72 -0.34 -10.32 6.97
CA ALA A 72 -0.72 -11.72 7.04
C ALA A 72 -1.46 -12.13 5.76
N GLU A 73 -2.06 -11.14 5.10
CA GLU A 73 -2.82 -11.38 3.88
C GLU A 73 -1.91 -11.56 2.67
N LEU A 74 -0.82 -10.80 2.61
CA LEU A 74 0.02 -10.79 1.43
C LEU A 74 1.50 -10.66 1.80
N GLY A 75 2.33 -10.56 0.77
CA GLY A 75 3.72 -10.26 0.97
C GLY A 75 4.18 -9.10 0.09
N ARG A 76 4.26 -9.35 -1.21
CA ARG A 76 4.83 -8.38 -2.14
C ARG A 76 3.75 -7.55 -2.83
N LEU A 77 2.51 -7.70 -2.38
CA LEU A 77 1.40 -6.97 -2.99
C LEU A 77 1.02 -5.77 -2.14
N GLY A 78 0.21 -4.88 -2.71
CA GLY A 78 -0.25 -3.71 -1.99
C GLY A 78 -1.73 -3.75 -1.72
N TYR A 79 -2.08 -4.20 -0.52
CA TYR A 79 -3.48 -4.30 -0.10
C TYR A 79 -4.03 -2.90 0.13
N SER A 80 -5.23 -2.63 -0.37
CA SER A 80 -5.86 -1.34 -0.13
C SER A 80 -6.23 -1.22 1.33
N VAL A 81 -5.50 -0.38 2.04
CA VAL A 81 -5.70 -0.23 3.49
C VAL A 81 -6.44 1.06 3.81
N TYR A 82 -6.21 2.08 3.01
CA TYR A 82 -6.88 3.35 3.20
C TYR A 82 -7.56 3.78 1.91
N GLU A 83 -8.85 3.57 1.84
CA GLU A 83 -9.61 3.98 0.67
C GLU A 83 -10.33 5.29 0.94
N ASP A 84 -9.92 6.33 0.23
CA ASP A 84 -10.53 7.65 0.33
C ASP A 84 -11.21 7.95 -0.99
N ALA A 85 -12.07 8.95 -1.02
CA ALA A 85 -12.80 9.28 -2.22
C ALA A 85 -11.87 9.85 -3.29
N GLN A 86 -10.69 10.30 -2.87
CA GLN A 86 -9.72 10.86 -3.80
C GLN A 86 -8.64 9.84 -4.16
N TYR A 87 -8.02 9.26 -3.13
CA TYR A 87 -6.87 8.38 -3.32
C TYR A 87 -7.04 7.09 -2.54
N ILE A 88 -6.18 6.12 -2.81
CA ILE A 88 -6.23 4.84 -2.13
C ILE A 88 -4.83 4.40 -1.71
N GLY A 89 -4.68 4.09 -0.43
CA GLY A 89 -3.39 3.67 0.10
C GLY A 89 -3.24 2.16 0.10
N HIS A 90 -2.04 1.68 -0.18
CA HIS A 90 -1.77 0.25 -0.27
C HIS A 90 -0.61 -0.14 0.62
N ALA A 91 -0.81 -1.13 1.48
CA ALA A 91 0.26 -1.60 2.37
C ALA A 91 1.19 -2.56 1.65
N PHE A 92 2.47 -2.23 1.65
CA PHE A 92 3.49 -3.09 1.05
C PHE A 92 4.48 -3.56 2.08
N LYS A 93 4.89 -4.80 1.95
CA LYS A 93 5.99 -5.33 2.76
C LYS A 93 7.31 -4.97 2.11
N LYS A 94 8.12 -4.22 2.84
CA LYS A 94 9.39 -3.73 2.31
C LYS A 94 10.54 -4.40 3.03
N ALA A 95 11.76 -4.00 2.71
CA ALA A 95 12.95 -4.60 3.31
C ALA A 95 13.03 -4.28 4.79
N GLY A 96 12.50 -5.19 5.61
CA GLY A 96 12.48 -5.01 7.04
C GLY A 96 11.59 -3.86 7.47
N HIS A 97 10.74 -3.38 6.57
CA HIS A 97 9.90 -2.22 6.84
C HIS A 97 8.52 -2.40 6.22
N PHE A 98 7.63 -1.47 6.52
CA PHE A 98 6.28 -1.49 6.00
C PHE A 98 5.94 -0.13 5.41
N ILE A 99 5.71 -0.07 4.12
CA ILE A 99 5.44 1.21 3.48
C ILE A 99 4.09 1.19 2.77
N VAL A 100 3.33 2.25 2.96
CA VAL A 100 2.04 2.39 2.33
C VAL A 100 2.13 3.38 1.17
N TYR A 101 1.97 2.88 -0.04
CA TYR A 101 2.01 3.72 -1.21
C TYR A 101 0.62 4.20 -1.55
N PHE A 102 0.45 5.51 -1.58
CA PHE A 102 -0.82 6.12 -1.87
C PHE A 102 -0.92 6.48 -3.35
N THR A 103 -1.86 5.86 -4.03
CA THR A 103 -2.11 6.17 -5.42
C THR A 103 -3.46 6.85 -5.53
N PRO A 104 -3.74 7.57 -6.62
CA PRO A 104 -5.09 8.04 -6.88
C PRO A 104 -6.02 6.85 -7.03
N LYS A 105 -7.31 7.04 -6.76
CA LYS A 105 -8.30 5.99 -6.98
C LYS A 105 -8.11 5.32 -8.34
N ASN A 106 -7.49 4.15 -8.33
CA ASN A 106 -7.27 3.38 -9.54
C ASN A 106 -8.12 2.12 -9.49
N LYS A 107 -9.37 2.26 -9.90
CA LYS A 107 -10.28 1.15 -9.90
C LYS A 107 -11.18 1.21 -11.12
N ASN A 108 -10.64 0.80 -12.24
CA ASN A 108 -11.36 0.81 -13.51
C ASN A 108 -12.08 -0.52 -13.69
N ARG A 109 -13.18 -0.51 -14.42
CA ARG A 109 -13.93 -1.75 -14.63
C ARG A 109 -13.23 -2.64 -15.66
N GLU A 110 -12.27 -3.41 -15.18
CA GLU A 110 -11.53 -4.35 -16.01
C GLU A 110 -11.36 -5.66 -15.26
N GLY A 111 -11.14 -6.73 -16.01
CA GLY A 111 -10.95 -8.04 -15.39
C GLY A 111 -9.49 -8.34 -15.17
N VAL A 112 -8.70 -7.30 -14.98
CA VAL A 112 -7.27 -7.46 -14.76
C VAL A 112 -7.00 -7.76 -13.30
N VAL A 113 -6.34 -8.88 -13.04
CA VAL A 113 -6.01 -9.28 -11.69
C VAL A 113 -4.54 -9.66 -11.60
N PRO A 114 -3.76 -8.88 -10.84
CA PRO A 114 -2.31 -9.10 -10.69
C PRO A 114 -1.99 -10.40 -9.97
N PRO A 115 -0.83 -10.99 -10.27
CA PRO A 115 -0.34 -12.21 -9.60
C PRO A 115 -0.04 -11.97 -8.12
N VAL A 116 0.13 -13.05 -7.37
CA VAL A 116 0.33 -12.96 -5.92
C VAL A 116 1.83 -12.87 -5.60
N GLY A 117 2.65 -12.77 -6.64
CA GLY A 117 4.07 -12.63 -6.44
C GLY A 117 4.86 -13.41 -7.47
N ILE A 118 6.13 -13.61 -7.18
CA ILE A 118 7.02 -14.34 -8.09
C ILE A 118 6.89 -15.85 -7.88
N THR A 119 6.48 -16.24 -6.68
CA THR A 119 6.34 -17.64 -6.34
C THR A 119 4.97 -18.17 -6.76
N ASN A 120 4.92 -19.45 -7.06
CA ASN A 120 3.68 -20.10 -7.48
C ASN A 120 3.71 -21.57 -7.11
N MET A 23 -11.53 -7.93 -2.05
CA MET A 23 -10.48 -6.98 -2.48
C MET A 23 -10.15 -7.22 -3.96
N LYS A 24 -9.57 -8.38 -4.26
CA LYS A 24 -9.31 -8.82 -5.65
C LYS A 24 -8.59 -7.76 -6.49
N SER A 25 -7.72 -6.99 -5.84
CA SER A 25 -6.97 -5.95 -6.53
C SER A 25 -5.50 -6.05 -6.17
N SER A 26 -5.04 -7.26 -5.91
CA SER A 26 -3.65 -7.52 -5.58
C SER A 26 -2.74 -7.13 -6.75
N ILE A 27 -2.06 -6.01 -6.60
CA ILE A 27 -1.17 -5.51 -7.64
C ILE A 27 0.24 -5.35 -7.08
N PRO A 28 1.26 -5.81 -7.84
CA PRO A 28 2.66 -5.69 -7.44
C PRO A 28 3.14 -4.25 -7.38
N ILE A 29 4.22 -4.02 -6.64
CA ILE A 29 4.74 -2.68 -6.41
C ILE A 29 5.24 -2.05 -7.70
N THR A 30 5.69 -2.87 -8.64
CA THR A 30 6.20 -2.38 -9.92
C THR A 30 5.14 -1.57 -10.67
N GLU A 31 3.87 -1.79 -10.34
CA GLU A 31 2.77 -1.07 -10.96
C GLU A 31 2.27 0.04 -10.05
N VAL A 32 2.13 -0.28 -8.77
CA VAL A 32 1.55 0.67 -7.81
C VAL A 32 2.49 1.83 -7.54
N LEU A 33 3.79 1.57 -7.51
CA LEU A 33 4.79 2.60 -7.26
C LEU A 33 4.65 3.79 -8.21
N PRO A 34 4.78 3.58 -9.55
CA PRO A 34 4.64 4.68 -10.52
C PRO A 34 3.23 5.27 -10.53
N ARG A 35 2.24 4.47 -10.16
CA ARG A 35 0.86 4.94 -10.10
C ARG A 35 0.58 5.71 -8.81
N ALA A 36 1.51 5.64 -7.85
CA ALA A 36 1.31 6.26 -6.55
C ALA A 36 1.72 7.73 -6.56
N VAL A 37 1.09 8.50 -5.68
CA VAL A 37 1.37 9.93 -5.57
C VAL A 37 1.79 10.29 -4.15
N GLY A 38 1.88 9.28 -3.30
CA GLY A 38 2.32 9.48 -1.93
C GLY A 38 2.70 8.18 -1.27
N SER A 39 3.40 8.25 -0.16
CA SER A 39 3.83 7.05 0.54
C SER A 39 4.07 7.31 2.03
N LEU A 40 3.68 6.34 2.84
CA LEU A 40 3.90 6.39 4.27
C LEU A 40 4.86 5.29 4.70
N THR A 41 5.99 5.66 5.27
CA THR A 41 7.00 4.70 5.68
C THR A 41 6.82 4.33 7.15
N PHE A 42 6.54 3.06 7.41
CA PHE A 42 6.43 2.54 8.76
C PHE A 42 7.58 1.54 9.01
N ASP A 43 7.95 1.37 10.28
CA ASP A 43 9.00 0.42 10.62
C ASP A 43 8.41 -0.96 10.88
N GLU A 44 9.25 -1.90 11.29
CA GLU A 44 8.83 -3.27 11.53
C GLU A 44 7.89 -3.37 12.74
N ASN A 45 7.93 -2.36 13.61
CA ASN A 45 7.04 -2.29 14.76
C ASN A 45 5.83 -1.43 14.43
N TYR A 46 5.72 -1.06 13.15
CA TYR A 46 4.57 -0.34 12.61
C TYR A 46 4.47 1.09 13.14
N ASN A 47 5.61 1.73 13.33
CA ASN A 47 5.66 3.14 13.70
C ASN A 47 5.89 4.00 12.45
N LEU A 48 5.14 5.08 12.33
CA LEU A 48 5.36 6.05 11.27
C LEU A 48 6.76 6.63 11.35
N LEU A 49 7.54 6.38 10.30
CA LEU A 49 8.89 6.90 10.21
C LEU A 49 8.92 8.15 9.33
N ASP A 50 8.42 8.02 8.11
CA ASP A 50 8.46 9.09 7.13
C ASP A 50 7.14 9.25 6.42
N THR A 51 6.80 10.48 6.07
CA THR A 51 5.61 10.78 5.31
C THR A 51 5.97 11.55 4.04
N SER A 52 5.60 11.03 2.88
CA SER A 52 5.95 11.67 1.63
C SER A 52 4.76 11.67 0.66
N GLY A 53 4.75 12.63 -0.24
CA GLY A 53 3.69 12.72 -1.23
C GLY A 53 2.40 13.25 -0.65
N VAL A 54 1.28 12.88 -1.27
CA VAL A 54 -0.04 13.31 -0.80
C VAL A 54 -0.31 12.81 0.62
N ALA A 55 0.44 11.79 1.03
CA ALA A 55 0.29 11.21 2.36
C ALA A 55 0.54 12.25 3.46
N LYS A 56 1.16 13.37 3.07
CA LYS A 56 1.49 14.43 4.01
C LYS A 56 0.25 15.24 4.40
N VAL A 57 -0.72 15.33 3.48
CA VAL A 57 -1.95 16.05 3.78
C VAL A 57 -3.05 15.07 4.22
N ILE A 58 -2.90 13.81 3.82
CA ILE A 58 -3.84 12.77 4.21
C ILE A 58 -3.72 12.49 5.71
N GLU A 59 -4.87 12.26 6.34
CA GLU A 59 -4.95 12.04 7.77
C GLU A 59 -4.22 10.76 8.19
N LYS A 60 -3.53 10.83 9.31
CA LYS A 60 -2.83 9.68 9.86
C LYS A 60 -3.76 8.83 10.70
N SER A 61 -4.47 7.94 10.05
CA SER A 61 -5.35 7.01 10.72
C SER A 61 -4.55 5.82 11.27
N PRO A 62 -5.18 4.92 12.06
CA PRO A 62 -4.53 3.71 12.58
C PRO A 62 -4.20 2.70 11.47
N ILE A 63 -3.54 3.18 10.42
CA ILE A 63 -3.19 2.38 9.27
C ILE A 63 -2.29 1.21 9.66
N ALA A 64 -1.53 1.40 10.74
CA ALA A 64 -0.60 0.38 11.22
C ALA A 64 -1.33 -0.93 11.48
N GLU A 65 -2.58 -0.82 11.92
CA GLU A 65 -3.42 -1.97 12.18
C GLU A 65 -3.73 -2.71 10.88
N ILE A 66 -3.99 -1.96 9.83
CA ILE A 66 -4.35 -2.57 8.55
C ILE A 66 -3.09 -3.08 7.85
N ILE A 67 -1.96 -2.45 8.12
CA ILE A 67 -0.69 -2.87 7.54
C ILE A 67 -0.33 -4.27 7.99
N ARG A 68 -0.45 -4.53 9.29
CA ARG A 68 -0.15 -5.83 9.86
C ARG A 68 -1.13 -6.89 9.35
N LYS A 69 -2.39 -6.50 9.26
CA LYS A 69 -3.40 -7.39 8.69
C LYS A 69 -3.02 -7.76 7.26
N SER A 70 -2.66 -6.76 6.48
CA SER A 70 -2.28 -6.98 5.09
C SER A 70 -0.96 -7.74 5.00
N ASN A 71 -0.16 -7.67 6.06
CA ASN A 71 1.08 -8.41 6.10
C ASN A 71 0.80 -9.90 6.15
N ALA A 72 -0.29 -10.26 6.81
CA ALA A 72 -0.73 -11.64 6.86
C ALA A 72 -1.50 -12.03 5.60
N GLU A 73 -2.02 -11.01 4.91
CA GLU A 73 -2.79 -11.23 3.69
C GLU A 73 -1.88 -11.46 2.48
N LEU A 74 -0.75 -10.75 2.44
CA LEU A 74 0.10 -10.76 1.26
C LEU A 74 1.58 -10.68 1.60
N GLY A 75 2.40 -10.59 0.57
CA GLY A 75 3.81 -10.35 0.74
C GLY A 75 4.24 -9.06 0.05
N ARG A 76 4.66 -9.18 -1.21
CA ARG A 76 5.17 -8.03 -1.96
C ARG A 76 4.05 -7.33 -2.73
N LEU A 77 2.81 -7.67 -2.40
CA LEU A 77 1.64 -7.07 -3.05
C LEU A 77 1.16 -5.87 -2.25
N GLY A 78 0.29 -5.07 -2.85
CA GLY A 78 -0.22 -3.88 -2.18
C GLY A 78 -1.70 -3.96 -1.86
N TYR A 79 -2.01 -4.21 -0.60
CA TYR A 79 -3.39 -4.30 -0.15
C TYR A 79 -3.91 -2.90 0.16
N SER A 80 -5.12 -2.60 -0.28
CA SER A 80 -5.71 -1.32 0.02
C SER A 80 -6.05 -1.21 1.50
N VAL A 81 -5.29 -0.40 2.21
CA VAL A 81 -5.43 -0.27 3.65
C VAL A 81 -6.26 0.95 4.00
N TYR A 82 -6.13 2.00 3.20
CA TYR A 82 -6.86 3.22 3.44
C TYR A 82 -7.46 3.74 2.15
N GLU A 83 -8.75 3.53 1.98
CA GLU A 83 -9.46 4.09 0.85
C GLU A 83 -10.18 5.37 1.26
N ASP A 84 -9.78 6.47 0.63
CA ASP A 84 -10.41 7.75 0.87
C ASP A 84 -11.30 8.05 -0.34
N ALA A 85 -11.83 9.26 -0.42
CA ALA A 85 -12.64 9.64 -1.56
C ALA A 85 -11.73 10.11 -2.69
N GLN A 86 -10.51 10.46 -2.33
CA GLN A 86 -9.53 10.94 -3.30
C GLN A 86 -8.52 9.85 -3.64
N TYR A 87 -7.86 9.31 -2.63
CA TYR A 87 -6.73 8.40 -2.85
C TYR A 87 -6.92 7.09 -2.09
N ILE A 88 -6.14 6.08 -2.47
CA ILE A 88 -6.18 4.78 -1.83
C ILE A 88 -4.77 4.35 -1.45
N GLY A 89 -4.57 4.03 -0.19
CA GLY A 89 -3.28 3.57 0.28
C GLY A 89 -3.15 2.07 0.18
N HIS A 90 -1.96 1.60 -0.15
CA HIS A 90 -1.70 0.18 -0.29
C HIS A 90 -0.48 -0.20 0.55
N ALA A 91 -0.64 -1.17 1.45
CA ALA A 91 0.47 -1.61 2.29
C ALA A 91 1.37 -2.57 1.54
N PHE A 92 2.64 -2.22 1.46
CA PHE A 92 3.63 -3.07 0.83
C PHE A 92 4.66 -3.52 1.85
N LYS A 93 5.07 -4.77 1.76
CA LYS A 93 6.16 -5.28 2.57
C LYS A 93 7.48 -4.92 1.92
N LYS A 94 8.27 -4.13 2.64
CA LYS A 94 9.53 -3.62 2.12
C LYS A 94 10.68 -4.26 2.86
N ALA A 95 11.91 -3.84 2.56
CA ALA A 95 13.10 -4.42 3.19
C ALA A 95 13.13 -4.12 4.68
N GLY A 96 12.53 -5.02 5.46
CA GLY A 96 12.50 -4.87 6.90
C GLY A 96 11.56 -3.77 7.35
N HIS A 97 10.79 -3.22 6.42
CA HIS A 97 9.90 -2.10 6.73
C HIS A 97 8.55 -2.28 6.06
N PHE A 98 7.61 -1.41 6.40
CA PHE A 98 6.28 -1.45 5.84
C PHE A 98 5.91 -0.09 5.28
N ILE A 99 5.67 0.00 3.98
CA ILE A 99 5.38 1.28 3.38
C ILE A 99 4.03 1.25 2.68
N VAL A 100 3.25 2.30 2.89
CA VAL A 100 1.93 2.41 2.29
C VAL A 100 1.96 3.38 1.13
N TYR A 101 1.77 2.87 -0.06
CA TYR A 101 1.78 3.68 -1.27
C TYR A 101 0.37 4.18 -1.58
N PHE A 102 0.22 5.50 -1.60
CA PHE A 102 -1.07 6.12 -1.85
C PHE A 102 -1.23 6.46 -3.32
N THR A 103 -2.25 5.87 -3.92
CA THR A 103 -2.54 6.10 -5.33
C THR A 103 -3.82 6.91 -5.48
N PRO A 104 -3.98 7.66 -6.58
CA PRO A 104 -5.21 8.43 -6.86
C PRO A 104 -6.36 7.51 -7.28
N LYS A 105 -6.68 6.54 -6.42
CA LYS A 105 -7.68 5.53 -6.71
C LYS A 105 -7.39 4.82 -8.03
N ASN A 106 -6.39 3.96 -8.02
CA ASN A 106 -6.00 3.22 -9.22
C ASN A 106 -6.94 2.03 -9.44
N LYS A 107 -7.47 1.51 -8.34
CA LYS A 107 -8.32 0.31 -8.34
C LYS A 107 -7.56 -0.89 -8.89
N ASN A 108 -7.62 -1.07 -10.20
CA ASN A 108 -6.92 -2.14 -10.89
C ASN A 108 -6.78 -1.82 -12.37
N ARG A 109 -7.92 -1.73 -13.05
CA ARG A 109 -7.97 -1.41 -14.47
C ARG A 109 -7.17 -2.42 -15.31
N GLU A 110 -5.92 -2.10 -15.60
CA GLU A 110 -5.05 -2.96 -16.38
C GLU A 110 -3.61 -2.80 -15.94
N GLY A 111 -2.78 -3.77 -16.29
CA GLY A 111 -1.39 -3.75 -15.92
C GLY A 111 -0.87 -5.14 -15.63
N VAL A 112 0.15 -5.24 -14.80
CA VAL A 112 0.66 -6.53 -14.39
C VAL A 112 -0.26 -7.13 -13.33
N VAL A 113 -1.27 -7.85 -13.78
CA VAL A 113 -2.16 -8.56 -12.87
C VAL A 113 -1.65 -9.98 -12.64
N PRO A 114 -1.15 -10.26 -11.44
CA PRO A 114 -0.54 -11.54 -11.11
C PRO A 114 -1.56 -12.62 -10.75
N PRO A 115 -1.53 -13.75 -11.46
CA PRO A 115 -2.33 -14.92 -11.13
C PRO A 115 -1.74 -15.66 -9.94
N VAL A 116 -2.24 -15.35 -8.76
CA VAL A 116 -1.67 -15.90 -7.54
C VAL A 116 -2.14 -17.33 -7.30
N GLY A 117 -1.18 -18.22 -7.07
CA GLY A 117 -1.49 -19.61 -6.80
C GLY A 117 -0.85 -20.08 -5.51
N ILE A 118 0.46 -19.86 -5.41
CA ILE A 118 1.19 -20.20 -4.20
C ILE A 118 1.00 -19.12 -3.14
N THR A 119 0.28 -19.45 -2.08
CA THR A 119 -0.02 -18.48 -1.04
C THR A 119 -0.01 -19.12 0.33
N ASN A 120 -0.64 -20.28 0.43
CA ASN A 120 -0.82 -20.96 1.70
C ASN A 120 0.30 -21.94 1.96
N MET A 23 -14.24 -8.45 -6.02
CA MET A 23 -13.11 -7.61 -6.46
C MET A 23 -12.09 -7.44 -5.35
N LYS A 24 -11.07 -8.28 -5.36
CA LYS A 24 -9.99 -8.21 -4.38
C LYS A 24 -8.72 -7.71 -5.07
N SER A 25 -8.53 -6.41 -5.06
CA SER A 25 -7.44 -5.81 -5.82
C SER A 25 -6.19 -5.65 -4.96
N SER A 26 -5.27 -6.59 -5.13
CA SER A 26 -3.95 -6.48 -4.54
C SER A 26 -2.92 -6.33 -5.66
N ILE A 27 -2.45 -5.12 -5.86
CA ILE A 27 -1.67 -4.79 -7.03
C ILE A 27 -0.18 -4.75 -6.70
N PRO A 28 0.67 -5.35 -7.54
CA PRO A 28 2.12 -5.38 -7.33
C PRO A 28 2.74 -3.98 -7.29
N ILE A 29 3.85 -3.86 -6.56
CA ILE A 29 4.51 -2.58 -6.37
C ILE A 29 5.04 -2.02 -7.69
N THR A 30 5.30 -2.91 -8.65
CA THR A 30 5.81 -2.50 -9.96
C THR A 30 4.81 -1.59 -10.68
N GLU A 31 3.57 -1.65 -10.26
CA GLU A 31 2.53 -0.77 -10.77
C GLU A 31 2.33 0.40 -9.81
N VAL A 32 2.10 0.07 -8.56
CA VAL A 32 1.71 1.05 -7.55
C VAL A 32 2.82 2.08 -7.29
N LEU A 33 4.07 1.64 -7.31
CA LEU A 33 5.20 2.52 -7.02
C LEU A 33 5.23 3.75 -7.95
N PRO A 34 5.43 3.58 -9.27
CA PRO A 34 5.49 4.71 -10.21
C PRO A 34 4.17 5.44 -10.35
N ARG A 35 3.06 4.74 -10.10
CA ARG A 35 1.74 5.31 -10.28
C ARG A 35 1.18 5.86 -8.97
N ALA A 36 2.04 6.02 -7.98
CA ALA A 36 1.65 6.58 -6.70
C ALA A 36 1.87 8.08 -6.65
N VAL A 37 1.22 8.74 -5.71
CA VAL A 37 1.34 10.18 -5.54
C VAL A 37 1.79 10.52 -4.11
N GLY A 38 1.92 9.49 -3.29
CA GLY A 38 2.36 9.69 -1.92
C GLY A 38 2.77 8.40 -1.28
N SER A 39 3.44 8.48 -0.14
CA SER A 39 3.89 7.28 0.54
C SER A 39 4.02 7.52 2.04
N LEU A 40 3.72 6.48 2.80
CA LEU A 40 3.93 6.50 4.24
C LEU A 40 4.91 5.42 4.64
N THR A 41 6.04 5.83 5.15
CA THR A 41 7.09 4.88 5.54
C THR A 41 6.94 4.52 7.01
N PHE A 42 6.60 3.27 7.26
CA PHE A 42 6.47 2.75 8.62
C PHE A 42 7.65 1.85 8.95
N ASP A 43 7.97 1.77 10.23
CA ASP A 43 9.00 0.88 10.72
C ASP A 43 8.44 -0.53 10.89
N GLU A 44 9.32 -1.49 11.19
CA GLU A 44 8.89 -2.85 11.44
C GLU A 44 8.01 -2.92 12.68
N ASN A 45 8.15 -1.93 13.56
CA ASN A 45 7.29 -1.81 14.73
C ASN A 45 6.02 -1.05 14.39
N TYR A 46 5.80 -0.83 13.09
CA TYR A 46 4.62 -0.14 12.59
C TYR A 46 4.58 1.32 13.05
N ASN A 47 5.76 1.89 13.23
CA ASN A 47 5.90 3.29 13.62
C ASN A 47 6.07 4.17 12.39
N LEU A 48 5.25 5.20 12.26
CA LEU A 48 5.39 6.15 11.18
C LEU A 48 6.76 6.84 11.22
N LEU A 49 7.56 6.58 10.20
CA LEU A 49 8.89 7.14 10.09
C LEU A 49 8.89 8.36 9.18
N ASP A 50 8.36 8.20 7.99
CA ASP A 50 8.41 9.24 6.96
C ASP A 50 7.07 9.41 6.28
N THR A 51 6.69 10.66 6.04
CA THR A 51 5.46 10.97 5.34
C THR A 51 5.76 11.79 4.09
N SER A 52 5.47 11.23 2.91
CA SER A 52 5.82 11.88 1.66
C SER A 52 4.63 11.97 0.72
N GLY A 53 4.66 12.99 -0.14
CA GLY A 53 3.63 13.16 -1.14
C GLY A 53 2.29 13.54 -0.55
N VAL A 54 1.21 13.09 -1.17
CA VAL A 54 -0.15 13.41 -0.73
C VAL A 54 -0.44 12.83 0.65
N ALA A 55 0.38 11.87 1.07
CA ALA A 55 0.21 11.23 2.37
C ALA A 55 0.32 12.24 3.50
N LYS A 56 0.87 13.41 3.20
CA LYS A 56 1.05 14.47 4.18
C LYS A 56 -0.25 15.22 4.46
N VAL A 57 -1.20 15.16 3.54
CA VAL A 57 -2.50 15.80 3.74
C VAL A 57 -3.58 14.78 4.08
N ILE A 58 -3.28 13.52 3.81
CA ILE A 58 -4.17 12.43 4.15
C ILE A 58 -4.06 12.09 5.64
N GLU A 59 -5.15 11.58 6.21
CA GLU A 59 -5.17 11.23 7.63
C GLU A 59 -4.29 10.02 7.91
N LYS A 60 -3.68 9.99 9.09
CA LYS A 60 -2.83 8.87 9.49
C LYS A 60 -3.71 7.71 9.96
N SER A 61 -4.38 7.89 11.11
CA SER A 61 -5.35 6.93 11.58
C SER A 61 -4.70 5.56 11.89
N PRO A 62 -5.48 4.54 12.32
CA PRO A 62 -4.95 3.19 12.60
C PRO A 62 -4.53 2.40 11.36
N ILE A 63 -3.83 3.05 10.43
CA ILE A 63 -3.31 2.38 9.24
C ILE A 63 -2.31 1.28 9.64
N ALA A 64 -1.55 1.54 10.69
CA ALA A 64 -0.54 0.59 11.16
C ALA A 64 -1.17 -0.76 11.49
N GLU A 65 -2.39 -0.71 12.04
CA GLU A 65 -3.12 -1.92 12.37
C GLU A 65 -3.53 -2.67 11.12
N ILE A 66 -3.82 -1.92 10.07
CA ILE A 66 -4.19 -2.53 8.80
C ILE A 66 -2.93 -3.07 8.11
N ILE A 67 -1.80 -2.42 8.38
CA ILE A 67 -0.53 -2.84 7.81
C ILE A 67 -0.16 -4.24 8.31
N ARG A 68 -0.28 -4.46 9.62
CA ARG A 68 0.01 -5.77 10.20
C ARG A 68 -0.96 -6.83 9.70
N LYS A 69 -2.23 -6.47 9.58
CA LYS A 69 -3.22 -7.40 9.05
C LYS A 69 -2.85 -7.80 7.63
N SER A 70 -2.54 -6.81 6.81
CA SER A 70 -2.15 -7.03 5.43
C SER A 70 -0.82 -7.77 5.35
N ASN A 71 0.03 -7.57 6.35
CA ASN A 71 1.34 -8.23 6.41
C ASN A 71 1.17 -9.75 6.45
N ALA A 72 0.16 -10.20 7.18
CA ALA A 72 -0.11 -11.63 7.30
C ALA A 72 -0.85 -12.16 6.08
N GLU A 73 -1.61 -11.28 5.43
CA GLU A 73 -2.39 -11.65 4.26
C GLU A 73 -1.51 -11.78 3.01
N LEU A 74 -0.86 -10.69 2.64
CA LEU A 74 -0.12 -10.63 1.39
C LEU A 74 1.35 -10.93 1.59
N GLY A 75 2.11 -10.91 0.50
CA GLY A 75 3.54 -11.15 0.57
C GLY A 75 4.34 -10.13 -0.22
N ARG A 76 3.76 -9.62 -1.30
CA ARG A 76 4.45 -8.67 -2.16
C ARG A 76 3.48 -7.70 -2.83
N LEU A 77 2.21 -8.07 -2.90
CA LEU A 77 1.19 -7.22 -3.50
C LEU A 77 0.79 -6.12 -2.53
N GLY A 78 0.14 -5.09 -3.05
CA GLY A 78 -0.30 -3.99 -2.22
C GLY A 78 -1.78 -4.03 -1.94
N TYR A 79 -2.14 -4.62 -0.81
CA TYR A 79 -3.53 -4.68 -0.39
C TYR A 79 -3.99 -3.28 0.02
N SER A 80 -5.19 -2.93 -0.43
CA SER A 80 -5.72 -1.60 -0.16
C SER A 80 -6.07 -1.45 1.32
N VAL A 81 -5.30 -0.62 2.01
CA VAL A 81 -5.48 -0.41 3.44
C VAL A 81 -6.27 0.87 3.71
N TYR A 82 -6.17 1.80 2.80
CA TYR A 82 -6.86 3.08 2.94
C TYR A 82 -7.50 3.47 1.62
N GLU A 83 -8.79 3.73 1.63
CA GLU A 83 -9.47 4.18 0.43
C GLU A 83 -10.31 5.40 0.74
N ASP A 84 -9.93 6.53 0.16
CA ASP A 84 -10.64 7.77 0.35
C ASP A 84 -11.33 8.12 -0.97
N ALA A 85 -11.86 9.32 -1.06
CA ALA A 85 -12.57 9.73 -2.26
C ALA A 85 -11.60 10.19 -3.33
N GLN A 86 -10.37 10.51 -2.93
CA GLN A 86 -9.38 10.99 -3.86
C GLN A 86 -8.28 9.96 -4.10
N TYR A 87 -7.77 9.36 -3.03
CA TYR A 87 -6.60 8.50 -3.14
C TYR A 87 -6.79 7.18 -2.40
N ILE A 88 -5.98 6.19 -2.75
CA ILE A 88 -6.03 4.88 -2.13
C ILE A 88 -4.63 4.42 -1.72
N GLY A 89 -4.50 4.01 -0.47
CA GLY A 89 -3.23 3.56 0.04
C GLY A 89 -3.13 2.04 0.06
N HIS A 90 -1.97 1.54 -0.31
CA HIS A 90 -1.73 0.10 -0.36
C HIS A 90 -0.50 -0.24 0.47
N ALA A 91 -0.61 -1.23 1.35
CA ALA A 91 0.50 -1.60 2.23
C ALA A 91 1.44 -2.58 1.55
N PHE A 92 2.71 -2.21 1.47
CA PHE A 92 3.71 -3.07 0.89
C PHE A 92 4.76 -3.44 1.93
N LYS A 93 5.18 -4.69 1.89
CA LYS A 93 6.28 -5.15 2.74
C LYS A 93 7.61 -4.79 2.11
N LYS A 94 8.47 -4.18 2.89
CA LYS A 94 9.79 -3.78 2.42
C LYS A 94 10.85 -4.52 3.22
N ALA A 95 12.11 -4.29 2.91
CA ALA A 95 13.21 -4.94 3.62
C ALA A 95 13.25 -4.48 5.07
N GLY A 96 12.63 -5.25 5.95
CA GLY A 96 12.60 -4.90 7.37
C GLY A 96 11.77 -3.67 7.66
N HIS A 97 10.93 -3.30 6.71
CA HIS A 97 10.12 -2.09 6.84
C HIS A 97 8.76 -2.28 6.19
N PHE A 98 7.88 -1.31 6.39
CA PHE A 98 6.53 -1.36 5.84
C PHE A 98 6.18 -0.01 5.25
N ILE A 99 5.84 0.03 3.98
CA ILE A 99 5.52 1.30 3.34
C ILE A 99 4.16 1.25 2.67
N VAL A 100 3.37 2.28 2.90
CA VAL A 100 2.05 2.39 2.30
C VAL A 100 2.10 3.41 1.16
N TYR A 101 1.94 2.92 -0.05
CA TYR A 101 1.97 3.77 -1.23
C TYR A 101 0.56 4.25 -1.55
N PHE A 102 0.41 5.57 -1.62
CA PHE A 102 -0.88 6.18 -1.91
C PHE A 102 -0.99 6.53 -3.38
N THR A 103 -1.93 5.91 -4.05
CA THR A 103 -2.15 6.15 -5.47
C THR A 103 -3.42 6.98 -5.66
N PRO A 104 -3.54 7.69 -6.80
CA PRO A 104 -4.74 8.48 -7.11
C PRO A 104 -5.92 7.57 -7.47
N LYS A 105 -6.37 6.80 -6.48
CA LYS A 105 -7.46 5.87 -6.62
C LYS A 105 -7.17 4.82 -7.69
N ASN A 106 -5.91 4.39 -7.76
CA ASN A 106 -5.53 3.30 -8.65
C ASN A 106 -6.05 1.99 -8.04
N LYS A 107 -7.19 1.55 -8.56
CA LYS A 107 -7.92 0.43 -8.02
C LYS A 107 -8.31 -0.52 -9.15
N ASN A 108 -8.95 -1.63 -8.81
CA ASN A 108 -9.49 -2.55 -9.81
C ASN A 108 -8.35 -3.23 -10.59
N ARG A 109 -8.70 -3.84 -11.71
CA ARG A 109 -7.71 -4.47 -12.57
C ARG A 109 -7.62 -3.71 -13.88
N GLU A 110 -6.53 -2.98 -14.07
CA GLU A 110 -6.34 -2.19 -15.27
C GLU A 110 -5.05 -2.57 -15.97
N GLY A 111 -3.95 -2.55 -15.23
CA GLY A 111 -2.66 -2.90 -15.79
C GLY A 111 -2.29 -4.35 -15.54
N VAL A 112 -1.16 -4.55 -14.88
CA VAL A 112 -0.67 -5.90 -14.58
C VAL A 112 -1.50 -6.54 -13.47
N VAL A 113 -2.18 -7.62 -13.80
CA VAL A 113 -2.95 -8.36 -12.80
C VAL A 113 -2.10 -9.46 -12.20
N PRO A 114 -2.12 -9.59 -10.86
CA PRO A 114 -1.34 -10.59 -10.15
C PRO A 114 -1.85 -12.01 -10.40
N PRO A 115 -1.01 -12.85 -11.02
CA PRO A 115 -1.35 -14.25 -11.26
C PRO A 115 -1.20 -15.10 -10.00
N VAL A 116 -1.69 -16.32 -10.06
CA VAL A 116 -1.54 -17.24 -8.94
C VAL A 116 -0.17 -17.91 -9.00
N GLY A 117 0.85 -17.15 -8.65
CA GLY A 117 2.21 -17.65 -8.67
C GLY A 117 3.09 -16.90 -7.70
N ILE A 118 3.17 -17.39 -6.48
CA ILE A 118 3.98 -16.75 -5.46
C ILE A 118 5.18 -17.62 -5.10
N THR A 119 6.36 -17.18 -5.51
CA THR A 119 7.59 -17.88 -5.20
C THR A 119 8.04 -17.57 -3.78
N ASN A 120 8.34 -18.62 -3.02
CA ASN A 120 8.79 -18.46 -1.64
C ASN A 120 10.28 -18.10 -1.60
N MET A 23 -11.07 -10.28 -8.15
CA MET A 23 -11.36 -9.15 -7.23
C MET A 23 -10.12 -8.89 -6.36
N LYS A 24 -8.94 -9.13 -6.91
CA LYS A 24 -7.71 -8.96 -6.18
C LYS A 24 -7.28 -7.50 -6.19
N SER A 25 -7.30 -6.88 -5.03
CA SER A 25 -6.90 -5.48 -4.90
C SER A 25 -5.44 -5.36 -4.49
N SER A 26 -4.78 -6.51 -4.33
CA SER A 26 -3.37 -6.54 -3.99
C SER A 26 -2.54 -6.46 -5.26
N ILE A 27 -1.99 -5.28 -5.50
CA ILE A 27 -1.27 -4.99 -6.74
C ILE A 27 0.24 -4.92 -6.47
N PRO A 28 1.07 -5.44 -7.39
CA PRO A 28 2.53 -5.42 -7.24
C PRO A 28 3.09 -4.00 -7.17
N ILE A 29 4.20 -3.86 -6.47
CA ILE A 29 4.78 -2.53 -6.22
C ILE A 29 5.33 -1.92 -7.50
N THR A 30 5.73 -2.77 -8.45
CA THR A 30 6.25 -2.30 -9.72
C THR A 30 5.18 -1.52 -10.48
N GLU A 31 3.93 -1.71 -10.10
CA GLU A 31 2.81 -1.00 -10.70
C GLU A 31 2.37 0.16 -9.81
N VAL A 32 2.21 -0.13 -8.52
CA VAL A 32 1.67 0.85 -7.58
C VAL A 32 2.65 1.99 -7.34
N LEU A 33 3.94 1.68 -7.25
CA LEU A 33 4.96 2.70 -6.98
C LEU A 33 4.87 3.88 -7.96
N PRO A 34 5.05 3.68 -9.27
CA PRO A 34 4.97 4.77 -10.25
C PRO A 34 3.58 5.39 -10.33
N ARG A 35 2.54 4.59 -10.07
CA ARG A 35 1.17 5.08 -10.12
C ARG A 35 0.74 5.71 -8.80
N ALA A 36 1.65 5.76 -7.84
CA ALA A 36 1.35 6.33 -6.53
C ALA A 36 1.75 7.80 -6.47
N VAL A 37 1.01 8.57 -5.69
CA VAL A 37 1.26 9.99 -5.54
C VAL A 37 1.65 10.32 -4.10
N GLY A 38 1.75 9.30 -3.27
CA GLY A 38 2.15 9.49 -1.90
C GLY A 38 2.57 8.18 -1.26
N SER A 39 3.25 8.26 -0.13
CA SER A 39 3.69 7.06 0.56
C SER A 39 3.97 7.34 2.02
N LEU A 40 3.61 6.39 2.87
CA LEU A 40 3.91 6.47 4.28
C LEU A 40 4.84 5.33 4.69
N THR A 41 6.02 5.68 5.15
CA THR A 41 7.01 4.69 5.53
C THR A 41 6.90 4.36 7.01
N PHE A 42 6.51 3.13 7.31
CA PHE A 42 6.42 2.64 8.68
C PHE A 42 7.59 1.71 8.97
N ASP A 43 7.89 1.51 10.25
CA ASP A 43 8.95 0.59 10.65
C ASP A 43 8.36 -0.77 10.96
N GLU A 44 9.20 -1.70 11.40
CA GLU A 44 8.76 -3.06 11.68
C GLU A 44 7.81 -3.11 12.88
N ASN A 45 7.84 -2.06 13.69
CA ASN A 45 6.96 -1.96 14.84
C ASN A 45 5.71 -1.17 14.48
N TYR A 46 5.56 -0.91 13.18
CA TYR A 46 4.38 -0.26 12.61
C TYR A 46 4.23 1.19 13.09
N ASN A 47 5.36 1.86 13.27
CA ASN A 47 5.35 3.29 13.60
C ASN A 47 5.76 4.09 12.38
N LEU A 48 5.19 5.27 12.20
CA LEU A 48 5.49 6.10 11.06
C LEU A 48 6.91 6.66 11.15
N LEU A 49 7.64 6.52 10.05
CA LEU A 49 9.00 7.03 9.95
C LEU A 49 9.04 8.25 9.04
N ASP A 50 8.60 8.06 7.79
CA ASP A 50 8.69 9.11 6.78
C ASP A 50 7.37 9.28 6.05
N THR A 51 7.00 10.53 5.84
CA THR A 51 5.77 10.85 5.13
C THR A 51 6.09 11.55 3.81
N SER A 52 5.65 10.96 2.70
CA SER A 52 6.00 11.49 1.39
C SER A 52 4.77 11.64 0.51
N GLY A 53 4.76 12.68 -0.32
CA GLY A 53 3.69 12.86 -1.29
C GLY A 53 2.41 13.34 -0.67
N VAL A 54 1.28 12.97 -1.29
CA VAL A 54 -0.04 13.37 -0.81
C VAL A 54 -0.30 12.85 0.60
N ALA A 55 0.46 11.84 1.01
CA ALA A 55 0.33 11.25 2.34
C ALA A 55 0.61 12.28 3.44
N LYS A 56 1.22 13.41 3.05
CA LYS A 56 1.53 14.46 3.99
C LYS A 56 0.28 15.27 4.37
N VAL A 57 -0.71 15.29 3.47
CA VAL A 57 -1.94 16.03 3.72
C VAL A 57 -3.06 15.10 4.18
N ILE A 58 -2.91 13.81 3.86
CA ILE A 58 -3.85 12.80 4.31
C ILE A 58 -3.58 12.46 5.77
N GLU A 59 -4.64 12.14 6.51
CA GLU A 59 -4.49 11.78 7.91
C GLU A 59 -3.77 10.44 8.05
N LYS A 60 -3.17 10.22 9.21
CA LYS A 60 -2.38 9.01 9.44
C LYS A 60 -3.30 7.85 9.78
N SER A 61 -4.29 8.10 10.65
CA SER A 61 -5.31 7.12 11.02
C SER A 61 -4.70 5.79 11.53
N PRO A 62 -5.52 4.78 11.89
CA PRO A 62 -5.04 3.46 12.31
C PRO A 62 -4.60 2.58 11.13
N ILE A 63 -3.84 3.17 10.20
CA ILE A 63 -3.35 2.43 9.04
C ILE A 63 -2.44 1.28 9.47
N ALA A 64 -1.66 1.52 10.53
CA ALA A 64 -0.73 0.51 11.03
C ALA A 64 -1.43 -0.80 11.36
N GLU A 65 -2.65 -0.70 11.86
CA GLU A 65 -3.46 -1.86 12.19
C GLU A 65 -3.75 -2.66 10.92
N ILE A 66 -4.00 -1.96 9.84
CA ILE A 66 -4.32 -2.59 8.57
C ILE A 66 -3.04 -3.08 7.90
N ILE A 67 -1.93 -2.39 8.17
CA ILE A 67 -0.63 -2.78 7.64
C ILE A 67 -0.26 -4.17 8.12
N ARG A 68 -0.40 -4.41 9.42
CA ARG A 68 -0.09 -5.70 10.00
C ARG A 68 -1.02 -6.78 9.48
N LYS A 69 -2.31 -6.46 9.36
CA LYS A 69 -3.28 -7.38 8.79
C LYS A 69 -2.87 -7.76 7.38
N SER A 70 -2.52 -6.75 6.58
CA SER A 70 -2.12 -6.97 5.20
C SER A 70 -0.80 -7.73 5.13
N ASN A 71 0.01 -7.60 6.18
CA ASN A 71 1.29 -8.28 6.23
C ASN A 71 1.09 -9.78 6.36
N ALA A 72 0.04 -10.17 7.07
CA ALA A 72 -0.31 -11.57 7.21
C ALA A 72 -0.98 -12.10 5.94
N GLU A 73 -1.68 -11.21 5.26
CA GLU A 73 -2.42 -11.57 4.06
C GLU A 73 -1.53 -11.68 2.83
N LEU A 74 -0.51 -10.83 2.75
CA LEU A 74 0.34 -10.77 1.57
C LEU A 74 1.79 -10.54 1.94
N GLY A 75 2.65 -10.56 0.92
CA GLY A 75 4.04 -10.20 1.12
C GLY A 75 4.50 -9.15 0.12
N ARG A 76 4.54 -9.54 -1.15
CA ARG A 76 5.10 -8.70 -2.20
C ARG A 76 4.01 -7.85 -2.89
N LEU A 77 2.78 -7.95 -2.41
CA LEU A 77 1.68 -7.20 -3.01
C LEU A 77 1.28 -6.02 -2.13
N GLY A 78 0.42 -5.15 -2.65
CA GLY A 78 -0.04 -4.01 -1.89
C GLY A 78 -1.53 -4.02 -1.69
N TYR A 79 -1.96 -4.31 -0.46
CA TYR A 79 -3.37 -4.39 -0.13
C TYR A 79 -3.91 -3.01 0.21
N SER A 80 -5.12 -2.71 -0.26
CA SER A 80 -5.75 -1.44 0.02
C SER A 80 -6.09 -1.32 1.51
N VAL A 81 -5.36 -0.45 2.20
CA VAL A 81 -5.53 -0.29 3.64
C VAL A 81 -6.35 0.96 3.96
N TYR A 82 -6.14 2.02 3.20
CA TYR A 82 -6.83 3.28 3.45
C TYR A 82 -7.45 3.81 2.17
N GLU A 83 -8.77 3.72 2.06
CA GLU A 83 -9.46 4.25 0.91
C GLU A 83 -10.18 5.56 1.24
N ASP A 84 -9.98 6.53 0.38
CA ASP A 84 -10.70 7.79 0.46
C ASP A 84 -11.29 8.07 -0.92
N ALA A 85 -12.21 9.01 -1.01
CA ALA A 85 -12.81 9.37 -2.29
C ALA A 85 -11.75 9.90 -3.25
N GLN A 86 -10.63 10.36 -2.70
CA GLN A 86 -9.55 10.91 -3.49
C GLN A 86 -8.51 9.84 -3.82
N TYR A 87 -7.89 9.28 -2.78
CA TYR A 87 -6.75 8.37 -2.97
C TYR A 87 -6.94 7.07 -2.19
N ILE A 88 -6.13 6.07 -2.52
CA ILE A 88 -6.16 4.78 -1.84
C ILE A 88 -4.75 4.36 -1.45
N GLY A 89 -4.58 4.06 -0.17
CA GLY A 89 -3.29 3.60 0.32
C GLY A 89 -3.18 2.10 0.29
N HIS A 90 -2.03 1.60 -0.14
CA HIS A 90 -1.78 0.16 -0.22
C HIS A 90 -0.56 -0.22 0.59
N ALA A 91 -0.70 -1.18 1.49
CA ALA A 91 0.42 -1.60 2.33
C ALA A 91 1.33 -2.58 1.62
N PHE A 92 2.60 -2.22 1.55
CA PHE A 92 3.60 -3.08 0.95
C PHE A 92 4.63 -3.51 1.99
N LYS A 93 5.05 -4.76 1.89
CA LYS A 93 6.14 -5.25 2.73
C LYS A 93 7.47 -4.91 2.07
N LYS A 94 8.28 -4.16 2.78
CA LYS A 94 9.54 -3.69 2.26
C LYS A 94 10.68 -4.29 3.07
N ALA A 95 11.92 -3.96 2.70
CA ALA A 95 13.09 -4.48 3.40
C ALA A 95 13.12 -4.01 4.85
N GLY A 96 12.62 -4.86 5.74
CA GLY A 96 12.63 -4.57 7.16
C GLY A 96 11.66 -3.49 7.56
N HIS A 97 10.85 -3.03 6.61
CA HIS A 97 9.93 -1.92 6.86
C HIS A 97 8.60 -2.15 6.17
N PHE A 98 7.64 -1.29 6.45
CA PHE A 98 6.31 -1.39 5.87
C PHE A 98 5.90 -0.05 5.30
N ILE A 99 5.68 0.02 3.99
CA ILE A 99 5.36 1.30 3.37
C ILE A 99 4.00 1.25 2.70
N VAL A 100 3.22 2.29 2.93
CA VAL A 100 1.89 2.41 2.34
C VAL A 100 1.92 3.41 1.18
N TYR A 101 1.75 2.91 -0.02
CA TYR A 101 1.76 3.74 -1.21
C TYR A 101 0.34 4.19 -1.54
N PHE A 102 0.15 5.50 -1.62
CA PHE A 102 -1.15 6.09 -1.90
C PHE A 102 -1.29 6.41 -3.37
N THR A 103 -2.25 5.77 -4.02
CA THR A 103 -2.52 6.01 -5.42
C THR A 103 -3.81 6.80 -5.57
N PRO A 104 -3.98 7.56 -6.68
CA PRO A 104 -5.21 8.33 -6.94
C PRO A 104 -6.39 7.44 -7.31
N LYS A 105 -6.66 6.44 -6.45
CA LYS A 105 -7.69 5.42 -6.71
C LYS A 105 -7.35 4.58 -7.93
N ASN A 106 -7.57 5.13 -9.12
CA ASN A 106 -7.23 4.47 -10.39
C ASN A 106 -8.08 3.22 -10.62
N LYS A 107 -9.15 3.08 -9.83
CA LYS A 107 -10.01 1.91 -9.94
C LYS A 107 -11.15 2.16 -10.91
N ASN A 108 -10.86 2.84 -12.00
CA ASN A 108 -11.84 3.05 -13.06
C ASN A 108 -12.17 1.72 -13.72
N ARG A 109 -11.12 0.93 -13.94
CA ARG A 109 -11.25 -0.40 -14.49
C ARG A 109 -10.07 -1.23 -14.00
N GLU A 110 -10.31 -2.48 -13.64
CA GLU A 110 -9.23 -3.33 -13.14
C GLU A 110 -8.27 -3.69 -14.26
N GLY A 111 -8.83 -4.17 -15.36
CA GLY A 111 -8.02 -4.49 -16.53
C GLY A 111 -7.12 -5.68 -16.30
N VAL A 112 -5.86 -5.41 -16.01
CA VAL A 112 -4.87 -6.46 -15.85
C VAL A 112 -4.82 -6.95 -14.41
N VAL A 113 -4.92 -8.26 -14.24
CA VAL A 113 -4.84 -8.88 -12.92
C VAL A 113 -3.39 -9.08 -12.51
N PRO A 114 -3.03 -8.63 -11.30
CA PRO A 114 -1.66 -8.68 -10.78
C PRO A 114 -1.09 -10.10 -10.72
N PRO A 115 0.01 -10.34 -11.46
CA PRO A 115 0.71 -11.62 -11.44
C PRO A 115 1.61 -11.76 -10.21
N VAL A 116 1.36 -12.79 -9.42
CA VAL A 116 2.14 -13.02 -8.22
C VAL A 116 3.23 -14.07 -8.49
N GLY A 117 2.83 -15.17 -9.10
CA GLY A 117 3.75 -16.25 -9.38
C GLY A 117 3.85 -17.23 -8.22
N ILE A 118 4.51 -18.35 -8.45
CA ILE A 118 4.73 -19.32 -7.39
C ILE A 118 5.82 -18.86 -6.44
N THR A 119 6.92 -18.39 -7.01
CA THR A 119 8.03 -17.84 -6.25
C THR A 119 8.70 -16.76 -7.09
N ASN A 120 9.13 -17.15 -8.28
CA ASN A 120 9.70 -16.22 -9.24
C ASN A 120 9.50 -16.76 -10.65
N MET A 23 -13.83 -9.12 -4.72
CA MET A 23 -12.90 -8.29 -5.53
C MET A 23 -11.46 -8.77 -5.33
N LYS A 24 -10.66 -8.62 -6.38
CA LYS A 24 -9.26 -9.00 -6.32
C LYS A 24 -8.43 -7.89 -6.97
N SER A 25 -7.92 -6.98 -6.16
CA SER A 25 -7.18 -5.84 -6.66
C SER A 25 -5.74 -5.86 -6.14
N SER A 26 -5.15 -7.04 -6.16
CA SER A 26 -3.77 -7.22 -5.72
C SER A 26 -2.82 -6.76 -6.84
N ILE A 27 -2.20 -5.61 -6.63
CA ILE A 27 -1.33 -5.02 -7.64
C ILE A 27 0.11 -5.00 -7.13
N PRO A 28 1.07 -5.43 -7.97
CA PRO A 28 2.50 -5.45 -7.61
C PRO A 28 3.08 -4.05 -7.43
N ILE A 29 4.14 -3.96 -6.64
CA ILE A 29 4.75 -2.69 -6.31
C ILE A 29 5.37 -2.02 -7.55
N THR A 30 5.79 -2.82 -8.52
CA THR A 30 6.40 -2.30 -9.73
C THR A 30 5.41 -1.40 -10.49
N GLU A 31 4.13 -1.57 -10.20
CA GLU A 31 3.10 -0.71 -10.75
C GLU A 31 2.79 0.43 -9.79
N VAL A 32 2.46 0.06 -8.55
CA VAL A 32 1.96 1.02 -7.58
C VAL A 32 3.00 2.08 -7.22
N LEU A 33 4.27 1.69 -7.12
CA LEU A 33 5.33 2.61 -6.73
C LEU A 33 5.37 3.88 -7.63
N PRO A 34 5.64 3.74 -8.94
CA PRO A 34 5.71 4.90 -9.84
C PRO A 34 4.33 5.53 -10.08
N ARG A 35 3.28 4.74 -9.94
CA ARG A 35 1.92 5.21 -10.20
C ARG A 35 1.27 5.78 -8.94
N ALA A 36 2.06 5.89 -7.87
CA ALA A 36 1.56 6.45 -6.62
C ALA A 36 1.80 7.96 -6.56
N VAL A 37 1.03 8.63 -5.71
CA VAL A 37 1.15 10.06 -5.53
C VAL A 37 1.56 10.39 -4.10
N GLY A 38 1.68 9.35 -3.28
CA GLY A 38 2.09 9.54 -1.89
C GLY A 38 2.54 8.24 -1.28
N SER A 39 3.26 8.31 -0.17
CA SER A 39 3.75 7.12 0.50
C SER A 39 4.00 7.37 1.98
N LEU A 40 3.65 6.38 2.78
CA LEU A 40 3.92 6.42 4.21
C LEU A 40 4.88 5.30 4.60
N THR A 41 6.02 5.68 5.15
CA THR A 41 7.03 4.72 5.55
C THR A 41 6.87 4.35 7.03
N PHE A 42 6.64 3.08 7.28
CA PHE A 42 6.54 2.57 8.64
C PHE A 42 7.70 1.61 8.93
N ASP A 43 8.03 1.45 10.20
CA ASP A 43 9.08 0.52 10.60
C ASP A 43 8.48 -0.84 10.94
N GLU A 44 9.32 -1.77 11.38
CA GLU A 44 8.85 -3.11 11.72
C GLU A 44 7.89 -3.10 12.90
N ASN A 45 7.98 -2.06 13.73
CA ASN A 45 7.08 -1.89 14.86
C ASN A 45 5.83 -1.13 14.44
N TYR A 46 5.74 -0.86 13.14
CA TYR A 46 4.57 -0.21 12.54
C TYR A 46 4.42 1.24 13.00
N ASN A 47 5.54 1.91 13.22
CA ASN A 47 5.52 3.34 13.55
C ASN A 47 5.86 4.16 12.33
N LEU A 48 5.27 5.34 12.23
CA LEU A 48 5.52 6.23 11.10
C LEU A 48 6.95 6.76 11.13
N LEU A 49 7.67 6.53 10.04
CA LEU A 49 9.03 7.02 9.90
C LEU A 49 9.09 8.22 8.97
N ASP A 50 8.46 8.09 7.80
CA ASP A 50 8.55 9.12 6.77
C ASP A 50 7.21 9.29 6.05
N THR A 51 6.83 10.53 5.81
CA THR A 51 5.59 10.84 5.14
C THR A 51 5.86 11.64 3.86
N SER A 52 5.44 11.12 2.72
CA SER A 52 5.74 11.71 1.43
C SER A 52 4.50 11.81 0.55
N GLY A 53 4.49 12.81 -0.33
CA GLY A 53 3.42 12.94 -1.31
C GLY A 53 2.11 13.40 -0.70
N VAL A 54 1.01 12.90 -1.24
CA VAL A 54 -0.31 13.26 -0.75
C VAL A 54 -0.55 12.71 0.65
N ALA A 55 0.26 11.73 1.04
CA ALA A 55 0.16 11.13 2.36
C ALA A 55 0.44 12.15 3.46
N LYS A 56 1.02 13.28 3.06
CA LYS A 56 1.36 14.34 4.00
C LYS A 56 0.12 15.11 4.41
N VAL A 57 -0.89 15.14 3.53
CA VAL A 57 -2.13 15.84 3.82
C VAL A 57 -3.24 14.86 4.22
N ILE A 58 -3.09 13.61 3.79
CA ILE A 58 -4.00 12.55 4.19
C ILE A 58 -3.81 12.22 5.67
N GLU A 59 -4.89 11.89 6.37
CA GLU A 59 -4.79 11.57 7.78
C GLU A 59 -4.12 10.22 7.97
N LYS A 60 -3.30 10.12 9.01
CA LYS A 60 -2.48 8.94 9.25
C LYS A 60 -3.33 7.70 9.50
N SER A 61 -4.48 7.91 10.17
CA SER A 61 -5.46 6.85 10.35
C SER A 61 -4.91 5.66 11.16
N PRO A 62 -5.73 4.63 11.44
CA PRO A 62 -5.24 3.37 12.03
C PRO A 62 -4.59 2.47 10.99
N ILE A 63 -3.83 3.07 10.08
CA ILE A 63 -3.22 2.34 8.97
C ILE A 63 -2.25 1.28 9.48
N ALA A 64 -1.53 1.58 10.56
CA ALA A 64 -0.55 0.64 11.11
C ALA A 64 -1.22 -0.67 11.48
N GLU A 65 -2.46 -0.58 11.97
CA GLU A 65 -3.25 -1.75 12.31
C GLU A 65 -3.56 -2.57 11.06
N ILE A 66 -3.83 -1.87 9.97
CA ILE A 66 -4.17 -2.54 8.72
C ILE A 66 -2.91 -3.07 8.03
N ILE A 67 -1.78 -2.41 8.29
CA ILE A 67 -0.50 -2.83 7.71
C ILE A 67 -0.13 -4.23 8.22
N ARG A 68 -0.23 -4.44 9.53
CA ARG A 68 0.05 -5.74 10.11
C ARG A 68 -0.95 -6.77 9.60
N LYS A 69 -2.21 -6.39 9.48
CA LYS A 69 -3.22 -7.27 8.91
C LYS A 69 -2.84 -7.68 7.50
N SER A 70 -2.50 -6.69 6.69
CA SER A 70 -2.16 -6.91 5.29
C SER A 70 -0.86 -7.69 5.19
N ASN A 71 -0.01 -7.58 6.21
CA ASN A 71 1.25 -8.31 6.23
C ASN A 71 0.99 -9.81 6.31
N ALA A 72 -0.06 -10.17 7.05
CA ALA A 72 -0.46 -11.57 7.16
C ALA A 72 -1.35 -11.99 6.00
N GLU A 73 -1.88 -11.01 5.28
CA GLU A 73 -2.76 -11.29 4.14
C GLU A 73 -1.97 -11.57 2.87
N LEU A 74 -0.91 -10.80 2.64
CA LEU A 74 -0.19 -10.87 1.39
C LEU A 74 1.31 -10.99 1.58
N GLY A 75 2.04 -10.98 0.47
CA GLY A 75 3.49 -11.02 0.52
C GLY A 75 4.12 -9.80 -0.16
N ARG A 76 4.09 -9.79 -1.49
CA ARG A 76 4.74 -8.73 -2.25
C ARG A 76 3.70 -7.84 -2.94
N LEU A 77 2.44 -8.14 -2.74
CA LEU A 77 1.36 -7.37 -3.36
C LEU A 77 0.95 -6.21 -2.47
N GLY A 78 0.05 -5.38 -2.97
CA GLY A 78 -0.43 -4.26 -2.20
C GLY A 78 -1.88 -4.40 -1.82
N TYR A 79 -2.17 -4.27 -0.53
CA TYR A 79 -3.52 -4.38 -0.01
C TYR A 79 -4.06 -2.98 0.26
N SER A 80 -5.28 -2.71 -0.18
CA SER A 80 -5.89 -1.43 0.07
C SER A 80 -6.19 -1.28 1.56
N VAL A 81 -5.42 -0.42 2.22
CA VAL A 81 -5.55 -0.23 3.65
C VAL A 81 -6.35 1.02 3.96
N TYR A 82 -6.25 2.02 3.09
CA TYR A 82 -6.98 3.25 3.27
C TYR A 82 -7.62 3.67 1.96
N GLU A 83 -8.93 3.50 1.86
CA GLU A 83 -9.66 3.89 0.67
C GLU A 83 -10.44 5.17 0.95
N ASP A 84 -10.02 6.23 0.30
CA ASP A 84 -10.65 7.53 0.49
C ASP A 84 -11.39 7.88 -0.79
N ALA A 85 -12.22 8.91 -0.73
CA ALA A 85 -12.96 9.33 -1.91
C ALA A 85 -12.01 9.97 -2.91
N GLN A 86 -10.80 10.28 -2.45
CA GLN A 86 -9.79 10.88 -3.29
C GLN A 86 -8.74 9.84 -3.71
N TYR A 87 -8.04 9.27 -2.73
CA TYR A 87 -6.92 8.38 -3.02
C TYR A 87 -7.07 7.05 -2.27
N ILE A 88 -6.27 6.07 -2.66
CA ILE A 88 -6.30 4.76 -2.02
C ILE A 88 -4.89 4.32 -1.63
N GLY A 89 -4.71 3.98 -0.37
CA GLY A 89 -3.42 3.54 0.12
C GLY A 89 -3.29 2.03 0.10
N HIS A 90 -2.11 1.55 -0.23
CA HIS A 90 -1.85 0.11 -0.34
C HIS A 90 -0.64 -0.24 0.50
N ALA A 91 -0.77 -1.21 1.40
CA ALA A 91 0.35 -1.63 2.23
C ALA A 91 1.24 -2.61 1.50
N PHE A 92 2.51 -2.27 1.40
CA PHE A 92 3.49 -3.14 0.78
C PHE A 92 4.55 -3.56 1.79
N LYS A 93 4.96 -4.81 1.70
CA LYS A 93 6.06 -5.30 2.50
C LYS A 93 7.38 -4.93 1.82
N LYS A 94 8.24 -4.25 2.56
CA LYS A 94 9.52 -3.81 2.05
C LYS A 94 10.65 -4.57 2.75
N ALA A 95 11.88 -4.25 2.41
CA ALA A 95 13.03 -4.89 3.03
C ALA A 95 13.07 -4.64 4.54
N GLY A 96 12.47 -5.53 5.30
CA GLY A 96 12.45 -5.42 6.75
C GLY A 96 11.56 -4.31 7.25
N HIS A 97 10.81 -3.67 6.34
CA HIS A 97 10.01 -2.52 6.70
C HIS A 97 8.68 -2.53 5.95
N PHE A 98 7.81 -1.60 6.30
CA PHE A 98 6.47 -1.55 5.72
C PHE A 98 6.17 -0.17 5.17
N ILE A 99 5.72 -0.09 3.93
CA ILE A 99 5.41 1.19 3.33
C ILE A 99 4.05 1.16 2.66
N VAL A 100 3.27 2.20 2.88
CA VAL A 100 1.95 2.34 2.28
C VAL A 100 1.98 3.34 1.15
N TYR A 101 1.78 2.87 -0.06
CA TYR A 101 1.78 3.72 -1.22
C TYR A 101 0.36 4.16 -1.57
N PHE A 102 0.16 5.45 -1.71
CA PHE A 102 -1.15 6.02 -1.99
C PHE A 102 -1.27 6.36 -3.48
N THR A 103 -2.27 5.79 -4.13
CA THR A 103 -2.50 6.04 -5.54
C THR A 103 -3.83 6.76 -5.74
N PRO A 104 -4.01 7.46 -6.88
CA PRO A 104 -5.24 8.22 -7.16
C PRO A 104 -6.45 7.35 -7.47
N LYS A 105 -6.83 6.55 -6.48
CA LYS A 105 -8.06 5.78 -6.48
C LYS A 105 -8.14 4.77 -7.62
N ASN A 106 -7.00 4.43 -8.21
CA ASN A 106 -6.97 3.35 -9.18
C ASN A 106 -6.91 2.00 -8.48
N LYS A 107 -8.08 1.56 -8.03
CA LYS A 107 -8.22 0.28 -7.37
C LYS A 107 -7.76 -0.84 -8.30
N ASN A 108 -8.20 -0.73 -9.55
CA ASN A 108 -7.74 -1.57 -10.63
C ASN A 108 -8.22 -0.97 -11.95
N ARG A 109 -7.42 -0.04 -12.46
CA ARG A 109 -7.80 0.71 -13.66
C ARG A 109 -7.86 -0.20 -14.86
N GLU A 110 -6.76 -0.89 -15.13
CA GLU A 110 -6.71 -1.85 -16.21
C GLU A 110 -7.30 -3.18 -15.74
N GLY A 111 -7.72 -4.01 -16.67
CA GLY A 111 -8.29 -5.29 -16.32
C GLY A 111 -7.23 -6.38 -16.25
N VAL A 112 -6.11 -6.05 -15.62
CA VAL A 112 -4.97 -6.96 -15.55
C VAL A 112 -4.99 -7.74 -14.25
N VAL A 113 -4.53 -8.98 -14.30
CA VAL A 113 -4.43 -9.82 -13.12
C VAL A 113 -3.03 -10.43 -12.99
N PRO A 114 -2.21 -9.88 -12.10
CA PRO A 114 -0.86 -10.37 -11.85
C PRO A 114 -0.87 -11.56 -10.88
N PRO A 115 0.30 -12.16 -10.60
CA PRO A 115 0.42 -13.21 -9.59
C PRO A 115 0.04 -12.69 -8.20
N VAL A 116 -1.14 -13.07 -7.75
CA VAL A 116 -1.66 -12.60 -6.47
C VAL A 116 -1.13 -13.45 -5.33
N GLY A 117 -0.56 -14.60 -5.68
CA GLY A 117 0.00 -15.49 -4.68
C GLY A 117 0.85 -16.57 -5.30
N ILE A 118 2.16 -16.47 -5.08
CA ILE A 118 3.08 -17.49 -5.58
C ILE A 118 3.46 -18.46 -4.45
N THR A 119 3.54 -17.94 -3.23
CA THR A 119 3.87 -18.74 -2.07
C THR A 119 2.61 -19.20 -1.36
N ASN A 120 2.07 -20.33 -1.78
CA ASN A 120 0.88 -20.90 -1.15
C ASN A 120 1.21 -22.25 -0.55
N MET A 23 -10.74 -11.37 -9.18
CA MET A 23 -11.16 -10.94 -7.83
C MET A 23 -9.93 -10.62 -6.98
N LYS A 24 -10.15 -9.97 -5.83
CA LYS A 24 -9.08 -9.61 -4.88
C LYS A 24 -8.23 -8.45 -5.42
N SER A 25 -8.34 -7.30 -4.75
CA SER A 25 -7.59 -6.12 -5.15
C SER A 25 -6.18 -6.15 -4.56
N SER A 26 -5.29 -6.85 -5.24
CA SER A 26 -3.88 -6.88 -4.87
C SER A 26 -3.01 -6.63 -6.09
N ILE A 27 -2.17 -5.61 -6.02
CA ILE A 27 -1.31 -5.23 -7.14
C ILE A 27 0.14 -5.11 -6.68
N PRO A 28 1.10 -5.65 -7.47
CA PRO A 28 2.53 -5.60 -7.13
C PRO A 28 3.09 -4.18 -7.12
N ILE A 29 4.19 -4.00 -6.40
CA ILE A 29 4.79 -2.69 -6.23
C ILE A 29 5.33 -2.13 -7.54
N THR A 30 5.69 -3.02 -8.46
CA THR A 30 6.28 -2.61 -9.74
C THR A 30 5.30 -1.73 -10.53
N GLU A 31 4.01 -1.85 -10.23
CA GLU A 31 3.00 -1.05 -10.91
C GLU A 31 2.56 0.10 -10.00
N VAL A 32 2.35 -0.20 -8.73
CA VAL A 32 1.81 0.78 -7.79
C VAL A 32 2.82 1.90 -7.51
N LEU A 33 4.11 1.56 -7.45
CA LEU A 33 5.16 2.53 -7.18
C LEU A 33 5.09 3.74 -8.14
N PRO A 34 5.25 3.53 -9.46
CA PRO A 34 5.19 4.64 -10.42
C PRO A 34 3.81 5.30 -10.50
N ARG A 35 2.76 4.55 -10.17
CA ARG A 35 1.41 5.08 -10.20
C ARG A 35 0.99 5.67 -8.85
N ALA A 36 1.95 5.77 -7.93
CA ALA A 36 1.68 6.32 -6.60
C ALA A 36 1.96 7.82 -6.56
N VAL A 37 1.20 8.52 -5.73
CA VAL A 37 1.34 9.96 -5.59
C VAL A 37 1.78 10.32 -4.17
N GLY A 38 1.83 9.32 -3.29
CA GLY A 38 2.27 9.56 -1.93
C GLY A 38 2.78 8.28 -1.29
N SER A 39 3.36 8.39 -0.11
CA SER A 39 3.87 7.22 0.58
C SER A 39 3.97 7.47 2.08
N LEU A 40 3.73 6.42 2.85
CA LEU A 40 3.90 6.45 4.30
C LEU A 40 4.87 5.37 4.73
N THR A 41 5.96 5.78 5.34
CA THR A 41 7.00 4.85 5.75
C THR A 41 6.86 4.48 7.21
N PHE A 42 6.65 3.19 7.47
CA PHE A 42 6.56 2.66 8.82
C PHE A 42 7.73 1.71 9.08
N ASP A 43 8.09 1.54 10.35
CA ASP A 43 9.13 0.58 10.71
C ASP A 43 8.50 -0.78 10.98
N GLU A 44 9.30 -1.78 11.29
CA GLU A 44 8.80 -3.14 11.53
C GLU A 44 7.92 -3.19 12.78
N ASN A 45 8.06 -2.20 13.65
CA ASN A 45 7.26 -2.11 14.85
C ASN A 45 6.01 -1.29 14.59
N TYR A 46 5.78 -0.97 13.32
CA TYR A 46 4.58 -0.26 12.86
C TYR A 46 4.51 1.17 13.39
N ASN A 47 5.66 1.81 13.50
CA ASN A 47 5.71 3.23 13.86
C ASN A 47 5.94 4.06 12.61
N LEU A 48 5.19 5.14 12.46
CA LEU A 48 5.32 6.02 11.31
C LEU A 48 6.65 6.76 11.38
N LEU A 49 7.47 6.56 10.36
CA LEU A 49 8.78 7.18 10.29
C LEU A 49 8.76 8.38 9.37
N ASP A 50 8.29 8.17 8.15
CA ASP A 50 8.36 9.20 7.12
C ASP A 50 7.02 9.37 6.42
N THR A 51 6.68 10.61 6.10
CA THR A 51 5.48 10.91 5.35
C THR A 51 5.84 11.71 4.09
N SER A 52 5.55 11.16 2.93
CA SER A 52 5.89 11.81 1.68
C SER A 52 4.72 11.79 0.70
N GLY A 53 4.74 12.72 -0.26
CA GLY A 53 3.70 12.79 -1.26
C GLY A 53 2.39 13.30 -0.71
N VAL A 54 1.29 12.86 -1.31
CA VAL A 54 -0.05 13.27 -0.88
C VAL A 54 -0.36 12.76 0.53
N ALA A 55 0.43 11.79 0.99
CA ALA A 55 0.24 11.23 2.32
C ALA A 55 0.44 12.29 3.40
N LYS A 56 1.03 13.43 3.03
CA LYS A 56 1.27 14.52 3.95
C LYS A 56 -0.01 15.31 4.24
N VAL A 57 -0.97 15.25 3.33
CA VAL A 57 -2.23 15.98 3.52
C VAL A 57 -3.35 15.02 3.94
N ILE A 58 -3.14 13.74 3.66
CA ILE A 58 -4.09 12.71 4.06
C ILE A 58 -3.98 12.44 5.56
N GLU A 59 -5.11 12.19 6.20
CA GLU A 59 -5.16 11.98 7.64
C GLU A 59 -4.59 10.61 8.02
N LYS A 60 -3.87 10.58 9.12
CA LYS A 60 -3.27 9.34 9.59
C LYS A 60 -4.27 8.51 10.39
N SER A 61 -5.01 7.68 9.67
CA SER A 61 -5.92 6.73 10.27
C SER A 61 -5.13 5.54 10.87
N PRO A 62 -5.81 4.57 11.53
CA PRO A 62 -5.16 3.36 12.04
C PRO A 62 -4.65 2.44 10.92
N ILE A 63 -3.79 2.99 10.08
CA ILE A 63 -3.25 2.27 8.94
C ILE A 63 -2.30 1.17 9.40
N ALA A 64 -1.58 1.43 10.49
CA ALA A 64 -0.64 0.47 11.03
C ALA A 64 -1.33 -0.85 11.38
N GLU A 65 -2.55 -0.74 11.87
CA GLU A 65 -3.36 -1.91 12.19
C GLU A 65 -3.70 -2.69 10.93
N ILE A 66 -3.91 -1.99 9.84
CA ILE A 66 -4.22 -2.64 8.58
C ILE A 66 -2.93 -3.15 7.93
N ILE A 67 -1.81 -2.48 8.22
CA ILE A 67 -0.50 -2.89 7.71
C ILE A 67 -0.15 -4.29 8.21
N ARG A 68 -0.34 -4.51 9.51
CA ARG A 68 -0.05 -5.80 10.12
C ARG A 68 -0.99 -6.87 9.58
N LYS A 69 -2.27 -6.53 9.46
CA LYS A 69 -3.25 -7.46 8.91
C LYS A 69 -2.87 -7.83 7.47
N SER A 70 -2.53 -6.82 6.68
CA SER A 70 -2.13 -7.02 5.30
C SER A 70 -0.80 -7.79 5.22
N ASN A 71 0.01 -7.65 6.26
CA ASN A 71 1.31 -8.33 6.29
C ASN A 71 1.12 -9.83 6.33
N ALA A 72 0.08 -10.27 7.04
CA ALA A 72 -0.25 -11.69 7.10
C ALA A 72 -0.92 -12.13 5.80
N GLU A 73 -1.64 -11.21 5.18
CA GLU A 73 -2.37 -11.49 3.95
C GLU A 73 -1.43 -11.71 2.76
N LEU A 74 -0.53 -10.75 2.54
CA LEU A 74 0.26 -10.72 1.32
C LEU A 74 1.75 -10.68 1.59
N GLY A 75 2.52 -10.52 0.53
CA GLY A 75 3.95 -10.33 0.65
C GLY A 75 4.39 -9.02 0.00
N ARG A 76 4.72 -9.09 -1.29
CA ARG A 76 5.18 -7.91 -2.02
C ARG A 76 3.99 -7.14 -2.61
N LEU A 77 2.82 -7.76 -2.59
CA LEU A 77 1.62 -7.13 -3.12
C LEU A 77 1.19 -5.95 -2.25
N GLY A 78 0.40 -5.06 -2.84
CA GLY A 78 -0.09 -3.91 -2.10
C GLY A 78 -1.57 -3.97 -1.85
N TYR A 79 -1.94 -4.28 -0.62
CA TYR A 79 -3.34 -4.35 -0.23
C TYR A 79 -3.86 -2.96 0.08
N SER A 80 -5.03 -2.63 -0.43
CA SER A 80 -5.63 -1.34 -0.17
C SER A 80 -6.03 -1.23 1.29
N VAL A 81 -5.30 -0.41 2.04
CA VAL A 81 -5.50 -0.30 3.47
C VAL A 81 -6.33 0.93 3.82
N TYR A 82 -6.17 2.00 3.04
CA TYR A 82 -6.88 3.23 3.29
C TYR A 82 -7.51 3.75 2.01
N GLU A 83 -8.83 3.74 1.95
CA GLU A 83 -9.52 4.27 0.78
C GLU A 83 -10.21 5.57 1.13
N ASP A 84 -9.68 6.66 0.59
CA ASP A 84 -10.22 7.98 0.82
C ASP A 84 -11.12 8.31 -0.35
N ALA A 85 -11.78 9.44 -0.30
CA ALA A 85 -12.64 9.83 -1.40
C ALA A 85 -11.80 10.33 -2.57
N GLN A 86 -10.55 10.64 -2.28
CA GLN A 86 -9.63 11.15 -3.29
C GLN A 86 -8.63 10.08 -3.73
N TYR A 87 -7.97 9.47 -2.75
CA TYR A 87 -6.86 8.56 -3.03
C TYR A 87 -7.03 7.23 -2.30
N ILE A 88 -6.17 6.26 -2.62
CA ILE A 88 -6.20 4.95 -1.99
C ILE A 88 -4.78 4.49 -1.63
N GLY A 89 -4.59 4.15 -0.38
CA GLY A 89 -3.28 3.70 0.08
C GLY A 89 -3.16 2.19 0.09
N HIS A 90 -1.96 1.69 -0.16
CA HIS A 90 -1.71 0.24 -0.23
C HIS A 90 -0.50 -0.12 0.61
N ALA A 91 -0.62 -1.13 1.47
CA ALA A 91 0.50 -1.55 2.31
C ALA A 91 1.41 -2.51 1.58
N PHE A 92 2.69 -2.15 1.52
CA PHE A 92 3.69 -3.00 0.91
C PHE A 92 4.74 -3.43 1.92
N LYS A 93 5.16 -4.68 1.83
CA LYS A 93 6.25 -5.17 2.66
C LYS A 93 7.58 -4.76 2.03
N LYS A 94 8.41 -4.08 2.80
CA LYS A 94 9.68 -3.58 2.30
C LYS A 94 10.83 -4.25 3.02
N ALA A 95 12.06 -3.91 2.66
CA ALA A 95 13.24 -4.50 3.28
C ALA A 95 13.34 -4.10 4.74
N GLY A 96 12.84 -4.97 5.61
CA GLY A 96 12.86 -4.73 7.04
C GLY A 96 11.96 -3.59 7.46
N HIS A 97 11.07 -3.16 6.57
CA HIS A 97 10.18 -2.05 6.84
C HIS A 97 8.81 -2.26 6.20
N PHE A 98 7.88 -1.37 6.50
CA PHE A 98 6.56 -1.42 5.92
C PHE A 98 6.20 -0.07 5.35
N ILE A 99 5.88 0.00 4.07
CA ILE A 99 5.56 1.27 3.46
C ILE A 99 4.21 1.22 2.77
N VAL A 100 3.42 2.26 2.98
CA VAL A 100 2.11 2.37 2.37
C VAL A 100 2.16 3.35 1.22
N TYR A 101 2.01 2.85 0.01
CA TYR A 101 2.05 3.68 -1.17
C TYR A 101 0.65 4.19 -1.48
N PHE A 102 0.50 5.50 -1.49
CA PHE A 102 -0.78 6.12 -1.76
C PHE A 102 -0.92 6.46 -3.23
N THR A 103 -1.87 5.84 -3.87
CA THR A 103 -2.20 6.15 -5.25
C THR A 103 -3.50 6.93 -5.26
N PRO A 104 -3.90 7.50 -6.39
CA PRO A 104 -5.25 8.03 -6.53
C PRO A 104 -6.27 6.90 -6.43
N LYS A 105 -7.55 7.22 -6.24
CA LYS A 105 -8.60 6.22 -6.32
C LYS A 105 -8.44 5.37 -7.58
N ASN A 106 -7.89 4.18 -7.42
CA ASN A 106 -7.57 3.32 -8.54
C ASN A 106 -7.96 1.88 -8.24
N LYS A 107 -9.23 1.59 -8.40
CA LYS A 107 -9.73 0.23 -8.30
C LYS A 107 -10.29 -0.17 -9.66
N ASN A 108 -11.02 0.78 -10.25
CA ASN A 108 -11.53 0.67 -11.63
C ASN A 108 -12.55 -0.46 -11.77
N ARG A 109 -12.03 -1.68 -11.74
CA ARG A 109 -12.80 -2.88 -11.97
C ARG A 109 -11.91 -4.06 -11.62
N GLU A 110 -10.77 -4.12 -12.30
CA GLU A 110 -9.72 -5.08 -12.03
C GLU A 110 -8.52 -4.77 -12.92
N GLY A 111 -7.63 -3.91 -12.41
CA GLY A 111 -6.50 -3.45 -13.20
C GLY A 111 -5.64 -4.57 -13.74
N VAL A 112 -5.23 -5.47 -12.86
CA VAL A 112 -4.41 -6.59 -13.24
C VAL A 112 -4.50 -7.69 -12.18
N VAL A 113 -4.44 -8.94 -12.61
CA VAL A 113 -4.49 -10.05 -11.67
C VAL A 113 -3.14 -10.77 -11.59
N PRO A 114 -2.34 -10.43 -10.58
CA PRO A 114 -1.06 -11.07 -10.31
C PRO A 114 -1.22 -12.27 -9.37
N PRO A 115 -0.16 -13.04 -9.14
CA PRO A 115 -0.18 -14.14 -8.16
C PRO A 115 -0.36 -13.61 -6.74
N VAL A 116 -1.47 -13.98 -6.11
CA VAL A 116 -1.75 -13.51 -4.77
C VAL A 116 -0.92 -14.28 -3.74
N GLY A 117 0.27 -13.77 -3.46
CA GLY A 117 1.16 -14.40 -2.51
C GLY A 117 2.61 -14.18 -2.87
N ILE A 118 3.40 -15.24 -2.80
CA ILE A 118 4.81 -15.18 -3.15
C ILE A 118 5.14 -16.28 -4.16
N THR A 119 5.14 -17.52 -3.68
CA THR A 119 5.31 -18.67 -4.54
C THR A 119 4.11 -19.59 -4.37
N ASN A 120 3.15 -19.48 -5.29
CA ASN A 120 1.90 -20.22 -5.21
C ASN A 120 1.61 -20.86 -6.56
N MET A 23 -13.20 -6.64 -6.10
CA MET A 23 -13.32 -5.44 -6.95
C MET A 23 -12.21 -4.44 -6.66
N LYS A 24 -11.50 -4.65 -5.55
CA LYS A 24 -10.36 -3.82 -5.21
C LYS A 24 -9.08 -4.63 -5.42
N SER A 25 -8.51 -4.53 -6.61
CA SER A 25 -7.41 -5.39 -7.02
C SER A 25 -6.14 -5.15 -6.20
N SER A 26 -5.52 -6.25 -5.79
CA SER A 26 -4.22 -6.20 -5.15
C SER A 26 -3.15 -6.13 -6.24
N ILE A 27 -2.27 -5.15 -6.14
CA ILE A 27 -1.35 -4.83 -7.21
C ILE A 27 0.09 -4.83 -6.69
N PRO A 28 1.05 -5.39 -7.47
CA PRO A 28 2.45 -5.45 -7.07
C PRO A 28 3.10 -4.07 -7.03
N ILE A 29 4.20 -3.98 -6.28
CA ILE A 29 4.86 -2.70 -6.04
C ILE A 29 5.41 -2.09 -7.34
N THR A 30 5.75 -2.95 -8.31
CA THR A 30 6.29 -2.48 -9.58
C THR A 30 5.28 -1.60 -10.33
N GLU A 31 4.02 -1.68 -9.92
CA GLU A 31 2.98 -0.86 -10.50
C GLU A 31 2.63 0.29 -9.57
N VAL A 32 2.41 -0.03 -8.30
CA VAL A 32 1.91 0.95 -7.35
C VAL A 32 2.95 2.01 -7.02
N LEU A 33 4.23 1.61 -6.99
CA LEU A 33 5.32 2.53 -6.67
C LEU A 33 5.32 3.76 -7.59
N PRO A 34 5.53 3.58 -8.92
CA PRO A 34 5.58 4.72 -9.85
C PRO A 34 4.25 5.43 -10.02
N ARG A 35 3.15 4.66 -9.96
CA ARG A 35 1.83 5.20 -10.21
C ARG A 35 1.21 5.82 -8.97
N ALA A 36 1.95 5.83 -7.87
CA ALA A 36 1.47 6.40 -6.62
C ALA A 36 1.63 7.92 -6.60
N VAL A 37 0.91 8.56 -5.69
CA VAL A 37 0.97 10.01 -5.53
C VAL A 37 1.37 10.38 -4.10
N GLY A 38 1.56 9.37 -3.28
CA GLY A 38 1.93 9.58 -1.90
C GLY A 38 2.47 8.31 -1.30
N SER A 39 3.24 8.41 -0.23
CA SER A 39 3.83 7.23 0.38
C SER A 39 4.11 7.45 1.85
N LEU A 40 3.65 6.50 2.66
CA LEU A 40 3.91 6.53 4.10
C LEU A 40 4.89 5.45 4.48
N THR A 41 6.03 5.85 5.00
CA THR A 41 7.07 4.91 5.40
C THR A 41 6.91 4.57 6.88
N PHE A 42 6.57 3.31 7.15
CA PHE A 42 6.36 2.84 8.51
C PHE A 42 7.49 1.92 8.95
N ASP A 43 7.69 1.85 10.24
CA ASP A 43 8.72 1.02 10.83
C ASP A 43 8.19 -0.39 11.09
N GLU A 44 9.11 -1.32 11.33
CA GLU A 44 8.76 -2.70 11.63
C GLU A 44 7.93 -2.79 12.92
N ASN A 45 8.09 -1.80 13.80
CA ASN A 45 7.33 -1.74 15.04
C ASN A 45 6.04 -0.94 14.84
N TYR A 46 5.70 -0.72 13.57
CA TYR A 46 4.46 -0.05 13.18
C TYR A 46 4.39 1.40 13.68
N ASN A 47 5.51 2.10 13.56
CA ASN A 47 5.55 3.53 13.85
C ASN A 47 5.87 4.28 12.56
N LEU A 48 5.31 5.46 12.39
CA LEU A 48 5.56 6.25 11.19
C LEU A 48 6.99 6.78 11.18
N LEU A 49 7.68 6.55 10.07
CA LEU A 49 9.05 7.02 9.89
C LEU A 49 9.08 8.25 8.99
N ASP A 50 8.45 8.14 7.83
CA ASP A 50 8.51 9.18 6.82
C ASP A 50 7.16 9.37 6.13
N THR A 51 6.78 10.62 5.92
CA THR A 51 5.55 10.93 5.22
C THR A 51 5.85 11.71 3.94
N SER A 52 5.48 11.15 2.79
CA SER A 52 5.74 11.78 1.51
C SER A 52 4.50 11.78 0.62
N GLY A 53 4.46 12.73 -0.31
CA GLY A 53 3.35 12.80 -1.24
C GLY A 53 2.07 13.28 -0.62
N VAL A 54 0.94 12.90 -1.23
CA VAL A 54 -0.38 13.29 -0.74
C VAL A 54 -0.63 12.77 0.68
N ALA A 55 0.15 11.76 1.07
CA ALA A 55 0.03 11.16 2.39
C ALA A 55 0.32 12.18 3.50
N LYS A 56 0.93 13.31 3.12
CA LYS A 56 1.24 14.35 4.08
C LYS A 56 -0.01 15.07 4.55
N VAL A 57 -0.97 15.26 3.65
CA VAL A 57 -2.21 15.96 3.97
C VAL A 57 -3.29 14.96 4.41
N ILE A 58 -3.12 13.71 4.00
CA ILE A 58 -4.03 12.64 4.42
C ILE A 58 -3.82 12.31 5.90
N GLU A 59 -4.89 11.92 6.59
CA GLU A 59 -4.81 11.59 8.00
C GLU A 59 -4.08 10.25 8.19
N LYS A 60 -3.20 10.20 9.17
CA LYS A 60 -2.36 9.03 9.41
C LYS A 60 -3.20 7.78 9.67
N SER A 61 -4.22 7.92 10.50
CA SER A 61 -5.23 6.88 10.69
C SER A 61 -4.67 5.62 11.36
N PRO A 62 -5.53 4.64 11.71
CA PRO A 62 -5.11 3.34 12.24
C PRO A 62 -4.59 2.41 11.13
N ILE A 63 -3.82 2.99 10.20
CA ILE A 63 -3.29 2.23 9.07
C ILE A 63 -2.39 1.11 9.54
N ALA A 64 -1.65 1.36 10.62
CA ALA A 64 -0.70 0.39 11.16
C ALA A 64 -1.38 -0.94 11.48
N GLU A 65 -2.60 -0.87 11.98
CA GLU A 65 -3.37 -2.05 12.30
C GLU A 65 -3.71 -2.83 11.02
N ILE A 66 -3.97 -2.10 9.94
CA ILE A 66 -4.30 -2.72 8.68
C ILE A 66 -3.02 -3.21 7.99
N ILE A 67 -1.90 -2.54 8.28
CA ILE A 67 -0.61 -2.92 7.73
C ILE A 67 -0.24 -4.33 8.16
N ARG A 68 -0.40 -4.61 9.45
CA ARG A 68 -0.08 -5.91 10.01
C ARG A 68 -1.05 -6.98 9.51
N LYS A 69 -2.32 -6.62 9.39
CA LYS A 69 -3.32 -7.52 8.83
C LYS A 69 -2.96 -7.87 7.39
N SER A 70 -2.64 -6.85 6.60
CA SER A 70 -2.26 -7.06 5.22
C SER A 70 -0.92 -7.78 5.12
N ASN A 71 -0.13 -7.68 6.18
CA ASN A 71 1.17 -8.36 6.24
C ASN A 71 0.96 -9.86 6.29
N ALA A 72 -0.11 -10.27 6.94
CA ALA A 72 -0.48 -11.67 7.01
C ALA A 72 -1.05 -12.14 5.67
N GLU A 73 -1.74 -11.23 5.00
CA GLU A 73 -2.38 -11.54 3.73
C GLU A 73 -1.39 -11.64 2.57
N LEU A 74 -0.41 -10.74 2.55
CA LEU A 74 0.45 -10.61 1.38
C LEU A 74 1.90 -10.34 1.76
N GLY A 75 2.72 -10.15 0.73
CA GLY A 75 4.07 -9.69 0.92
C GLY A 75 4.44 -8.60 -0.07
N ARG A 76 4.48 -8.95 -1.34
CA ARG A 76 4.94 -8.03 -2.38
C ARG A 76 3.76 -7.32 -3.06
N LEU A 77 2.56 -7.56 -2.57
CA LEU A 77 1.37 -6.92 -3.14
C LEU A 77 0.94 -5.74 -2.28
N GLY A 78 0.09 -4.89 -2.84
CA GLY A 78 -0.39 -3.74 -2.11
C GLY A 78 -1.87 -3.80 -1.81
N TYR A 79 -2.20 -4.32 -0.64
CA TYR A 79 -3.58 -4.39 -0.18
C TYR A 79 -4.05 -2.99 0.21
N SER A 80 -5.26 -2.66 -0.17
CA SER A 80 -5.82 -1.36 0.15
C SER A 80 -6.10 -1.26 1.65
N VAL A 81 -5.30 -0.47 2.33
CA VAL A 81 -5.42 -0.32 3.77
C VAL A 81 -6.23 0.92 4.10
N TYR A 82 -6.13 1.92 3.25
CA TYR A 82 -6.82 3.17 3.46
C TYR A 82 -7.47 3.63 2.17
N GLU A 83 -8.77 3.83 2.17
CA GLU A 83 -9.45 4.34 0.99
C GLU A 83 -10.02 5.72 1.25
N ASP A 84 -9.79 6.59 0.30
CA ASP A 84 -10.26 7.96 0.34
C ASP A 84 -11.02 8.26 -0.95
N ALA A 85 -11.71 9.39 -1.01
CA ALA A 85 -12.51 9.74 -2.17
C ALA A 85 -11.63 10.01 -3.39
N GLN A 86 -10.37 10.36 -3.15
CA GLN A 86 -9.44 10.59 -4.25
C GLN A 86 -8.36 9.52 -4.30
N TYR A 87 -7.92 9.04 -3.15
CA TYR A 87 -6.72 8.19 -3.10
C TYR A 87 -6.97 6.90 -2.32
N ILE A 88 -6.09 5.92 -2.53
CA ILE A 88 -6.13 4.67 -1.82
C ILE A 88 -4.72 4.25 -1.43
N GLY A 89 -4.54 3.95 -0.15
CA GLY A 89 -3.25 3.52 0.33
C GLY A 89 -3.12 2.01 0.30
N HIS A 90 -1.94 1.53 -0.05
CA HIS A 90 -1.67 0.11 -0.16
C HIS A 90 -0.45 -0.26 0.67
N ALA A 91 -0.59 -1.20 1.58
CA ALA A 91 0.53 -1.59 2.43
C ALA A 91 1.42 -2.61 1.74
N PHE A 92 2.69 -2.28 1.61
CA PHE A 92 3.67 -3.16 1.02
C PHE A 92 4.69 -3.60 2.06
N LYS A 93 5.07 -4.86 2.00
CA LYS A 93 6.13 -5.36 2.85
C LYS A 93 7.48 -5.04 2.23
N LYS A 94 8.31 -4.35 2.98
CA LYS A 94 9.63 -3.93 2.50
C LYS A 94 10.71 -4.63 3.31
N ALA A 95 11.97 -4.36 3.01
CA ALA A 95 13.07 -5.00 3.70
C ALA A 95 13.13 -4.54 5.17
N GLY A 96 12.53 -5.33 6.05
CA GLY A 96 12.51 -5.01 7.46
C GLY A 96 11.65 -3.79 7.77
N HIS A 97 10.82 -3.40 6.81
CA HIS A 97 10.00 -2.19 6.95
C HIS A 97 8.66 -2.35 6.26
N PHE A 98 7.80 -1.38 6.46
CA PHE A 98 6.47 -1.38 5.87
C PHE A 98 6.20 -0.03 5.23
N ILE A 99 5.78 -0.01 3.98
CA ILE A 99 5.48 1.25 3.33
C ILE A 99 4.10 1.21 2.68
N VAL A 100 3.34 2.26 2.90
CA VAL A 100 2.00 2.38 2.35
C VAL A 100 2.00 3.38 1.19
N TYR A 101 1.87 2.87 -0.02
CA TYR A 101 1.85 3.70 -1.20
C TYR A 101 0.43 4.12 -1.54
N PHE A 102 0.20 5.42 -1.59
CA PHE A 102 -1.11 5.96 -1.89
C PHE A 102 -1.23 6.29 -3.37
N THR A 103 -2.17 5.63 -4.02
CA THR A 103 -2.43 5.90 -5.42
C THR A 103 -3.73 6.67 -5.55
N PRO A 104 -3.99 7.33 -6.69
CA PRO A 104 -5.25 8.05 -6.93
C PRO A 104 -6.41 7.07 -7.16
N LYS A 105 -6.65 6.23 -6.16
CA LYS A 105 -7.59 5.11 -6.25
C LYS A 105 -7.05 4.07 -7.23
N ASN A 106 -7.02 4.42 -8.51
CA ASN A 106 -6.48 3.55 -9.57
C ASN A 106 -7.26 2.25 -9.66
N LYS A 107 -8.31 2.26 -10.48
CA LYS A 107 -9.08 1.06 -10.73
C LYS A 107 -8.88 0.61 -12.16
N ASN A 108 -9.12 1.53 -13.09
CA ASN A 108 -9.03 1.27 -14.53
C ASN A 108 -9.99 0.18 -14.96
N ARG A 109 -9.59 -1.08 -14.75
CA ARG A 109 -10.39 -2.23 -15.13
C ARG A 109 -9.64 -3.51 -14.76
N GLU A 110 -10.28 -4.37 -13.99
CA GLU A 110 -9.65 -5.62 -13.58
C GLU A 110 -10.02 -6.73 -14.55
N GLY A 111 -9.64 -7.96 -14.22
CA GLY A 111 -9.89 -9.08 -15.09
C GLY A 111 -8.69 -9.99 -15.16
N VAL A 112 -7.53 -9.39 -15.32
CA VAL A 112 -6.27 -10.13 -15.30
C VAL A 112 -5.54 -9.82 -14.01
N VAL A 113 -5.33 -10.85 -13.19
CA VAL A 113 -4.65 -10.66 -11.92
C VAL A 113 -3.14 -10.53 -12.13
N PRO A 114 -2.53 -9.50 -11.54
CA PRO A 114 -1.10 -9.25 -11.67
C PRO A 114 -0.25 -10.26 -10.88
N PRO A 115 1.05 -10.34 -11.21
CA PRO A 115 1.97 -11.26 -10.52
C PRO A 115 2.06 -10.98 -9.02
N VAL A 116 1.98 -12.04 -8.23
CA VAL A 116 2.06 -11.95 -6.79
C VAL A 116 3.51 -11.96 -6.32
N GLY A 117 3.72 -12.13 -5.03
CA GLY A 117 5.07 -12.20 -4.50
C GLY A 117 5.50 -13.62 -4.28
N ILE A 118 6.61 -14.01 -4.88
CA ILE A 118 7.11 -15.37 -4.76
C ILE A 118 7.67 -15.64 -3.36
N THR A 119 6.80 -16.16 -2.50
CA THR A 119 7.15 -16.42 -1.10
C THR A 119 7.52 -15.13 -0.39
N ASN A 120 6.50 -14.34 -0.09
CA ASN A 120 6.66 -13.07 0.60
C ASN A 120 5.63 -12.98 1.72
N MET A 23 -14.36 -8.12 -5.86
CA MET A 23 -13.42 -7.26 -6.60
C MET A 23 -12.29 -6.79 -5.69
N LYS A 24 -11.08 -7.22 -5.99
CA LYS A 24 -9.92 -6.82 -5.22
C LYS A 24 -8.72 -6.64 -6.13
N SER A 25 -8.34 -5.40 -6.37
CA SER A 25 -7.21 -5.10 -7.22
C SER A 25 -5.89 -5.37 -6.51
N SER A 26 -5.43 -6.60 -6.63
CA SER A 26 -4.12 -6.99 -6.11
C SER A 26 -3.04 -6.65 -7.11
N ILE A 27 -2.31 -5.58 -6.84
CA ILE A 27 -1.32 -5.07 -7.78
C ILE A 27 0.05 -5.06 -7.12
N PRO A 28 1.10 -5.53 -7.83
CA PRO A 28 2.47 -5.56 -7.30
C PRO A 28 3.07 -4.17 -7.19
N ILE A 29 4.09 -4.04 -6.36
CA ILE A 29 4.73 -2.76 -6.10
C ILE A 29 5.34 -2.15 -7.36
N THR A 30 5.75 -3.00 -8.29
CA THR A 30 6.38 -2.53 -9.52
C THR A 30 5.44 -1.61 -10.31
N GLU A 31 4.14 -1.76 -10.10
CA GLU A 31 3.16 -0.95 -10.80
C GLU A 31 2.63 0.17 -9.90
N VAL A 32 2.42 -0.15 -8.64
CA VAL A 32 1.84 0.80 -7.69
C VAL A 32 2.83 1.91 -7.36
N LEU A 33 4.11 1.58 -7.32
CA LEU A 33 5.16 2.55 -7.00
C LEU A 33 5.07 3.79 -7.91
N PRO A 34 5.23 3.65 -9.24
CA PRO A 34 5.13 4.78 -10.17
C PRO A 34 3.74 5.41 -10.20
N ARG A 35 2.70 4.59 -10.01
CA ARG A 35 1.33 5.09 -10.08
C ARG A 35 0.88 5.71 -8.76
N ALA A 36 1.75 5.70 -7.75
CA ALA A 36 1.42 6.27 -6.45
C ALA A 36 1.75 7.75 -6.42
N VAL A 37 1.01 8.50 -5.61
CA VAL A 37 1.21 9.93 -5.46
C VAL A 37 1.53 10.27 -4.00
N GLY A 38 1.67 9.25 -3.18
CA GLY A 38 1.98 9.45 -1.80
C GLY A 38 2.48 8.17 -1.18
N SER A 39 3.26 8.27 -0.13
CA SER A 39 3.82 7.08 0.51
C SER A 39 4.08 7.33 1.98
N LEU A 40 3.70 6.37 2.81
CA LEU A 40 3.96 6.42 4.23
C LEU A 40 4.97 5.36 4.62
N THR A 41 6.10 5.79 5.15
CA THR A 41 7.13 4.86 5.57
C THR A 41 6.95 4.47 7.02
N PHE A 42 6.65 3.20 7.25
CA PHE A 42 6.48 2.65 8.59
C PHE A 42 7.63 1.71 8.94
N ASP A 43 7.92 1.62 10.22
CA ASP A 43 8.96 0.73 10.71
C ASP A 43 8.43 -0.69 10.82
N GLU A 44 9.32 -1.64 11.06
CA GLU A 44 8.94 -3.03 11.25
C GLU A 44 8.10 -3.18 12.50
N ASN A 45 8.25 -2.25 13.43
CA ASN A 45 7.42 -2.21 14.62
C ASN A 45 6.15 -1.39 14.36
N TYR A 46 5.90 -1.11 13.08
CA TYR A 46 4.70 -0.43 12.61
C TYR A 46 4.61 1.02 13.12
N ASN A 47 5.75 1.63 13.37
CA ASN A 47 5.78 3.04 13.77
C ASN A 47 6.04 3.91 12.55
N LEU A 48 5.36 5.05 12.47
CA LEU A 48 5.55 5.97 11.37
C LEU A 48 6.95 6.57 11.38
N LEU A 49 7.65 6.43 10.27
CA LEU A 49 9.00 6.95 10.13
C LEU A 49 8.99 8.20 9.26
N ASP A 50 8.41 8.08 8.07
CA ASP A 50 8.43 9.15 7.09
C ASP A 50 7.07 9.30 6.42
N THR A 51 6.73 10.52 6.07
CA THR A 51 5.52 10.81 5.34
C THR A 51 5.84 11.60 4.08
N SER A 52 5.56 11.02 2.91
CA SER A 52 5.87 11.66 1.65
C SER A 52 4.67 11.65 0.70
N GLY A 53 4.67 12.56 -0.25
CA GLY A 53 3.60 12.64 -1.21
C GLY A 53 2.31 13.16 -0.61
N VAL A 54 1.19 12.80 -1.22
CA VAL A 54 -0.12 13.22 -0.75
C VAL A 54 -0.40 12.69 0.67
N ALA A 55 0.35 11.67 1.06
CA ALA A 55 0.20 11.07 2.39
C ALA A 55 0.42 12.10 3.50
N LYS A 56 1.05 13.22 3.14
CA LYS A 56 1.32 14.28 4.10
C LYS A 56 0.05 15.02 4.48
N VAL A 57 -0.85 15.18 3.51
CA VAL A 57 -2.10 15.91 3.77
C VAL A 57 -3.21 14.94 4.16
N ILE A 58 -3.00 13.65 3.86
CA ILE A 58 -3.94 12.62 4.25
C ILE A 58 -3.89 12.37 5.74
N GLU A 59 -5.08 12.23 6.34
CA GLU A 59 -5.20 12.03 7.78
C GLU A 59 -4.66 10.68 8.20
N LYS A 60 -3.95 10.66 9.32
CA LYS A 60 -3.32 9.45 9.82
C LYS A 60 -4.31 8.64 10.64
N SER A 61 -5.00 7.73 9.97
CA SER A 61 -5.85 6.77 10.65
C SER A 61 -4.99 5.60 11.18
N PRO A 62 -5.58 4.63 11.90
CA PRO A 62 -4.86 3.42 12.36
C PRO A 62 -4.43 2.52 11.20
N ILE A 63 -3.69 3.09 10.25
CA ILE A 63 -3.21 2.37 9.10
C ILE A 63 -2.25 1.25 9.50
N ALA A 64 -1.48 1.50 10.56
CA ALA A 64 -0.52 0.51 11.05
C ALA A 64 -1.21 -0.81 11.39
N GLU A 65 -2.42 -0.70 11.92
CA GLU A 65 -3.23 -1.85 12.26
C GLU A 65 -3.57 -2.65 11.00
N ILE A 66 -3.83 -1.94 9.91
CA ILE A 66 -4.17 -2.57 8.66
C ILE A 66 -2.90 -3.07 7.95
N ILE A 67 -1.78 -2.40 8.22
CA ILE A 67 -0.50 -2.80 7.65
C ILE A 67 -0.12 -4.21 8.12
N ARG A 68 -0.27 -4.44 9.42
CA ARG A 68 0.05 -5.74 9.99
C ARG A 68 -0.92 -6.81 9.49
N LYS A 69 -2.19 -6.44 9.39
CA LYS A 69 -3.20 -7.33 8.81
C LYS A 69 -2.80 -7.71 7.40
N SER A 70 -2.49 -6.70 6.60
CA SER A 70 -2.10 -6.91 5.21
C SER A 70 -0.76 -7.62 5.12
N ASN A 71 0.04 -7.54 6.19
CA ASN A 71 1.33 -8.20 6.22
C ASN A 71 1.17 -9.71 6.21
N ALA A 72 0.12 -10.18 6.88
CA ALA A 72 -0.19 -11.61 6.90
C ALA A 72 -0.93 -12.02 5.63
N GLU A 73 -1.65 -11.07 5.05
CA GLU A 73 -2.45 -11.32 3.85
C GLU A 73 -1.58 -11.48 2.60
N LEU A 74 -0.52 -10.70 2.51
CA LEU A 74 0.29 -10.66 1.29
C LEU A 74 1.77 -10.60 1.59
N GLY A 75 2.57 -10.60 0.53
CA GLY A 75 4.00 -10.46 0.66
C GLY A 75 4.53 -9.27 -0.11
N ARG A 76 4.16 -9.16 -1.38
CA ARG A 76 4.69 -8.10 -2.23
C ARG A 76 3.57 -7.34 -2.95
N LEU A 77 2.32 -7.72 -2.68
CA LEU A 77 1.17 -7.05 -3.28
C LEU A 77 0.74 -5.86 -2.42
N GLY A 78 -0.17 -5.05 -2.95
CA GLY A 78 -0.62 -3.87 -2.23
C GLY A 78 -2.09 -3.94 -1.86
N TYR A 79 -2.36 -4.37 -0.63
CA TYR A 79 -3.72 -4.43 -0.12
C TYR A 79 -4.18 -3.02 0.23
N SER A 80 -5.40 -2.67 -0.17
CA SER A 80 -5.93 -1.36 0.11
C SER A 80 -6.21 -1.22 1.60
N VAL A 81 -5.41 -0.39 2.26
CA VAL A 81 -5.54 -0.19 3.69
C VAL A 81 -6.36 1.06 3.99
N TYR A 82 -6.21 2.07 3.16
CA TYR A 82 -6.91 3.32 3.36
C TYR A 82 -7.53 3.79 2.05
N GLU A 83 -8.84 3.64 1.93
CA GLU A 83 -9.54 4.18 0.77
C GLU A 83 -10.21 5.49 1.12
N ASP A 84 -9.79 6.54 0.44
CA ASP A 84 -10.38 7.85 0.56
C ASP A 84 -11.08 8.15 -0.75
N ALA A 85 -11.94 9.16 -0.78
CA ALA A 85 -12.65 9.50 -2.00
C ALA A 85 -11.68 10.02 -3.05
N GLN A 86 -10.54 10.50 -2.62
CA GLN A 86 -9.52 11.01 -3.53
C GLN A 86 -8.50 9.92 -3.89
N TYR A 87 -7.96 9.26 -2.87
CA TYR A 87 -6.83 8.36 -3.06
C TYR A 87 -7.02 7.05 -2.32
N ILE A 88 -6.27 6.03 -2.69
CA ILE A 88 -6.31 4.73 -2.03
C ILE A 88 -4.91 4.27 -1.68
N GLY A 89 -4.70 4.01 -0.40
CA GLY A 89 -3.40 3.57 0.06
C GLY A 89 -3.29 2.05 0.10
N HIS A 90 -2.12 1.55 -0.23
CA HIS A 90 -1.88 0.10 -0.26
C HIS A 90 -0.63 -0.21 0.57
N ALA A 91 -0.74 -1.16 1.48
CA ALA A 91 0.40 -1.52 2.33
C ALA A 91 1.31 -2.52 1.62
N PHE A 92 2.57 -2.15 1.50
CA PHE A 92 3.56 -3.02 0.89
C PHE A 92 4.63 -3.41 1.89
N LYS A 93 5.06 -4.65 1.81
CA LYS A 93 6.20 -5.10 2.59
C LYS A 93 7.49 -4.76 1.85
N LYS A 94 8.36 -4.03 2.53
CA LYS A 94 9.63 -3.63 1.95
C LYS A 94 10.77 -4.30 2.70
N ALA A 95 12.01 -3.96 2.34
CA ALA A 95 13.18 -4.58 2.94
C ALA A 95 13.28 -4.26 4.43
N GLY A 96 12.77 -5.17 5.25
CA GLY A 96 12.82 -5.01 6.68
C GLY A 96 11.86 -3.97 7.22
N HIS A 97 11.08 -3.36 6.33
CA HIS A 97 10.20 -2.26 6.72
C HIS A 97 8.87 -2.32 5.97
N PHE A 98 7.96 -1.44 6.34
CA PHE A 98 6.62 -1.42 5.76
C PHE A 98 6.32 -0.05 5.17
N ILE A 99 5.83 0.00 3.95
CA ILE A 99 5.50 1.27 3.32
C ILE A 99 4.13 1.22 2.66
N VAL A 100 3.34 2.26 2.88
CA VAL A 100 2.02 2.36 2.30
C VAL A 100 2.02 3.35 1.15
N TYR A 101 1.75 2.86 -0.05
CA TYR A 101 1.73 3.70 -1.23
C TYR A 101 0.31 4.13 -1.56
N PHE A 102 0.10 5.43 -1.61
CA PHE A 102 -1.21 6.00 -1.90
C PHE A 102 -1.33 6.34 -3.37
N THR A 103 -2.27 5.73 -4.04
CA THR A 103 -2.51 5.97 -5.45
C THR A 103 -3.80 6.78 -5.64
N PRO A 104 -3.92 7.54 -6.73
CA PRO A 104 -5.13 8.31 -7.03
C PRO A 104 -6.29 7.42 -7.45
N LYS A 105 -6.74 6.58 -6.50
CA LYS A 105 -7.78 5.60 -6.74
C LYS A 105 -7.50 4.77 -7.98
N ASN A 106 -6.30 4.19 -8.04
CA ASN A 106 -5.96 3.28 -9.11
C ASN A 106 -6.67 1.95 -8.87
N LYS A 107 -7.79 1.77 -9.56
CA LYS A 107 -8.67 0.64 -9.33
C LYS A 107 -9.47 0.33 -10.57
N ASN A 108 -10.13 -0.84 -10.56
CA ASN A 108 -11.08 -1.24 -11.62
C ASN A 108 -10.36 -1.56 -12.94
N ARG A 109 -9.64 -0.59 -13.47
CA ARG A 109 -8.89 -0.79 -14.70
C ARG A 109 -7.61 -1.55 -14.39
N GLU A 110 -7.62 -2.83 -14.69
CA GLU A 110 -6.51 -3.70 -14.40
C GLU A 110 -5.36 -3.46 -15.37
N GLY A 111 -4.28 -2.86 -14.89
CA GLY A 111 -3.13 -2.60 -15.73
C GLY A 111 -2.30 -3.84 -15.96
N VAL A 112 -1.28 -4.02 -15.15
CA VAL A 112 -0.44 -5.21 -15.23
C VAL A 112 -0.77 -6.14 -14.07
N VAL A 113 -1.42 -7.24 -14.39
CA VAL A 113 -1.88 -8.17 -13.37
C VAL A 113 -0.81 -9.22 -13.05
N PRO A 114 -0.54 -9.44 -11.75
CA PRO A 114 0.40 -10.44 -11.28
C PRO A 114 -0.21 -11.84 -11.25
N PRO A 115 0.58 -12.88 -10.89
CA PRO A 115 0.07 -14.24 -10.72
C PRO A 115 -1.08 -14.29 -9.72
N VAL A 116 -1.98 -15.26 -9.90
CA VAL A 116 -3.15 -15.38 -9.04
C VAL A 116 -2.76 -15.76 -7.62
N GLY A 117 -1.73 -16.59 -7.50
CA GLY A 117 -1.25 -16.97 -6.19
C GLY A 117 -0.52 -18.29 -6.22
N ILE A 118 0.46 -18.42 -7.11
CA ILE A 118 1.23 -19.64 -7.21
C ILE A 118 2.33 -19.66 -6.15
N THR A 119 2.00 -20.27 -5.01
CA THR A 119 2.92 -20.36 -3.89
C THR A 119 2.31 -21.24 -2.80
N ASN A 120 3.15 -21.93 -2.05
CA ASN A 120 2.68 -22.78 -0.96
C ASN A 120 3.72 -22.84 0.14
N MET A 23 -12.90 -5.06 -4.76
CA MET A 23 -13.04 -5.93 -3.56
C MET A 23 -11.77 -5.93 -2.74
N LYS A 24 -10.72 -6.55 -3.29
CA LYS A 24 -9.44 -6.61 -2.60
C LYS A 24 -8.40 -5.81 -3.39
N SER A 25 -8.38 -6.04 -4.69
CA SER A 25 -7.50 -5.31 -5.62
C SER A 25 -6.03 -5.48 -5.25
N SER A 26 -5.46 -6.62 -5.65
CA SER A 26 -4.06 -6.90 -5.38
C SER A 26 -3.19 -6.50 -6.56
N ILE A 27 -2.33 -5.51 -6.36
CA ILE A 27 -1.43 -5.03 -7.39
C ILE A 27 0.01 -5.02 -6.88
N PRO A 28 0.97 -5.54 -7.68
CA PRO A 28 2.38 -5.55 -7.30
C PRO A 28 2.98 -4.15 -7.21
N ILE A 29 4.04 -4.01 -6.42
CA ILE A 29 4.67 -2.73 -6.18
C ILE A 29 5.27 -2.14 -7.47
N THR A 30 5.62 -3.02 -8.41
CA THR A 30 6.22 -2.59 -9.66
C THR A 30 5.26 -1.69 -10.46
N GLU A 31 3.98 -1.75 -10.10
CA GLU A 31 2.98 -0.91 -10.74
C GLU A 31 2.59 0.25 -9.82
N VAL A 32 2.37 -0.05 -8.55
CA VAL A 32 1.88 0.94 -7.60
C VAL A 32 2.94 2.01 -7.31
N LEU A 33 4.22 1.61 -7.28
CA LEU A 33 5.31 2.53 -6.99
C LEU A 33 5.27 3.77 -7.91
N PRO A 34 5.41 3.61 -9.24
CA PRO A 34 5.38 4.75 -10.18
C PRO A 34 4.01 5.43 -10.24
N ARG A 35 2.94 4.67 -10.04
CA ARG A 35 1.59 5.22 -10.13
C ARG A 35 1.16 5.90 -8.84
N ALA A 36 2.03 5.87 -7.83
CA ALA A 36 1.71 6.45 -6.52
C ALA A 36 2.02 7.93 -6.48
N VAL A 37 1.23 8.66 -5.69
CA VAL A 37 1.41 10.09 -5.52
C VAL A 37 1.80 10.42 -4.08
N GLY A 38 1.91 9.39 -3.26
CA GLY A 38 2.31 9.58 -1.89
C GLY A 38 2.72 8.27 -1.26
N SER A 39 3.45 8.33 -0.17
CA SER A 39 3.88 7.12 0.52
C SER A 39 4.09 7.36 2.00
N LEU A 40 3.71 6.37 2.79
CA LEU A 40 3.94 6.40 4.23
C LEU A 40 4.94 5.33 4.61
N THR A 41 6.05 5.76 5.17
CA THR A 41 7.10 4.83 5.55
C THR A 41 6.92 4.43 7.02
N PHE A 42 6.69 3.15 7.24
CA PHE A 42 6.52 2.61 8.58
C PHE A 42 7.66 1.67 8.93
N ASP A 43 7.94 1.55 10.22
CA ASP A 43 8.97 0.65 10.71
C ASP A 43 8.38 -0.72 10.98
N GLU A 44 9.23 -1.71 11.25
CA GLU A 44 8.76 -3.05 11.58
C GLU A 44 7.99 -3.02 12.90
N ASN A 45 8.30 -2.02 13.73
CA ASN A 45 7.60 -1.81 14.99
C ASN A 45 6.30 -1.04 14.76
N TYR A 46 5.93 -0.88 13.48
CA TYR A 46 4.71 -0.20 13.07
C TYR A 46 4.72 1.27 13.48
N ASN A 47 5.93 1.83 13.54
CA ASN A 47 6.10 3.24 13.84
C ASN A 47 6.18 4.03 12.55
N LEU A 48 5.45 5.13 12.48
CA LEU A 48 5.50 5.99 11.30
C LEU A 48 6.85 6.70 11.25
N LEU A 49 7.61 6.43 10.20
CA LEU A 49 8.95 6.99 10.05
C LEU A 49 8.92 8.22 9.15
N ASP A 50 8.34 8.07 7.98
CA ASP A 50 8.38 9.11 6.97
C ASP A 50 7.02 9.30 6.31
N THR A 51 6.66 10.55 6.05
CA THR A 51 5.44 10.87 5.34
C THR A 51 5.76 11.70 4.11
N SER A 52 5.50 11.16 2.93
CA SER A 52 5.85 11.85 1.70
C SER A 52 4.68 11.88 0.73
N GLY A 53 4.61 12.94 -0.07
CA GLY A 53 3.60 13.06 -1.09
C GLY A 53 2.24 13.41 -0.51
N VAL A 54 1.19 12.96 -1.19
CA VAL A 54 -0.18 13.24 -0.78
C VAL A 54 -0.49 12.62 0.59
N ALA A 55 0.35 11.68 1.01
CA ALA A 55 0.18 11.01 2.30
C ALA A 55 0.30 12.01 3.45
N LYS A 56 0.84 13.19 3.17
CA LYS A 56 0.98 14.23 4.17
C LYS A 56 -0.36 14.88 4.48
N VAL A 57 -1.19 15.06 3.45
CA VAL A 57 -2.48 15.71 3.62
C VAL A 57 -3.57 14.69 3.96
N ILE A 58 -3.29 13.43 3.65
CA ILE A 58 -4.17 12.34 4.01
C ILE A 58 -4.01 12.02 5.50
N GLU A 59 -5.12 11.72 6.17
CA GLU A 59 -5.08 11.39 7.59
C GLU A 59 -4.34 10.08 7.82
N LYS A 60 -3.44 10.11 8.80
CA LYS A 60 -2.57 8.97 9.07
C LYS A 60 -3.36 7.71 9.37
N SER A 61 -4.44 7.84 10.15
CA SER A 61 -5.35 6.74 10.42
C SER A 61 -4.66 5.58 11.17
N PRO A 62 -5.44 4.58 11.62
CA PRO A 62 -4.88 3.35 12.21
C PRO A 62 -4.35 2.40 11.14
N ILE A 63 -3.59 2.95 10.19
CA ILE A 63 -3.07 2.17 9.07
C ILE A 63 -2.15 1.06 9.55
N ALA A 64 -1.41 1.33 10.63
CA ALA A 64 -0.46 0.35 11.16
C ALA A 64 -1.15 -0.96 11.51
N GLU A 65 -2.40 -0.86 11.96
CA GLU A 65 -3.21 -2.03 12.29
C GLU A 65 -3.53 -2.81 11.01
N ILE A 66 -3.77 -2.09 9.94
CA ILE A 66 -4.10 -2.71 8.67
C ILE A 66 -2.82 -3.22 8.02
N ILE A 67 -1.69 -2.59 8.33
CA ILE A 67 -0.40 -3.00 7.80
C ILE A 67 -0.06 -4.41 8.27
N ARG A 68 -0.24 -4.68 9.55
CA ARG A 68 0.04 -5.99 10.11
C ARG A 68 -0.92 -7.03 9.53
N LYS A 69 -2.19 -6.66 9.41
CA LYS A 69 -3.19 -7.55 8.83
C LYS A 69 -2.82 -7.89 7.39
N SER A 70 -2.50 -6.85 6.62
CA SER A 70 -2.15 -7.02 5.22
C SER A 70 -0.80 -7.73 5.09
N ASN A 71 0.03 -7.62 6.12
CA ASN A 71 1.33 -8.28 6.13
C ASN A 71 1.16 -9.78 6.14
N ALA A 72 0.14 -10.24 6.86
CA ALA A 72 -0.16 -11.66 6.93
C ALA A 72 -0.90 -12.11 5.66
N GLU A 73 -1.55 -11.16 5.02
CA GLU A 73 -2.32 -11.43 3.80
C GLU A 73 -1.42 -11.56 2.57
N LEU A 74 -0.41 -10.71 2.46
CA LEU A 74 0.35 -10.60 1.21
C LEU A 74 1.83 -10.39 1.43
N GLY A 75 2.56 -10.26 0.31
CA GLY A 75 3.96 -9.90 0.34
C GLY A 75 4.25 -8.67 -0.49
N ARG A 76 4.42 -8.86 -1.79
CA ARG A 76 4.71 -7.76 -2.73
C ARG A 76 3.45 -7.17 -3.34
N LEU A 77 2.31 -7.54 -2.78
CA LEU A 77 1.02 -7.04 -3.27
C LEU A 77 0.61 -5.82 -2.45
N GLY A 78 -0.22 -4.97 -3.03
CA GLY A 78 -0.66 -3.77 -2.34
C GLY A 78 -2.09 -3.84 -1.87
N TYR A 79 -2.27 -4.23 -0.63
CA TYR A 79 -3.58 -4.27 0.01
C TYR A 79 -4.07 -2.85 0.22
N SER A 80 -5.24 -2.53 -0.31
CA SER A 80 -5.82 -1.21 -0.10
C SER A 80 -6.22 -1.06 1.36
N VAL A 81 -5.46 -0.24 2.08
CA VAL A 81 -5.65 -0.07 3.51
C VAL A 81 -6.43 1.19 3.81
N TYR A 82 -6.35 2.15 2.90
CA TYR A 82 -7.04 3.41 3.07
C TYR A 82 -7.68 3.84 1.76
N GLU A 83 -8.99 3.77 1.68
CA GLU A 83 -9.68 4.23 0.49
C GLU A 83 -10.46 5.50 0.80
N ASP A 84 -10.05 6.58 0.20
CA ASP A 84 -10.69 7.87 0.41
C ASP A 84 -11.46 8.23 -0.86
N ALA A 85 -11.91 9.47 -0.97
CA ALA A 85 -12.68 9.88 -2.13
C ALA A 85 -11.77 10.31 -3.27
N GLN A 86 -10.53 10.63 -2.95
CA GLN A 86 -9.57 11.06 -3.97
C GLN A 86 -8.51 9.99 -4.20
N TYR A 87 -7.98 9.42 -3.12
CA TYR A 87 -6.83 8.54 -3.23
C TYR A 87 -7.05 7.23 -2.47
N ILE A 88 -6.19 6.25 -2.76
CA ILE A 88 -6.26 4.95 -2.13
C ILE A 88 -4.86 4.48 -1.73
N GLY A 89 -4.70 4.15 -0.46
CA GLY A 89 -3.41 3.71 0.05
C GLY A 89 -3.29 2.20 0.06
N HIS A 90 -2.11 1.69 -0.24
CA HIS A 90 -1.86 0.25 -0.31
C HIS A 90 -0.64 -0.11 0.54
N ALA A 91 -0.78 -1.07 1.43
CA ALA A 91 0.33 -1.49 2.28
C ALA A 91 1.23 -2.48 1.57
N PHE A 92 2.51 -2.15 1.48
CA PHE A 92 3.49 -3.03 0.86
C PHE A 92 4.53 -3.47 1.87
N LYS A 93 4.93 -4.73 1.77
CA LYS A 93 6.03 -5.24 2.56
C LYS A 93 7.36 -4.86 1.89
N LYS A 94 8.24 -4.26 2.66
CA LYS A 94 9.53 -3.82 2.16
C LYS A 94 10.65 -4.54 2.89
N ALA A 95 11.89 -4.27 2.52
CA ALA A 95 13.04 -4.90 3.17
C ALA A 95 13.13 -4.52 4.63
N GLY A 96 12.58 -5.37 5.49
CA GLY A 96 12.61 -5.12 6.91
C GLY A 96 11.69 -4.01 7.35
N HIS A 97 10.92 -3.47 6.43
CA HIS A 97 10.08 -2.31 6.71
C HIS A 97 8.74 -2.42 6.01
N PHE A 98 7.85 -1.48 6.31
CA PHE A 98 6.52 -1.46 5.74
C PHE A 98 6.23 -0.09 5.16
N ILE A 99 5.81 -0.03 3.91
CA ILE A 99 5.52 1.25 3.29
C ILE A 99 4.15 1.22 2.63
N VAL A 100 3.37 2.25 2.86
CA VAL A 100 2.04 2.36 2.28
C VAL A 100 2.05 3.36 1.14
N TYR A 101 1.86 2.86 -0.07
CA TYR A 101 1.88 3.71 -1.24
C TYR A 101 0.47 4.18 -1.57
N PHE A 102 0.30 5.48 -1.66
CA PHE A 102 -0.99 6.08 -1.94
C PHE A 102 -1.10 6.45 -3.41
N THR A 103 -2.06 5.85 -4.08
CA THR A 103 -2.31 6.15 -5.48
C THR A 103 -3.63 6.88 -5.62
N PRO A 104 -3.79 7.71 -6.66
CA PRO A 104 -5.08 8.33 -6.93
C PRO A 104 -6.10 7.27 -7.28
N LYS A 105 -7.32 7.42 -6.75
CA LYS A 105 -8.41 6.43 -6.95
C LYS A 105 -8.32 5.70 -8.28
N ASN A 106 -7.78 4.50 -8.23
CA ASN A 106 -7.62 3.68 -9.41
C ASN A 106 -8.21 2.30 -9.18
N LYS A 107 -9.48 2.15 -9.51
CA LYS A 107 -10.16 0.88 -9.37
C LYS A 107 -9.65 -0.09 -10.43
N ASN A 108 -8.74 -0.96 -10.00
CA ASN A 108 -8.14 -1.94 -10.90
C ASN A 108 -9.21 -2.89 -11.43
N ARG A 109 -9.06 -3.26 -12.69
CA ARG A 109 -9.97 -4.21 -13.32
C ARG A 109 -9.70 -5.61 -12.78
N GLU A 110 -10.12 -5.84 -11.53
CA GLU A 110 -9.84 -7.10 -10.86
C GLU A 110 -10.64 -8.24 -11.48
N GLY A 111 -10.34 -9.44 -11.02
CA GLY A 111 -10.80 -10.63 -11.71
C GLY A 111 -9.65 -11.22 -12.49
N VAL A 112 -8.87 -10.34 -13.09
CA VAL A 112 -7.60 -10.69 -13.70
C VAL A 112 -6.51 -9.87 -13.03
N VAL A 113 -6.00 -10.37 -11.92
CA VAL A 113 -5.05 -9.62 -11.11
C VAL A 113 -3.64 -9.68 -11.68
N PRO A 114 -2.92 -8.54 -11.66
CA PRO A 114 -1.56 -8.44 -12.18
C PRO A 114 -0.56 -9.24 -11.34
N PRO A 115 0.14 -10.20 -11.97
CA PRO A 115 1.13 -11.03 -11.29
C PRO A 115 2.42 -10.27 -11.00
N VAL A 116 3.20 -10.78 -10.05
CA VAL A 116 4.46 -10.17 -9.69
C VAL A 116 5.60 -10.80 -10.49
N GLY A 117 5.69 -12.11 -10.44
CA GLY A 117 6.72 -12.81 -11.18
C GLY A 117 7.44 -13.84 -10.32
N ILE A 118 8.76 -13.79 -10.33
CA ILE A 118 9.57 -14.73 -9.59
C ILE A 118 10.38 -14.00 -8.52
N THR A 119 11.02 -12.91 -8.90
CA THR A 119 11.88 -12.16 -8.00
C THR A 119 11.51 -10.68 -7.99
N ASN A 120 11.22 -10.15 -6.82
CA ASN A 120 10.93 -8.73 -6.66
C ASN A 120 11.36 -8.27 -5.27
#